data_8OXI
# 
_entry.id   8OXI 
# 
_audit_conform.dict_name       mmcif_pdbx.dic 
_audit_conform.dict_version    5.397 
_audit_conform.dict_location   http://mmcif.pdb.org/dictionaries/ascii/mmcif_pdbx.dic 
# 
loop_
_database_2.database_id 
_database_2.database_code 
_database_2.pdbx_database_accession 
_database_2.pdbx_DOI 
PDB   8OXI         pdb_00008oxi 10.2210/pdb8oxi/pdb 
WWPDB D_1292130236 ?            ?                   
# 
loop_
_pdbx_audit_revision_history.ordinal 
_pdbx_audit_revision_history.data_content_type 
_pdbx_audit_revision_history.major_revision 
_pdbx_audit_revision_history.minor_revision 
_pdbx_audit_revision_history.revision_date 
1 'Structure model' 1 0 2023-08-16 
2 'Structure model' 1 1 2024-10-23 
# 
_pdbx_audit_revision_details.ordinal             1 
_pdbx_audit_revision_details.revision_ordinal    1 
_pdbx_audit_revision_details.data_content_type   'Structure model' 
_pdbx_audit_revision_details.provider            repository 
_pdbx_audit_revision_details.type                'Initial release' 
_pdbx_audit_revision_details.description         ? 
_pdbx_audit_revision_details.details             ? 
# 
_pdbx_audit_revision_group.ordinal             1 
_pdbx_audit_revision_group.revision_ordinal    2 
_pdbx_audit_revision_group.data_content_type   'Structure model' 
_pdbx_audit_revision_group.group               'Structure summary' 
# 
loop_
_pdbx_audit_revision_category.ordinal 
_pdbx_audit_revision_category.revision_ordinal 
_pdbx_audit_revision_category.data_content_type 
_pdbx_audit_revision_category.category 
1 2 'Structure model' pdbx_entry_details        
2 2 'Structure model' pdbx_modification_feature 
# 
_pdbx_database_status.status_code                     REL 
_pdbx_database_status.status_code_sf                  REL 
_pdbx_database_status.status_code_mr                  ? 
_pdbx_database_status.entry_id                        8OXI 
_pdbx_database_status.recvd_initial_deposition_date   2023-05-02 
_pdbx_database_status.SG_entry                        N 
_pdbx_database_status.deposit_site                    PDBE 
_pdbx_database_status.process_site                    PDBE 
_pdbx_database_status.status_code_cs                  ? 
_pdbx_database_status.status_code_nmr_data            ? 
_pdbx_database_status.methods_development_category    ? 
_pdbx_database_status.pdb_format_compatible           Y 
# 
_pdbx_contact_author.id                 2 
_pdbx_contact_author.email              chai@mpipz.mpg.de 
_pdbx_contact_author.name_first         jijie 
_pdbx_contact_author.name_last          Chai 
_pdbx_contact_author.name_mi            ? 
_pdbx_contact_author.role               'principal investigator/group leader' 
_pdbx_contact_author.identifier_ORCID   0000-0001-7591-3873 
# 
loop_
_audit_author.name 
_audit_author.pdbx_ordinal 
_audit_author.identifier_ORCID 
'Cao, Y.'       1 ? 
'Gebauer, J.M.' 2 ? 
'Baumann, U.'   3 ? 
'Chai, J.J.'    4 ? 
# 
_citation.abstract                  ? 
_citation.abstract_id_CAS           ? 
_citation.book_id_ISBN              ? 
_citation.book_publisher            ? 
_citation.book_publisher_city       ? 
_citation.book_title                ? 
_citation.coordinate_linkage        ? 
_citation.country                   US 
_citation.database_id_Medline       ? 
_citation.details                   ? 
_citation.id                        primary 
_citation.journal_abbrev            Proc.Natl.Acad.Sci.USA 
_citation.journal_id_ASTM           PNASA6 
_citation.journal_id_CSD            0040 
_citation.journal_id_ISSN           1091-6490 
_citation.journal_full              ? 
_citation.journal_issue             ? 
_citation.journal_volume            120 
_citation.language                  ? 
_citation.page_first                e2307604120 
_citation.page_last                 e2307604120 
_citation.title                     
'Structural polymorphisms within a common powdery mildew effector scaffold as a driver of coevolution with cereal immune receptors.' 
_citation.year                      2023 
_citation.database_id_CSD           ? 
_citation.pdbx_database_id_DOI      10.1073/pnas.2307604120 
_citation.pdbx_database_id_PubMed   37523523 
_citation.pdbx_database_id_patent   ? 
_citation.unpublished_flag          ? 
# 
loop_
_citation_author.citation_id 
_citation_author.name 
_citation_author.ordinal 
_citation_author.identifier_ORCID 
primary 'Cao, Y.'            1  0000-0003-2263-4234 
primary 'Kummel, F.'         2  0009-0006-2169-0890 
primary 'Logemann, E.'       3  0000-0002-0478-8072 
primary 'Gebauer, J.M.'      4  0000-0002-3989-4748 
primary 'Lawson, A.W.'       5  0000-0001-8164-2555 
primary 'Yu, D.'             6  ?                   
primary 'Uthoff, M.'         7  0000-0002-6477-5505 
primary 'Keller, B.'         8  0000-0003-2379-9225 
primary 'Jirschitzka, J.'    9  0000-0003-1007-4700 
primary 'Baumann, U.'        10 0000-0003-0383-0168 
primary 'Tsuda, K.'          11 0000-0001-7074-0731 
primary 'Chai, J.'           12 ?                   
primary 'Schulze-Lefert, P.' 13 0000-0002-8978-1717 
# 
loop_
_entity.id 
_entity.type 
_entity.src_method 
_entity.pdbx_description 
_entity.formula_weight 
_entity.pdbx_number_of_molecules 
_entity.pdbx_ec 
_entity.pdbx_mutation 
_entity.pdbx_fragment 
_entity.details 
1 polymer man BgtE-5845_p 11457.972 1  ? ? ? ? 
2 water   nat water       18.015    88 ? ? ? ? 
# 
_entity_poly.entity_id                      1 
_entity_poly.type                           'polypeptide(L)' 
_entity_poly.nstd_linkage                   no 
_entity_poly.nstd_monomer                   no 
_entity_poly.pdbx_seq_one_letter_code       
;GPLGSMESYWDCKGIPILFRTVHAAVELAFTSQPGSISGYPSICRTTPLRTGPDERRQFPLTDTGARWQGGGITYYVEAT
RDKRHCEVFGTAGGVYKCTLVLRD
;
_entity_poly.pdbx_seq_one_letter_code_can   
;GPLGSMESYWDCKGIPILFRTVHAAVELAFTSQPGSISGYPSICRTTPLRTGPDERRQFPLTDTGARWQGGGITYYVEAT
RDKRHCEVFGTAGGVYKCTLVLRD
;
_entity_poly.pdbx_strand_id                 A 
_entity_poly.pdbx_target_identifier         ? 
# 
_pdbx_entity_nonpoly.entity_id   2 
_pdbx_entity_nonpoly.name        water 
_pdbx_entity_nonpoly.comp_id     HOH 
# 
loop_
_entity_poly_seq.entity_id 
_entity_poly_seq.num 
_entity_poly_seq.mon_id 
_entity_poly_seq.hetero 
1 1   GLY n 
1 2   PRO n 
1 3   LEU n 
1 4   GLY n 
1 5   SER n 
1 6   MET n 
1 7   GLU n 
1 8   SER n 
1 9   TYR n 
1 10  TRP n 
1 11  ASP n 
1 12  CYS n 
1 13  LYS n 
1 14  GLY n 
1 15  ILE n 
1 16  PRO n 
1 17  ILE n 
1 18  LEU n 
1 19  PHE n 
1 20  ARG n 
1 21  THR n 
1 22  VAL n 
1 23  HIS n 
1 24  ALA n 
1 25  ALA n 
1 26  VAL n 
1 27  GLU n 
1 28  LEU n 
1 29  ALA n 
1 30  PHE n 
1 31  THR n 
1 32  SER n 
1 33  GLN n 
1 34  PRO n 
1 35  GLY n 
1 36  SER n 
1 37  ILE n 
1 38  SER n 
1 39  GLY n 
1 40  TYR n 
1 41  PRO n 
1 42  SER n 
1 43  ILE n 
1 44  CYS n 
1 45  ARG n 
1 46  THR n 
1 47  THR n 
1 48  PRO n 
1 49  LEU n 
1 50  ARG n 
1 51  THR n 
1 52  GLY n 
1 53  PRO n 
1 54  ASP n 
1 55  GLU n 
1 56  ARG n 
1 57  ARG n 
1 58  GLN n 
1 59  PHE n 
1 60  PRO n 
1 61  LEU n 
1 62  THR n 
1 63  ASP n 
1 64  THR n 
1 65  GLY n 
1 66  ALA n 
1 67  ARG n 
1 68  TRP n 
1 69  GLN n 
1 70  GLY n 
1 71  GLY n 
1 72  GLY n 
1 73  ILE n 
1 74  THR n 
1 75  TYR n 
1 76  TYR n 
1 77  VAL n 
1 78  GLU n 
1 79  ALA n 
1 80  THR n 
1 81  ARG n 
1 82  ASP n 
1 83  LYS n 
1 84  ARG n 
1 85  HIS n 
1 86  CYS n 
1 87  GLU n 
1 88  VAL n 
1 89  PHE n 
1 90  GLY n 
1 91  THR n 
1 92  ALA n 
1 93  GLY n 
1 94  GLY n 
1 95  VAL n 
1 96  TYR n 
1 97  LYS n 
1 98  CYS n 
1 99  THR n 
1 100 LEU n 
1 101 VAL n 
1 102 LEU n 
1 103 ARG n 
1 104 ASP n 
# 
_entity_src_gen.entity_id                          1 
_entity_src_gen.pdbx_src_id                        1 
_entity_src_gen.pdbx_alt_source_flag               sample 
_entity_src_gen.pdbx_seq_type                      'Biological sequence' 
_entity_src_gen.pdbx_beg_seq_num                   1 
_entity_src_gen.pdbx_end_seq_num                   104 
_entity_src_gen.gene_src_common_name               ? 
_entity_src_gen.gene_src_genus                     ? 
_entity_src_gen.pdbx_gene_src_gene                 'AvrPm2, BgtE-5845' 
_entity_src_gen.gene_src_species                   ? 
_entity_src_gen.gene_src_strain                    ? 
_entity_src_gen.gene_src_tissue                    ? 
_entity_src_gen.gene_src_tissue_fraction           ? 
_entity_src_gen.gene_src_details                   ? 
_entity_src_gen.pdbx_gene_src_fragment             ? 
_entity_src_gen.pdbx_gene_src_scientific_name      'Blumeria graminis f. sp. tritici' 
_entity_src_gen.pdbx_gene_src_ncbi_taxonomy_id     62690 
_entity_src_gen.pdbx_gene_src_variant              ? 
_entity_src_gen.pdbx_gene_src_cell_line            ? 
_entity_src_gen.pdbx_gene_src_atcc                 ? 
_entity_src_gen.pdbx_gene_src_organ                ? 
_entity_src_gen.pdbx_gene_src_organelle            ? 
_entity_src_gen.pdbx_gene_src_cell                 ? 
_entity_src_gen.pdbx_gene_src_cellular_location    ? 
_entity_src_gen.host_org_common_name               ? 
_entity_src_gen.pdbx_host_org_scientific_name      'Escherichia coli K-12' 
_entity_src_gen.pdbx_host_org_ncbi_taxonomy_id     83333 
_entity_src_gen.host_org_genus                     ? 
_entity_src_gen.pdbx_host_org_gene                 ? 
_entity_src_gen.pdbx_host_org_organ                ? 
_entity_src_gen.host_org_species                   ? 
_entity_src_gen.pdbx_host_org_tissue               ? 
_entity_src_gen.pdbx_host_org_tissue_fraction      ? 
_entity_src_gen.pdbx_host_org_strain               ? 
_entity_src_gen.pdbx_host_org_variant              ? 
_entity_src_gen.pdbx_host_org_cell_line            ? 
_entity_src_gen.pdbx_host_org_atcc                 ? 
_entity_src_gen.pdbx_host_org_culture_collection   ? 
_entity_src_gen.pdbx_host_org_cell                 ? 
_entity_src_gen.pdbx_host_org_organelle            ? 
_entity_src_gen.pdbx_host_org_cellular_location    ? 
_entity_src_gen.pdbx_host_org_vector_type          ? 
_entity_src_gen.pdbx_host_org_vector               ? 
_entity_src_gen.host_org_details                   ? 
_entity_src_gen.expression_system_id               ? 
_entity_src_gen.plasmid_name                       ? 
_entity_src_gen.plasmid_details                    ? 
_entity_src_gen.pdbx_description                   ? 
# 
loop_
_chem_comp.id 
_chem_comp.type 
_chem_comp.mon_nstd_flag 
_chem_comp.name 
_chem_comp.pdbx_synonyms 
_chem_comp.formula 
_chem_comp.formula_weight 
ALA 'L-peptide linking' y ALANINE         ? 'C3 H7 N O2'     89.093  
ARG 'L-peptide linking' y ARGININE        ? 'C6 H15 N4 O2 1' 175.209 
ASP 'L-peptide linking' y 'ASPARTIC ACID' ? 'C4 H7 N O4'     133.103 
CYS 'L-peptide linking' y CYSTEINE        ? 'C3 H7 N O2 S'   121.158 
GLN 'L-peptide linking' y GLUTAMINE       ? 'C5 H10 N2 O3'   146.144 
GLU 'L-peptide linking' y 'GLUTAMIC ACID' ? 'C5 H9 N O4'     147.129 
GLY 'peptide linking'   y GLYCINE         ? 'C2 H5 N O2'     75.067  
HIS 'L-peptide linking' y HISTIDINE       ? 'C6 H10 N3 O2 1' 156.162 
HOH non-polymer         . WATER           ? 'H2 O'           18.015  
ILE 'L-peptide linking' y ISOLEUCINE      ? 'C6 H13 N O2'    131.173 
LEU 'L-peptide linking' y LEUCINE         ? 'C6 H13 N O2'    131.173 
LYS 'L-peptide linking' y LYSINE          ? 'C6 H15 N2 O2 1' 147.195 
MET 'L-peptide linking' y METHIONINE      ? 'C5 H11 N O2 S'  149.211 
PHE 'L-peptide linking' y PHENYLALANINE   ? 'C9 H11 N O2'    165.189 
PRO 'L-peptide linking' y PROLINE         ? 'C5 H9 N O2'     115.130 
SER 'L-peptide linking' y SERINE          ? 'C3 H7 N O3'     105.093 
THR 'L-peptide linking' y THREONINE       ? 'C4 H9 N O3'     119.119 
TRP 'L-peptide linking' y TRYPTOPHAN      ? 'C11 H12 N2 O2'  204.225 
TYR 'L-peptide linking' y TYROSINE        ? 'C9 H11 N O3'    181.189 
VAL 'L-peptide linking' y VALINE          ? 'C5 H11 N O2'    117.146 
# 
loop_
_pdbx_poly_seq_scheme.asym_id 
_pdbx_poly_seq_scheme.entity_id 
_pdbx_poly_seq_scheme.seq_id 
_pdbx_poly_seq_scheme.mon_id 
_pdbx_poly_seq_scheme.ndb_seq_num 
_pdbx_poly_seq_scheme.pdb_seq_num 
_pdbx_poly_seq_scheme.auth_seq_num 
_pdbx_poly_seq_scheme.pdb_mon_id 
_pdbx_poly_seq_scheme.auth_mon_id 
_pdbx_poly_seq_scheme.pdb_strand_id 
_pdbx_poly_seq_scheme.pdb_ins_code 
_pdbx_poly_seq_scheme.hetero 
A 1 1   GLY 1   -4 -4 GLY GLY A . n 
A 1 2   PRO 2   -3 -3 PRO PRO A . n 
A 1 3   LEU 3   -2 -2 LEU LEU A . n 
A 1 4   GLY 4   -1 -1 GLY GLY A . n 
A 1 5   SER 5   0  0  SER SER A . n 
A 1 6   MET 6   1  1  MET MET A . n 
A 1 7   GLU 7   2  2  GLU GLU A . n 
A 1 8   SER 8   3  3  SER SER A . n 
A 1 9   TYR 9   4  4  TYR TYR A . n 
A 1 10  TRP 10  5  5  TRP TRP A . n 
A 1 11  ASP 11  6  6  ASP ASP A . n 
A 1 12  CYS 12  7  7  CYS CYS A . n 
A 1 13  LYS 13  8  8  LYS LYS A . n 
A 1 14  GLY 14  9  9  GLY GLY A . n 
A 1 15  ILE 15  10 10 ILE ILE A . n 
A 1 16  PRO 16  11 11 PRO PRO A . n 
A 1 17  ILE 17  12 12 ILE ILE A . n 
A 1 18  LEU 18  13 13 LEU LEU A . n 
A 1 19  PHE 19  14 14 PHE PHE A . n 
A 1 20  ARG 20  15 15 ARG ARG A . n 
A 1 21  THR 21  16 16 THR THR A . n 
A 1 22  VAL 22  17 17 VAL VAL A . n 
A 1 23  HIS 23  18 18 HIS HIS A . n 
A 1 24  ALA 24  19 19 ALA ALA A . n 
A 1 25  ALA 25  20 20 ALA ALA A . n 
A 1 26  VAL 26  21 21 VAL VAL A . n 
A 1 27  GLU 27  22 22 GLU GLU A . n 
A 1 28  LEU 28  23 23 LEU LEU A . n 
A 1 29  ALA 29  24 24 ALA ALA A . n 
A 1 30  PHE 30  25 25 PHE PHE A . n 
A 1 31  THR 31  26 26 THR THR A . n 
A 1 32  SER 32  27 27 SER SER A . n 
A 1 33  GLN 33  28 28 GLN GLN A . n 
A 1 34  PRO 34  29 29 PRO PRO A . n 
A 1 35  GLY 35  30 30 GLY GLY A . n 
A 1 36  SER 36  31 31 SER SER A . n 
A 1 37  ILE 37  32 32 ILE ILE A . n 
A 1 38  SER 38  33 33 SER SER A . n 
A 1 39  GLY 39  34 34 GLY GLY A . n 
A 1 40  TYR 40  35 35 TYR TYR A . n 
A 1 41  PRO 41  36 36 PRO PRO A . n 
A 1 42  SER 42  37 37 SER SER A . n 
A 1 43  ILE 43  38 38 ILE ILE A . n 
A 1 44  CYS 44  39 39 CYS CYS A . n 
A 1 45  ARG 45  40 ?  ?   ?   A . n 
A 1 46  THR 46  41 ?  ?   ?   A . n 
A 1 47  THR 47  42 ?  ?   ?   A . n 
A 1 48  PRO 48  43 ?  ?   ?   A . n 
A 1 49  LEU 49  44 ?  ?   ?   A . n 
A 1 50  ARG 50  45 ?  ?   ?   A . n 
A 1 51  THR 51  46 ?  ?   ?   A . n 
A 1 52  GLY 52  47 ?  ?   ?   A . n 
A 1 53  PRO 53  48 48 PRO PRO A . n 
A 1 54  ASP 54  49 49 ASP ASP A . n 
A 1 55  GLU 55  50 50 GLU GLU A . n 
A 1 56  ARG 56  51 51 ARG ARG A . n 
A 1 57  ARG 57  52 52 ARG ARG A . n 
A 1 58  GLN 58  53 53 GLN GLN A . n 
A 1 59  PHE 59  54 54 PHE PHE A . n 
A 1 60  PRO 60  55 55 PRO PRO A . n 
A 1 61  LEU 61  56 56 LEU LEU A . n 
A 1 62  THR 62  57 57 THR THR A . n 
A 1 63  ASP 63  58 58 ASP ASP A . n 
A 1 64  THR 64  59 59 THR THR A . n 
A 1 65  GLY 65  60 60 GLY GLY A . n 
A 1 66  ALA 66  61 61 ALA ALA A . n 
A 1 67  ARG 67  62 62 ARG ARG A . n 
A 1 68  TRP 68  63 63 TRP TRP A . n 
A 1 69  GLN 69  64 64 GLN GLN A . n 
A 1 70  GLY 70  65 65 GLY GLY A . n 
A 1 71  GLY 71  66 66 GLY GLY A . n 
A 1 72  GLY 72  67 67 GLY GLY A . n 
A 1 73  ILE 73  68 68 ILE ILE A . n 
A 1 74  THR 74  69 69 THR THR A . n 
A 1 75  TYR 75  70 70 TYR TYR A . n 
A 1 76  TYR 76  71 71 TYR TYR A . n 
A 1 77  VAL 77  72 72 VAL VAL A . n 
A 1 78  GLU 78  73 73 GLU GLU A . n 
A 1 79  ALA 79  74 74 ALA ALA A . n 
A 1 80  THR 80  75 75 THR THR A . n 
A 1 81  ARG 81  76 76 ARG ARG A . n 
A 1 82  ASP 82  77 77 ASP ASP A . n 
A 1 83  LYS 83  78 78 LYS LYS A . n 
A 1 84  ARG 84  79 79 ARG ARG A . n 
A 1 85  HIS 85  80 80 HIS HIS A . n 
A 1 86  CYS 86  81 81 CYS CYS A . n 
A 1 87  GLU 87  82 82 GLU GLU A . n 
A 1 88  VAL 88  83 83 VAL VAL A . n 
A 1 89  PHE 89  84 84 PHE PHE A . n 
A 1 90  GLY 90  85 85 GLY GLY A . n 
A 1 91  THR 91  86 86 THR THR A . n 
A 1 92  ALA 92  87 87 ALA ALA A . n 
A 1 93  GLY 93  88 88 GLY GLY A . n 
A 1 94  GLY 94  89 89 GLY GLY A . n 
A 1 95  VAL 95  90 90 VAL VAL A . n 
A 1 96  TYR 96  91 91 TYR TYR A . n 
A 1 97  LYS 97  92 92 LYS LYS A . n 
A 1 98  CYS 98  93 93 CYS CYS A . n 
A 1 99  THR 99  94 94 THR THR A . n 
A 1 100 LEU 100 95 95 LEU LEU A . n 
A 1 101 VAL 101 96 96 VAL VAL A . n 
A 1 102 LEU 102 97 97 LEU LEU A . n 
A 1 103 ARG 103 98 98 ARG ARG A . n 
A 1 104 ASP 104 99 ?  ?   ?   A . n 
# 
loop_
_pdbx_nonpoly_scheme.asym_id 
_pdbx_nonpoly_scheme.entity_id 
_pdbx_nonpoly_scheme.mon_id 
_pdbx_nonpoly_scheme.ndb_seq_num 
_pdbx_nonpoly_scheme.pdb_seq_num 
_pdbx_nonpoly_scheme.auth_seq_num 
_pdbx_nonpoly_scheme.pdb_mon_id 
_pdbx_nonpoly_scheme.auth_mon_id 
_pdbx_nonpoly_scheme.pdb_strand_id 
_pdbx_nonpoly_scheme.pdb_ins_code 
B 2 HOH 1  101 87 HOH HOH A . 
B 2 HOH 2  102 59 HOH HOH A . 
B 2 HOH 3  103 79 HOH HOH A . 
B 2 HOH 4  104 25 HOH HOH A . 
B 2 HOH 5  105 51 HOH HOH A . 
B 2 HOH 6  106 10 HOH HOH A . 
B 2 HOH 7  107 49 HOH HOH A . 
B 2 HOH 8  108 56 HOH HOH A . 
B 2 HOH 9  109 83 HOH HOH A . 
B 2 HOH 10 110 62 HOH HOH A . 
B 2 HOH 11 111 20 HOH HOH A . 
B 2 HOH 12 112 11 HOH HOH A . 
B 2 HOH 13 113 42 HOH HOH A . 
B 2 HOH 14 114 27 HOH HOH A . 
B 2 HOH 15 115 15 HOH HOH A . 
B 2 HOH 16 116 39 HOH HOH A . 
B 2 HOH 17 117 43 HOH HOH A . 
B 2 HOH 18 118 2  HOH HOH A . 
B 2 HOH 19 119 19 HOH HOH A . 
B 2 HOH 20 120 29 HOH HOH A . 
B 2 HOH 21 121 33 HOH HOH A . 
B 2 HOH 22 122 38 HOH HOH A . 
B 2 HOH 23 123 22 HOH HOH A . 
B 2 HOH 24 124 71 HOH HOH A . 
B 2 HOH 25 125 80 HOH HOH A . 
B 2 HOH 26 126 13 HOH HOH A . 
B 2 HOH 27 127 53 HOH HOH A . 
B 2 HOH 28 128 6  HOH HOH A . 
B 2 HOH 29 129 34 HOH HOH A . 
B 2 HOH 30 130 47 HOH HOH A . 
B 2 HOH 31 131 82 HOH HOH A . 
B 2 HOH 32 132 23 HOH HOH A . 
B 2 HOH 33 133 50 HOH HOH A . 
B 2 HOH 34 134 88 HOH HOH A . 
B 2 HOH 35 135 65 HOH HOH A . 
B 2 HOH 36 136 5  HOH HOH A . 
B 2 HOH 37 137 8  HOH HOH A . 
B 2 HOH 38 138 9  HOH HOH A . 
B 2 HOH 39 139 76 HOH HOH A . 
B 2 HOH 40 140 31 HOH HOH A . 
B 2 HOH 41 141 55 HOH HOH A . 
B 2 HOH 42 142 16 HOH HOH A . 
B 2 HOH 43 143 4  HOH HOH A . 
B 2 HOH 44 144 30 HOH HOH A . 
B 2 HOH 45 145 64 HOH HOH A . 
B 2 HOH 46 146 21 HOH HOH A . 
B 2 HOH 47 147 54 HOH HOH A . 
B 2 HOH 48 148 18 HOH HOH A . 
B 2 HOH 49 149 68 HOH HOH A . 
B 2 HOH 50 150 14 HOH HOH A . 
B 2 HOH 51 151 12 HOH HOH A . 
B 2 HOH 52 152 28 HOH HOH A . 
B 2 HOH 53 153 61 HOH HOH A . 
B 2 HOH 54 154 17 HOH HOH A . 
B 2 HOH 55 155 1  HOH HOH A . 
B 2 HOH 56 156 84 HOH HOH A . 
B 2 HOH 57 157 63 HOH HOH A . 
B 2 HOH 58 158 67 HOH HOH A . 
B 2 HOH 59 159 52 HOH HOH A . 
B 2 HOH 60 160 48 HOH HOH A . 
B 2 HOH 61 161 7  HOH HOH A . 
B 2 HOH 62 162 24 HOH HOH A . 
B 2 HOH 63 163 58 HOH HOH A . 
B 2 HOH 64 164 70 HOH HOH A . 
B 2 HOH 65 165 3  HOH HOH A . 
B 2 HOH 66 166 26 HOH HOH A . 
B 2 HOH 67 167 66 HOH HOH A . 
B 2 HOH 68 168 32 HOH HOH A . 
B 2 HOH 69 169 72 HOH HOH A . 
B 2 HOH 70 170 85 HOH HOH A . 
B 2 HOH 71 171 46 HOH HOH A . 
B 2 HOH 72 172 69 HOH HOH A . 
B 2 HOH 73 173 60 HOH HOH A . 
B 2 HOH 74 174 44 HOH HOH A . 
B 2 HOH 75 175 36 HOH HOH A . 
B 2 HOH 76 176 75 HOH HOH A . 
B 2 HOH 77 177 41 HOH HOH A . 
B 2 HOH 78 178 86 HOH HOH A . 
B 2 HOH 79 179 57 HOH HOH A . 
B 2 HOH 80 180 40 HOH HOH A . 
B 2 HOH 81 181 35 HOH HOH A . 
B 2 HOH 82 182 81 HOH HOH A . 
B 2 HOH 83 183 74 HOH HOH A . 
B 2 HOH 84 184 45 HOH HOH A . 
B 2 HOH 85 185 37 HOH HOH A . 
B 2 HOH 86 186 73 HOH HOH A . 
B 2 HOH 87 187 78 HOH HOH A . 
B 2 HOH 88 188 77 HOH HOH A . 
# 
loop_
_software.citation_id 
_software.classification 
_software.compiler_name 
_software.compiler_version 
_software.contact_author 
_software.contact_author_email 
_software.date 
_software.description 
_software.dependencies 
_software.hardware 
_software.language 
_software.location 
_software.mods 
_software.name 
_software.os 
_software.os_version 
_software.type 
_software.version 
_software.pdbx_ordinal 
? refinement       ? ? ? ? ? ? ? ? ? ? ? PHENIX ? ? ? 1.20.1_4487 1 
? 'data reduction' ? ? ? ? ? ? ? ? ? ? ? XDS    ? ? ? .           2 
? 'data scaling'   ? ? ? ? ? ? ? ? ? ? ? XDS    ? ? ? .           3 
? phasing          ? ? ? ? ? ? ? ? ? ? ? PHASER ? ? ? .           4 
# 
_cell.angle_alpha                  90.000 
_cell.angle_alpha_esd              ? 
_cell.angle_beta                   90.000 
_cell.angle_beta_esd               ? 
_cell.angle_gamma                  90.000 
_cell.angle_gamma_esd              ? 
_cell.entry_id                     8OXI 
_cell.details                      ? 
_cell.formula_units_Z              ? 
_cell.length_a                     50.405 
_cell.length_a_esd                 ? 
_cell.length_b                     53.864 
_cell.length_b_esd                 ? 
_cell.length_c                     61.813 
_cell.length_c_esd                 ? 
_cell.volume                       167823.217 
_cell.volume_esd                   ? 
_cell.Z_PDB                        8 
_cell.reciprocal_angle_alpha       ? 
_cell.reciprocal_angle_beta        ? 
_cell.reciprocal_angle_gamma       ? 
_cell.reciprocal_angle_alpha_esd   ? 
_cell.reciprocal_angle_beta_esd    ? 
_cell.reciprocal_angle_gamma_esd   ? 
_cell.reciprocal_length_a          ? 
_cell.reciprocal_length_b          ? 
_cell.reciprocal_length_c          ? 
_cell.reciprocal_length_a_esd      ? 
_cell.reciprocal_length_b_esd      ? 
_cell.reciprocal_length_c_esd      ? 
_cell.pdbx_unique_axis             ? 
_cell.pdbx_esd_method              ? 
# 
_symmetry.entry_id                         8OXI 
_symmetry.cell_setting                     ? 
_symmetry.Int_Tables_number                20 
_symmetry.space_group_name_Hall            'C 2c 2' 
_symmetry.space_group_name_H-M             'C 2 2 21' 
_symmetry.pdbx_full_space_group_name_H-M   ? 
# 
_exptl.absorpt_coefficient_mu     ? 
_exptl.absorpt_correction_T_max   ? 
_exptl.absorpt_correction_T_min   ? 
_exptl.absorpt_correction_type    ? 
_exptl.absorpt_process_details    ? 
_exptl.entry_id                   8OXI 
_exptl.crystals_number            1 
_exptl.details                    ? 
_exptl.method                     'X-RAY DIFFRACTION' 
_exptl.method_details             ? 
# 
_exptl_crystal.colour                       ? 
_exptl_crystal.density_diffrn               ? 
_exptl_crystal.density_Matthews             1.84 
_exptl_crystal.density_method               ? 
_exptl_crystal.density_percent_sol          33.15 
_exptl_crystal.description                  ? 
_exptl_crystal.F_000                        ? 
_exptl_crystal.id                           1 
_exptl_crystal.preparation                  ? 
_exptl_crystal.size_max                     ? 
_exptl_crystal.size_mid                     ? 
_exptl_crystal.size_min                     ? 
_exptl_crystal.size_rad                     ? 
_exptl_crystal.colour_lustre                ? 
_exptl_crystal.colour_modifier              ? 
_exptl_crystal.colour_primary               ? 
_exptl_crystal.density_meas                 ? 
_exptl_crystal.density_meas_esd             ? 
_exptl_crystal.density_meas_gt              ? 
_exptl_crystal.density_meas_lt              ? 
_exptl_crystal.density_meas_temp            ? 
_exptl_crystal.density_meas_temp_esd        ? 
_exptl_crystal.density_meas_temp_gt         ? 
_exptl_crystal.density_meas_temp_lt         ? 
_exptl_crystal.pdbx_crystal_image_url       ? 
_exptl_crystal.pdbx_crystal_image_format    ? 
_exptl_crystal.pdbx_mosaicity               ? 
_exptl_crystal.pdbx_mosaicity_esd           ? 
_exptl_crystal.pdbx_mosaic_method           ? 
_exptl_crystal.pdbx_mosaic_block_size       ? 
_exptl_crystal.pdbx_mosaic_block_size_esd   ? 
# 
_exptl_crystal_grow.apparatus       ? 
_exptl_crystal_grow.atmosphere      ? 
_exptl_crystal_grow.crystal_id      1 
_exptl_crystal_grow.details         ? 
_exptl_crystal_grow.method          'VAPOR DIFFUSION, HANGING DROP' 
_exptl_crystal_grow.method_ref      ? 
_exptl_crystal_grow.pH              ? 
_exptl_crystal_grow.pressure        ? 
_exptl_crystal_grow.pressure_esd    ? 
_exptl_crystal_grow.seeding         ? 
_exptl_crystal_grow.seeding_ref     ? 
_exptl_crystal_grow.temp_details    ? 
_exptl_crystal_grow.temp_esd        ? 
_exptl_crystal_grow.time            ? 
_exptl_crystal_grow.pdbx_details    '0.1 M BIS-TRIS pH 6.5, 28% w/v Polyethylene glycol monomethyl ether 2,000' 
_exptl_crystal_grow.pdbx_pH_range   ? 
_exptl_crystal_grow.temp            293.15 
# 
_diffrn.ambient_environment              ? 
_diffrn.ambient_temp                     100 
_diffrn.ambient_temp_details             ? 
_diffrn.ambient_temp_esd                 ? 
_diffrn.crystal_id                       1 
_diffrn.crystal_support                  ? 
_diffrn.crystal_treatment                ? 
_diffrn.details                          ? 
_diffrn.id                               1 
_diffrn.ambient_pressure                 ? 
_diffrn.ambient_pressure_esd             ? 
_diffrn.ambient_pressure_gt              ? 
_diffrn.ambient_pressure_lt              ? 
_diffrn.ambient_temp_gt                  ? 
_diffrn.ambient_temp_lt                  ? 
_diffrn.pdbx_serial_crystal_experiment   N 
# 
_diffrn_detector.details                      ? 
_diffrn_detector.detector                     PIXEL 
_diffrn_detector.diffrn_id                    1 
_diffrn_detector.type                         'DECTRIS EIGER X 16M' 
_diffrn_detector.area_resol_mean              ? 
_diffrn_detector.dtime                        ? 
_diffrn_detector.pdbx_frames_total            ? 
_diffrn_detector.pdbx_collection_time_total   ? 
_diffrn_detector.pdbx_collection_date         2022-02-06 
_diffrn_detector.pdbx_frequency               ? 
_diffrn_detector.id                           ? 
_diffrn_detector.number_of_axes               ? 
# 
_diffrn_radiation.collimation                      ? 
_diffrn_radiation.diffrn_id                        1 
_diffrn_radiation.filter_edge                      ? 
_diffrn_radiation.inhomogeneity                    ? 
_diffrn_radiation.monochromator                    ? 
_diffrn_radiation.polarisn_norm                    ? 
_diffrn_radiation.polarisn_ratio                   ? 
_diffrn_radiation.probe                            ? 
_diffrn_radiation.type                             ? 
_diffrn_radiation.xray_symbol                      ? 
_diffrn_radiation.wavelength_id                    1 
_diffrn_radiation.pdbx_monochromatic_or_laue_m_l   M 
_diffrn_radiation.pdbx_wavelength_list             ? 
_diffrn_radiation.pdbx_wavelength                  ? 
_diffrn_radiation.pdbx_diffrn_protocol             'SINGLE WAVELENGTH' 
_diffrn_radiation.pdbx_analyzer                    ? 
_diffrn_radiation.pdbx_scattering_type             x-ray 
# 
_diffrn_radiation_wavelength.id           1 
_diffrn_radiation_wavelength.wavelength   0.9999 
_diffrn_radiation_wavelength.wt           1.0 
# 
_diffrn_source.current                     ? 
_diffrn_source.details                     ? 
_diffrn_source.diffrn_id                   1 
_diffrn_source.power                       ? 
_diffrn_source.size                        ? 
_diffrn_source.source                      SYNCHROTRON 
_diffrn_source.target                      ? 
_diffrn_source.type                        'SLS BEAMLINE X06SA' 
_diffrn_source.voltage                     ? 
_diffrn_source.take-off_angle              ? 
_diffrn_source.pdbx_wavelength_list        0.9999 
_diffrn_source.pdbx_wavelength             ? 
_diffrn_source.pdbx_synchrotron_beamline   X06SA 
_diffrn_source.pdbx_synchrotron_site       SLS 
# 
_reflns.B_iso_Wilson_estimate                          19.03 
_reflns.entry_id                                       8OXI 
_reflns.data_reduction_details                         ? 
_reflns.data_reduction_method                          ? 
_reflns.d_resolution_high                              1.51 
_reflns.d_resolution_low                               36.80 
_reflns.details                                        ? 
_reflns.limit_h_max                                    ? 
_reflns.limit_h_min                                    ? 
_reflns.limit_k_max                                    ? 
_reflns.limit_k_min                                    ? 
_reflns.limit_l_max                                    ? 
_reflns.limit_l_min                                    ? 
_reflns.number_all                                     ? 
_reflns.number_obs                                     24155 
_reflns.observed_criterion                             ? 
_reflns.observed_criterion_F_max                       ? 
_reflns.observed_criterion_F_min                       ? 
_reflns.observed_criterion_I_max                       ? 
_reflns.observed_criterion_I_min                       ? 
_reflns.observed_criterion_sigma_F                     ? 
_reflns.observed_criterion_sigma_I                     ? 
_reflns.percent_possible_obs                           99.7 
_reflns.R_free_details                                 ? 
_reflns.Rmerge_F_all                                   ? 
_reflns.Rmerge_F_obs                                   ? 
_reflns.Friedel_coverage                               ? 
_reflns.number_gt                                      ? 
_reflns.threshold_expression                           ? 
_reflns.pdbx_redundancy                                6.9 
_reflns.pdbx_netI_over_av_sigmaI                       ? 
_reflns.pdbx_netI_over_sigmaI                          7.72 
_reflns.pdbx_res_netI_over_av_sigmaI_2                 ? 
_reflns.pdbx_res_netI_over_sigmaI_2                    ? 
_reflns.pdbx_chi_squared                               ? 
_reflns.pdbx_scaling_rejects                           ? 
_reflns.pdbx_d_res_high_opt                            ? 
_reflns.pdbx_d_res_low_opt                             ? 
_reflns.pdbx_d_res_opt_method                          ? 
_reflns.phase_calculation_details                      ? 
_reflns.pdbx_Rrim_I_all                                ? 
_reflns.pdbx_Rpim_I_all                                ? 
_reflns.pdbx_d_opt                                     ? 
_reflns.pdbx_number_measured_all                       ? 
_reflns.pdbx_diffrn_id                                 1 
_reflns.pdbx_ordinal                                   1 
_reflns.pdbx_CC_half                                   0.997 
_reflns.pdbx_CC_star                                   ? 
_reflns.pdbx_R_split                                   ? 
_reflns.pdbx_Rmerge_I_obs                              ? 
_reflns.pdbx_Rmerge_I_all                              ? 
_reflns.pdbx_Rsym_value                                ? 
_reflns.pdbx_CC_split_method                           ? 
_reflns.pdbx_aniso_diffraction_limit_axis_1_ortho[1]   ? 
_reflns.pdbx_aniso_diffraction_limit_axis_1_ortho[2]   ? 
_reflns.pdbx_aniso_diffraction_limit_axis_1_ortho[3]   ? 
_reflns.pdbx_aniso_diffraction_limit_axis_2_ortho[1]   ? 
_reflns.pdbx_aniso_diffraction_limit_axis_2_ortho[2]   ? 
_reflns.pdbx_aniso_diffraction_limit_axis_2_ortho[3]   ? 
_reflns.pdbx_aniso_diffraction_limit_axis_3_ortho[1]   ? 
_reflns.pdbx_aniso_diffraction_limit_axis_3_ortho[2]   ? 
_reflns.pdbx_aniso_diffraction_limit_axis_3_ortho[3]   ? 
_reflns.pdbx_aniso_diffraction_limit_1                 ? 
_reflns.pdbx_aniso_diffraction_limit_2                 ? 
_reflns.pdbx_aniso_diffraction_limit_3                 ? 
_reflns.pdbx_aniso_B_tensor_eigenvector_1_ortho[1]     ? 
_reflns.pdbx_aniso_B_tensor_eigenvector_1_ortho[2]     ? 
_reflns.pdbx_aniso_B_tensor_eigenvector_1_ortho[3]     ? 
_reflns.pdbx_aniso_B_tensor_eigenvector_2_ortho[1]     ? 
_reflns.pdbx_aniso_B_tensor_eigenvector_2_ortho[2]     ? 
_reflns.pdbx_aniso_B_tensor_eigenvector_2_ortho[3]     ? 
_reflns.pdbx_aniso_B_tensor_eigenvector_3_ortho[1]     ? 
_reflns.pdbx_aniso_B_tensor_eigenvector_3_ortho[2]     ? 
_reflns.pdbx_aniso_B_tensor_eigenvector_3_ortho[3]     ? 
_reflns.pdbx_aniso_B_tensor_eigenvalue_1               ? 
_reflns.pdbx_aniso_B_tensor_eigenvalue_2               ? 
_reflns.pdbx_aniso_B_tensor_eigenvalue_3               ? 
_reflns.pdbx_orthogonalization_convention              ? 
_reflns.pdbx_percent_possible_ellipsoidal              ? 
_reflns.pdbx_percent_possible_spherical                ? 
_reflns.pdbx_percent_possible_ellipsoidal_anomalous    ? 
_reflns.pdbx_percent_possible_spherical_anomalous      ? 
_reflns.pdbx_redundancy_anomalous                      ? 
_reflns.pdbx_CC_half_anomalous                         ? 
_reflns.pdbx_absDiff_over_sigma_anomalous              ? 
_reflns.pdbx_percent_possible_anomalous                ? 
_reflns.pdbx_observed_signal_threshold                 ? 
_reflns.pdbx_signal_type                               ? 
_reflns.pdbx_signal_details                            ? 
_reflns.pdbx_signal_software_id                        ? 
# 
_reflns_shell.d_res_high                                    1.51 
_reflns_shell.d_res_low                                     1.55 
_reflns_shell.meanI_over_sigI_all                           ? 
_reflns_shell.meanI_over_sigI_obs                           ? 
_reflns_shell.number_measured_all                           ? 
_reflns_shell.number_measured_obs                           ? 
_reflns_shell.number_possible                               ? 
_reflns_shell.number_unique_all                             ? 
_reflns_shell.number_unique_obs                             2348 
_reflns_shell.percent_possible_obs                          ? 
_reflns_shell.Rmerge_F_all                                  ? 
_reflns_shell.Rmerge_F_obs                                  ? 
_reflns_shell.meanI_over_sigI_gt                            ? 
_reflns_shell.meanI_over_uI_all                             ? 
_reflns_shell.meanI_over_uI_gt                              ? 
_reflns_shell.number_measured_gt                            ? 
_reflns_shell.number_unique_gt                              ? 
_reflns_shell.percent_possible_gt                           ? 
_reflns_shell.Rmerge_F_gt                                   ? 
_reflns_shell.Rmerge_I_gt                                   ? 
_reflns_shell.pdbx_redundancy                               ? 
_reflns_shell.pdbx_chi_squared                              ? 
_reflns_shell.pdbx_netI_over_sigmaI_all                     ? 
_reflns_shell.pdbx_netI_over_sigmaI_obs                     ? 
_reflns_shell.pdbx_Rrim_I_all                               ? 
_reflns_shell.pdbx_Rpim_I_all                               ? 
_reflns_shell.pdbx_rejects                                  ? 
_reflns_shell.pdbx_ordinal                                  1 
_reflns_shell.pdbx_diffrn_id                                1 
_reflns_shell.pdbx_CC_half                                  0.26 
_reflns_shell.pdbx_CC_star                                  ? 
_reflns_shell.pdbx_R_split                                  ? 
_reflns_shell.percent_possible_all                          ? 
_reflns_shell.Rmerge_I_all                                  ? 
_reflns_shell.Rmerge_I_obs                                  ? 
_reflns_shell.pdbx_Rsym_value                               ? 
_reflns_shell.pdbx_percent_possible_ellipsoidal             ? 
_reflns_shell.pdbx_percent_possible_spherical               ? 
_reflns_shell.pdbx_percent_possible_ellipsoidal_anomalous   ? 
_reflns_shell.pdbx_percent_possible_spherical_anomalous     ? 
_reflns_shell.pdbx_redundancy_anomalous                     ? 
_reflns_shell.pdbx_CC_half_anomalous                        ? 
_reflns_shell.pdbx_absDiff_over_sigma_anomalous             ? 
_reflns_shell.pdbx_percent_possible_anomalous               ? 
# 
_refine.aniso_B[1][1]                            ? 
_refine.aniso_B[1][2]                            ? 
_refine.aniso_B[1][3]                            ? 
_refine.aniso_B[2][2]                            ? 
_refine.aniso_B[2][3]                            ? 
_refine.aniso_B[3][3]                            ? 
_refine.B_iso_max                                ? 
_refine.B_iso_mean                               25.51 
_refine.B_iso_min                                ? 
_refine.correlation_coeff_Fo_to_Fc               ? 
_refine.correlation_coeff_Fo_to_Fc_free          ? 
_refine.details                                  ? 
_refine.diff_density_max                         ? 
_refine.diff_density_max_esd                     ? 
_refine.diff_density_min                         ? 
_refine.diff_density_min_esd                     ? 
_refine.diff_density_rms                         ? 
_refine.diff_density_rms_esd                     ? 
_refine.entry_id                                 8OXI 
_refine.pdbx_refine_id                           'X-RAY DIFFRACTION' 
_refine.ls_abs_structure_details                 ? 
_refine.ls_abs_structure_Flack                   ? 
_refine.ls_abs_structure_Flack_esd               ? 
_refine.ls_abs_structure_Rogers                  ? 
_refine.ls_abs_structure_Rogers_esd              ? 
_refine.ls_d_res_high                            1.51 
_refine.ls_d_res_low                             36.80 
_refine.ls_extinction_coef                       ? 
_refine.ls_extinction_coef_esd                   ? 
_refine.ls_extinction_expression                 ? 
_refine.ls_extinction_method                     ? 
_refine.ls_goodness_of_fit_all                   ? 
_refine.ls_goodness_of_fit_all_esd               ? 
_refine.ls_goodness_of_fit_obs                   ? 
_refine.ls_goodness_of_fit_obs_esd               ? 
_refine.ls_hydrogen_treatment                    ? 
_refine.ls_matrix_type                           ? 
_refine.ls_number_constraints                    ? 
_refine.ls_number_parameters                     ? 
_refine.ls_number_reflns_all                     ? 
_refine.ls_number_reflns_obs                     12842 
_refine.ls_number_reflns_R_free                  642 
_refine.ls_number_reflns_R_work                  12200 
_refine.ls_number_restraints                     ? 
_refine.ls_percent_reflns_obs                    94.41 
_refine.ls_percent_reflns_R_free                 5.00 
_refine.ls_R_factor_all                          ? 
_refine.ls_R_factor_obs                          0.1944 
_refine.ls_R_factor_R_free                       0.2069 
_refine.ls_R_factor_R_free_error                 ? 
_refine.ls_R_factor_R_free_error_details         ? 
_refine.ls_R_factor_R_work                       0.1937 
_refine.ls_R_Fsqd_factor_obs                     ? 
_refine.ls_R_I_factor_obs                        ? 
_refine.ls_redundancy_reflns_all                 ? 
_refine.ls_redundancy_reflns_obs                 ? 
_refine.ls_restrained_S_all                      ? 
_refine.ls_restrained_S_obs                      ? 
_refine.ls_shift_over_esd_max                    ? 
_refine.ls_shift_over_esd_mean                   ? 
_refine.ls_structure_factor_coef                 ? 
_refine.ls_weighting_details                     ? 
_refine.ls_weighting_scheme                      ? 
_refine.ls_wR_factor_all                         ? 
_refine.ls_wR_factor_obs                         ? 
_refine.ls_wR_factor_R_free                      ? 
_refine.ls_wR_factor_R_work                      ? 
_refine.occupancy_max                            ? 
_refine.occupancy_min                            ? 
_refine.solvent_model_details                    'FLAT BULK SOLVENT MODEL' 
_refine.solvent_model_param_bsol                 ? 
_refine.solvent_model_param_ksol                 ? 
_refine.pdbx_R_complete                          ? 
_refine.ls_R_factor_gt                           ? 
_refine.ls_goodness_of_fit_gt                    ? 
_refine.ls_goodness_of_fit_ref                   ? 
_refine.ls_shift_over_su_max                     ? 
_refine.ls_shift_over_su_max_lt                  ? 
_refine.ls_shift_over_su_mean                    ? 
_refine.ls_shift_over_su_mean_lt                 ? 
_refine.pdbx_ls_sigma_I                          ? 
_refine.pdbx_ls_sigma_F                          1.36 
_refine.pdbx_ls_sigma_Fsqd                       ? 
_refine.pdbx_data_cutoff_high_absF               ? 
_refine.pdbx_data_cutoff_high_rms_absF           ? 
_refine.pdbx_data_cutoff_low_absF                ? 
_refine.pdbx_isotropic_thermal_model             ? 
_refine.pdbx_ls_cross_valid_method               'FREE R-VALUE' 
_refine.pdbx_method_to_determine_struct          'MOLECULAR REPLACEMENT' 
_refine.pdbx_starting_model                      ? 
_refine.pdbx_stereochemistry_target_values       'GeoStd + Monomer Library + CDL v1.2' 
_refine.pdbx_R_Free_selection_details            ? 
_refine.pdbx_stereochem_target_val_spec_case     ? 
_refine.pdbx_overall_ESU_R                       ? 
_refine.pdbx_overall_ESU_R_Free                  ? 
_refine.pdbx_solvent_vdw_probe_radii             1.1000 
_refine.pdbx_solvent_ion_probe_radii             ? 
_refine.pdbx_solvent_shrinkage_radii             0.9000 
_refine.pdbx_real_space_R                        ? 
_refine.pdbx_density_correlation                 ? 
_refine.pdbx_pd_number_of_powder_patterns        ? 
_refine.pdbx_pd_number_of_points                 ? 
_refine.pdbx_pd_meas_number_of_points            ? 
_refine.pdbx_pd_proc_ls_prof_R_factor            ? 
_refine.pdbx_pd_proc_ls_prof_wR_factor           ? 
_refine.pdbx_pd_Marquardt_correlation_coeff      ? 
_refine.pdbx_pd_Fsqrd_R_factor                   ? 
_refine.pdbx_pd_ls_matrix_band_width             ? 
_refine.pdbx_overall_phase_error                 25.3335 
_refine.pdbx_overall_SU_R_free_Cruickshank_DPI   ? 
_refine.pdbx_overall_SU_R_free_Blow_DPI          ? 
_refine.pdbx_overall_SU_R_Blow_DPI               ? 
_refine.pdbx_TLS_residual_ADP_flag               ? 
_refine.pdbx_diffrn_id                           1 
_refine.overall_SU_B                             ? 
_refine.overall_SU_ML                            0.1659 
_refine.overall_SU_R_Cruickshank_DPI             ? 
_refine.overall_SU_R_free                        ? 
_refine.overall_FOM_free_R_set                   ? 
_refine.overall_FOM_work_R_set                   ? 
_refine.pdbx_average_fsc_overall                 ? 
_refine.pdbx_average_fsc_work                    ? 
_refine.pdbx_average_fsc_free                    ? 
# 
_refine_hist.pdbx_refine_id                   'X-RAY DIFFRACTION' 
_refine_hist.cycle_id                         LAST 
_refine_hist.details                          ? 
_refine_hist.d_res_high                       1.51 
_refine_hist.d_res_low                        36.80 
_refine_hist.number_atoms_solvent             88 
_refine_hist.number_atoms_total               822 
_refine_hist.number_reflns_all                ? 
_refine_hist.number_reflns_obs                ? 
_refine_hist.number_reflns_R_free             ? 
_refine_hist.number_reflns_R_work             ? 
_refine_hist.R_factor_all                     ? 
_refine_hist.R_factor_obs                     ? 
_refine_hist.R_factor_R_free                  ? 
_refine_hist.R_factor_R_work                  ? 
_refine_hist.pdbx_number_residues_total       ? 
_refine_hist.pdbx_B_iso_mean_ligand           ? 
_refine_hist.pdbx_B_iso_mean_solvent          ? 
_refine_hist.pdbx_number_atoms_protein        734 
_refine_hist.pdbx_number_atoms_nucleic_acid   0 
_refine_hist.pdbx_number_atoms_ligand         0 
_refine_hist.pdbx_number_atoms_lipid          ? 
_refine_hist.pdbx_number_atoms_carb           ? 
_refine_hist.pdbx_pseudo_atom_details         ? 
# 
loop_
_refine_ls_restr.pdbx_refine_id 
_refine_ls_restr.criterion 
_refine_ls_restr.dev_ideal 
_refine_ls_restr.dev_ideal_target 
_refine_ls_restr.number 
_refine_ls_restr.rejects 
_refine_ls_restr.type 
_refine_ls_restr.weight 
_refine_ls_restr.pdbx_restraint_function 
'X-RAY DIFFRACTION' ? 0.0112 ? 753  ? f_bond_d           ? ? 
'X-RAY DIFFRACTION' ? 1.2165 ? 1019 ? f_angle_d          ? ? 
'X-RAY DIFFRACTION' ? 0.0618 ? 108  ? f_chiral_restr     ? ? 
'X-RAY DIFFRACTION' ? 0.0196 ? 130  ? f_plane_restr      ? ? 
'X-RAY DIFFRACTION' ? 6.5650 ? 105  ? f_dihedral_angle_d ? ? 
# 
loop_
_refine_ls_shell.pdbx_refine_id 
_refine_ls_shell.d_res_high 
_refine_ls_shell.d_res_low 
_refine_ls_shell.number_reflns_all 
_refine_ls_shell.number_reflns_obs 
_refine_ls_shell.number_reflns_R_free 
_refine_ls_shell.number_reflns_R_work 
_refine_ls_shell.percent_reflns_obs 
_refine_ls_shell.percent_reflns_R_free 
_refine_ls_shell.R_factor_all 
_refine_ls_shell.R_factor_obs 
_refine_ls_shell.R_factor_R_free_error 
_refine_ls_shell.R_factor_R_work 
_refine_ls_shell.redundancy_reflns_all 
_refine_ls_shell.redundancy_reflns_obs 
_refine_ls_shell.wR_factor_all 
_refine_ls_shell.wR_factor_obs 
_refine_ls_shell.wR_factor_R_free 
_refine_ls_shell.wR_factor_R_work 
_refine_ls_shell.pdbx_R_complete 
_refine_ls_shell.pdbx_total_number_of_bins_used 
_refine_ls_shell.pdbx_phase_error 
_refine_ls_shell.pdbx_fsc_work 
_refine_ls_shell.pdbx_fsc_free 
_refine_ls_shell.R_factor_R_free 
'X-RAY DIFFRACTION' 1.51 1.62  . . 126 2385 94.01 . . . . 0.2371 . . . . . . . . . . . 0.2739 
'X-RAY DIFFRACTION' 1.62 1.79  . . 125 2368 92.92 . . . . 0.2053 . . . . . . . . . . . 0.2390 
'X-RAY DIFFRACTION' 1.79 2.05  . . 127 2436 94.68 . . . . 0.1797 . . . . . . . . . . . 0.2038 
'X-RAY DIFFRACTION' 2.05 2.58  . . 132 2505 97.09 . . . . 0.1992 . . . . . . . . . . . 0.2080 
'X-RAY DIFFRACTION' 2.58 36.80 . . 132 2506 93.41 . . . . 0.1890 . . . . . . . . . . . 0.1962 
# 
_struct.entry_id                     8OXI 
_struct.title                        'crystal structure of powdery mildews Blumeria graminis f. sp. tritici AVRPM2(1)' 
_struct.pdbx_model_details           ? 
_struct.pdbx_formula_weight          ? 
_struct.pdbx_formula_weight_method   ? 
_struct.pdbx_model_type_details      ? 
_struct.pdbx_CASP_flag               N 
# 
_struct_keywords.entry_id        8OXI 
_struct_keywords.text            'effector, UNKNOWN FUNCTION' 
_struct_keywords.pdbx_keywords   'UNKNOWN FUNCTION' 
# 
loop_
_struct_asym.id 
_struct_asym.pdbx_blank_PDB_chainid_flag 
_struct_asym.pdbx_modified 
_struct_asym.entity_id 
_struct_asym.details 
A N N 1 ? 
B N N 2 ? 
# 
_struct_ref.id                         1 
_struct_ref.db_name                    UNP 
_struct_ref.db_code                    A0A1L5JEG4_BLUGR 
_struct_ref.pdbx_db_accession          A0A1L5JEG4 
_struct_ref.pdbx_db_isoform            ? 
_struct_ref.entity_id                  1 
_struct_ref.pdbx_seq_one_letter_code   
;ESYWDCKGIPILFRTVHAAVELAFTSQPGSISGYPSICRTTPLRTGPDERRQFPLTDTGARWQGGGITYYVEATRDKRHC
EVFGTAGGVYKCTLVLRD
;
_struct_ref.pdbx_align_begin           22 
# 
_struct_ref_seq.align_id                      1 
_struct_ref_seq.ref_id                        1 
_struct_ref_seq.pdbx_PDB_id_code              8OXI 
_struct_ref_seq.pdbx_strand_id                A 
_struct_ref_seq.seq_align_beg                 7 
_struct_ref_seq.pdbx_seq_align_beg_ins_code   ? 
_struct_ref_seq.seq_align_end                 104 
_struct_ref_seq.pdbx_seq_align_end_ins_code   ? 
_struct_ref_seq.pdbx_db_accession             A0A1L5JEG4 
_struct_ref_seq.db_align_beg                  22 
_struct_ref_seq.pdbx_db_align_beg_ins_code    ? 
_struct_ref_seq.db_align_end                  119 
_struct_ref_seq.pdbx_db_align_end_ins_code    ? 
_struct_ref_seq.pdbx_auth_seq_align_beg       2 
_struct_ref_seq.pdbx_auth_seq_align_end       99 
# 
loop_
_struct_ref_seq_dif.align_id 
_struct_ref_seq_dif.pdbx_pdb_id_code 
_struct_ref_seq_dif.mon_id 
_struct_ref_seq_dif.pdbx_pdb_strand_id 
_struct_ref_seq_dif.seq_num 
_struct_ref_seq_dif.pdbx_pdb_ins_code 
_struct_ref_seq_dif.pdbx_seq_db_name 
_struct_ref_seq_dif.pdbx_seq_db_accession_code 
_struct_ref_seq_dif.db_mon_id 
_struct_ref_seq_dif.pdbx_seq_db_seq_num 
_struct_ref_seq_dif.details 
_struct_ref_seq_dif.pdbx_auth_seq_num 
_struct_ref_seq_dif.pdbx_ordinal 
1 8OXI GLY A 1 ? UNP A0A1L5JEG4 ? ? 'expression tag' -4 1 
1 8OXI PRO A 2 ? UNP A0A1L5JEG4 ? ? 'expression tag' -3 2 
1 8OXI LEU A 3 ? UNP A0A1L5JEG4 ? ? 'expression tag' -2 3 
1 8OXI GLY A 4 ? UNP A0A1L5JEG4 ? ? 'expression tag' -1 4 
1 8OXI SER A 5 ? UNP A0A1L5JEG4 ? ? 'expression tag' 0  5 
1 8OXI MET A 6 ? UNP A0A1L5JEG4 ? ? 'expression tag' 1  6 
# 
_pdbx_struct_assembly.id                   1 
_pdbx_struct_assembly.details              author_defined_assembly 
_pdbx_struct_assembly.method_details       ? 
_pdbx_struct_assembly.oligomeric_details   monomeric 
_pdbx_struct_assembly.oligomeric_count     1 
# 
loop_
_pdbx_struct_assembly_prop.biol_id 
_pdbx_struct_assembly_prop.type 
_pdbx_struct_assembly_prop.value 
_pdbx_struct_assembly_prop.details 
1 'ABSA (A^2)' 0    ? 
1 MORE         0    ? 
1 'SSA (A^2)'  6310 ? 
# 
_pdbx_struct_assembly_gen.assembly_id       1 
_pdbx_struct_assembly_gen.oper_expression   1 
_pdbx_struct_assembly_gen.asym_id_list      A,B 
# 
_pdbx_struct_assembly_auth_evidence.id                     1 
_pdbx_struct_assembly_auth_evidence.assembly_id            1 
_pdbx_struct_assembly_auth_evidence.experimental_support   'gel filtration' 
_pdbx_struct_assembly_auth_evidence.details                ? 
# 
_pdbx_struct_oper_list.id                   1 
_pdbx_struct_oper_list.type                 'identity operation' 
_pdbx_struct_oper_list.name                 1_555 
_pdbx_struct_oper_list.symmetry_operation   x,y,z 
_pdbx_struct_oper_list.matrix[1][1]         1.0 
_pdbx_struct_oper_list.matrix[1][2]         0.0 
_pdbx_struct_oper_list.matrix[1][3]         0.0 
_pdbx_struct_oper_list.vector[1]            0.0 
_pdbx_struct_oper_list.matrix[2][1]         0.0 
_pdbx_struct_oper_list.matrix[2][2]         1.0 
_pdbx_struct_oper_list.matrix[2][3]         0.0 
_pdbx_struct_oper_list.vector[2]            0.0 
_pdbx_struct_oper_list.matrix[3][1]         0.0 
_pdbx_struct_oper_list.matrix[3][2]         0.0 
_pdbx_struct_oper_list.matrix[3][3]         1.0 
_pdbx_struct_oper_list.vector[3]            0.0 
# 
_struct_conf.conf_type_id            HELX_P 
_struct_conf.id                      HELX_P1 
_struct_conf.pdbx_PDB_helix_id       AA1 
_struct_conf.beg_label_comp_id       PHE 
_struct_conf.beg_label_asym_id       A 
_struct_conf.beg_label_seq_id        19 
_struct_conf.pdbx_beg_PDB_ins_code   ? 
_struct_conf.end_label_comp_id       SER 
_struct_conf.end_label_asym_id       A 
_struct_conf.end_label_seq_id        32 
_struct_conf.pdbx_end_PDB_ins_code   ? 
_struct_conf.beg_auth_comp_id        PHE 
_struct_conf.beg_auth_asym_id        A 
_struct_conf.beg_auth_seq_id         14 
_struct_conf.end_auth_comp_id        SER 
_struct_conf.end_auth_asym_id        A 
_struct_conf.end_auth_seq_id         27 
_struct_conf.pdbx_PDB_helix_class    1 
_struct_conf.details                 ? 
_struct_conf.pdbx_PDB_helix_length   14 
# 
_struct_conf_type.id          HELX_P 
_struct_conf_type.criteria    ? 
_struct_conf_type.reference   ? 
# 
_struct_conn.id                            disulf1 
_struct_conn.conn_type_id                  disulf 
_struct_conn.pdbx_leaving_atom_flag        ? 
_struct_conn.pdbx_PDB_id                   ? 
_struct_conn.ptnr1_label_asym_id           A 
_struct_conn.ptnr1_label_comp_id           CYS 
_struct_conn.ptnr1_label_seq_id            12 
_struct_conn.ptnr1_label_atom_id           SG 
_struct_conn.pdbx_ptnr1_label_alt_id       ? 
_struct_conn.pdbx_ptnr1_PDB_ins_code       ? 
_struct_conn.pdbx_ptnr1_standard_comp_id   ? 
_struct_conn.ptnr1_symmetry                1_555 
_struct_conn.ptnr2_label_asym_id           A 
_struct_conn.ptnr2_label_comp_id           CYS 
_struct_conn.ptnr2_label_seq_id            98 
_struct_conn.ptnr2_label_atom_id           SG 
_struct_conn.pdbx_ptnr2_label_alt_id       ? 
_struct_conn.pdbx_ptnr2_PDB_ins_code       ? 
_struct_conn.ptnr1_auth_asym_id            A 
_struct_conn.ptnr1_auth_comp_id            CYS 
_struct_conn.ptnr1_auth_seq_id             7 
_struct_conn.ptnr2_auth_asym_id            A 
_struct_conn.ptnr2_auth_comp_id            CYS 
_struct_conn.ptnr2_auth_seq_id             93 
_struct_conn.ptnr2_symmetry                1_555 
_struct_conn.pdbx_ptnr3_label_atom_id      ? 
_struct_conn.pdbx_ptnr3_label_seq_id       ? 
_struct_conn.pdbx_ptnr3_label_comp_id      ? 
_struct_conn.pdbx_ptnr3_label_asym_id      ? 
_struct_conn.pdbx_ptnr3_label_alt_id       ? 
_struct_conn.pdbx_ptnr3_PDB_ins_code       ? 
_struct_conn.details                       ? 
_struct_conn.pdbx_dist_value               2.053 
_struct_conn.pdbx_value_order              ? 
_struct_conn.pdbx_role                     ? 
# 
_struct_conn_type.id          disulf 
_struct_conn_type.criteria    ? 
_struct_conn_type.reference   ? 
# 
_pdbx_modification_feature.ordinal                            1 
_pdbx_modification_feature.label_comp_id                      CYS 
_pdbx_modification_feature.label_asym_id                      A 
_pdbx_modification_feature.label_seq_id                       12 
_pdbx_modification_feature.label_alt_id                       ? 
_pdbx_modification_feature.modified_residue_label_comp_id     CYS 
_pdbx_modification_feature.modified_residue_label_asym_id     A 
_pdbx_modification_feature.modified_residue_label_seq_id      98 
_pdbx_modification_feature.modified_residue_label_alt_id      ? 
_pdbx_modification_feature.auth_comp_id                       CYS 
_pdbx_modification_feature.auth_asym_id                       A 
_pdbx_modification_feature.auth_seq_id                        7 
_pdbx_modification_feature.PDB_ins_code                       ? 
_pdbx_modification_feature.symmetry                           1_555 
_pdbx_modification_feature.modified_residue_auth_comp_id      CYS 
_pdbx_modification_feature.modified_residue_auth_asym_id      A 
_pdbx_modification_feature.modified_residue_auth_seq_id       93 
_pdbx_modification_feature.modified_residue_PDB_ins_code      ? 
_pdbx_modification_feature.modified_residue_symmetry          1_555 
_pdbx_modification_feature.comp_id_linking_atom               SG 
_pdbx_modification_feature.modified_residue_id_linking_atom   SG 
_pdbx_modification_feature.modified_residue_id                . 
_pdbx_modification_feature.ref_pcm_id                         . 
_pdbx_modification_feature.ref_comp_id                        . 
_pdbx_modification_feature.type                               None 
_pdbx_modification_feature.category                           'Disulfide bridge' 
# 
_struct_mon_prot_cis.pdbx_id                1 
_struct_mon_prot_cis.label_comp_id          TYR 
_struct_mon_prot_cis.label_seq_id           40 
_struct_mon_prot_cis.label_asym_id          A 
_struct_mon_prot_cis.label_alt_id           . 
_struct_mon_prot_cis.pdbx_PDB_ins_code      ? 
_struct_mon_prot_cis.auth_comp_id           TYR 
_struct_mon_prot_cis.auth_seq_id            35 
_struct_mon_prot_cis.auth_asym_id           A 
_struct_mon_prot_cis.pdbx_label_comp_id_2   PRO 
_struct_mon_prot_cis.pdbx_label_seq_id_2    41 
_struct_mon_prot_cis.pdbx_label_asym_id_2   A 
_struct_mon_prot_cis.pdbx_PDB_ins_code_2    ? 
_struct_mon_prot_cis.pdbx_auth_comp_id_2    PRO 
_struct_mon_prot_cis.pdbx_auth_seq_id_2     36 
_struct_mon_prot_cis.pdbx_auth_asym_id_2    A 
_struct_mon_prot_cis.pdbx_PDB_model_num     1 
_struct_mon_prot_cis.pdbx_omega_angle       -3.37 
# 
loop_
_struct_sheet.id 
_struct_sheet.type 
_struct_sheet.number_strands 
_struct_sheet.details 
AA1 ? 3 ? 
AA2 ? 5 ? 
# 
loop_
_struct_sheet_order.sheet_id 
_struct_sheet_order.range_id_1 
_struct_sheet_order.range_id_2 
_struct_sheet_order.offset 
_struct_sheet_order.sense 
AA1 1 2 ? anti-parallel 
AA1 2 3 ? anti-parallel 
AA2 1 2 ? anti-parallel 
AA2 2 3 ? anti-parallel 
AA2 3 4 ? anti-parallel 
AA2 4 5 ? anti-parallel 
# 
loop_
_struct_sheet_range.sheet_id 
_struct_sheet_range.id 
_struct_sheet_range.beg_label_comp_id 
_struct_sheet_range.beg_label_asym_id 
_struct_sheet_range.beg_label_seq_id 
_struct_sheet_range.pdbx_beg_PDB_ins_code 
_struct_sheet_range.end_label_comp_id 
_struct_sheet_range.end_label_asym_id 
_struct_sheet_range.end_label_seq_id 
_struct_sheet_range.pdbx_end_PDB_ins_code 
_struct_sheet_range.beg_auth_comp_id 
_struct_sheet_range.beg_auth_asym_id 
_struct_sheet_range.beg_auth_seq_id 
_struct_sheet_range.end_auth_comp_id 
_struct_sheet_range.end_auth_asym_id 
_struct_sheet_range.end_auth_seq_id 
AA1 1 ILE A 15 ? LEU A 18  ? ILE A 10 LEU A 13 
AA1 2 TYR A 9  ? CYS A 12  ? TYR A 4  CYS A 7  
AA1 3 THR A 99 ? VAL A 101 ? THR A 94 VAL A 96 
AA2 1 SER A 42 ? ILE A 43  ? SER A 37 ILE A 38 
AA2 2 ARG A 57 ? LEU A 61  ? ARG A 52 LEU A 56 
AA2 3 TYR A 75 ? ALA A 79  ? TYR A 70 ALA A 74 
AA2 4 CYS A 86 ? GLY A 90  ? CYS A 81 GLY A 85 
AA2 5 TYR A 96 ? LYS A 97  ? TYR A 91 LYS A 92 
# 
loop_
_pdbx_struct_sheet_hbond.sheet_id 
_pdbx_struct_sheet_hbond.range_id_1 
_pdbx_struct_sheet_hbond.range_id_2 
_pdbx_struct_sheet_hbond.range_1_label_atom_id 
_pdbx_struct_sheet_hbond.range_1_label_comp_id 
_pdbx_struct_sheet_hbond.range_1_label_asym_id 
_pdbx_struct_sheet_hbond.range_1_label_seq_id 
_pdbx_struct_sheet_hbond.range_1_PDB_ins_code 
_pdbx_struct_sheet_hbond.range_1_auth_atom_id 
_pdbx_struct_sheet_hbond.range_1_auth_comp_id 
_pdbx_struct_sheet_hbond.range_1_auth_asym_id 
_pdbx_struct_sheet_hbond.range_1_auth_seq_id 
_pdbx_struct_sheet_hbond.range_2_label_atom_id 
_pdbx_struct_sheet_hbond.range_2_label_comp_id 
_pdbx_struct_sheet_hbond.range_2_label_asym_id 
_pdbx_struct_sheet_hbond.range_2_label_seq_id 
_pdbx_struct_sheet_hbond.range_2_PDB_ins_code 
_pdbx_struct_sheet_hbond.range_2_auth_atom_id 
_pdbx_struct_sheet_hbond.range_2_auth_comp_id 
_pdbx_struct_sheet_hbond.range_2_auth_asym_id 
_pdbx_struct_sheet_hbond.range_2_auth_seq_id 
AA1 1 2 O ILE A 17 ? O ILE A 12 N TRP A 10  ? N TRP A 5  
AA1 2 3 N TYR A 9  ? N TYR A 4  O VAL A 101 ? O VAL A 96 
AA2 1 2 N SER A 42 ? N SER A 37 O GLN A 58  ? O GLN A 53 
AA2 2 3 N PHE A 59 ? N PHE A 54 O VAL A 77  ? O VAL A 72 
AA2 3 4 N TYR A 76 ? N TYR A 71 O PHE A 89  ? O PHE A 84 
AA2 4 5 N GLY A 90 ? N GLY A 85 O TYR A 96  ? O TYR A 91 
# 
_pdbx_entry_details.entry_id                   8OXI 
_pdbx_entry_details.compound_details           ? 
_pdbx_entry_details.source_details             ? 
_pdbx_entry_details.nonpolymer_details         ? 
_pdbx_entry_details.sequence_details           ? 
_pdbx_entry_details.has_ligand_of_interest     ? 
_pdbx_entry_details.has_protein_modification   Y 
# 
loop_
_pdbx_validate_close_contact.id 
_pdbx_validate_close_contact.PDB_model_num 
_pdbx_validate_close_contact.auth_atom_id_1 
_pdbx_validate_close_contact.auth_asym_id_1 
_pdbx_validate_close_contact.auth_comp_id_1 
_pdbx_validate_close_contact.auth_seq_id_1 
_pdbx_validate_close_contact.PDB_ins_code_1 
_pdbx_validate_close_contact.label_alt_id_1 
_pdbx_validate_close_contact.auth_atom_id_2 
_pdbx_validate_close_contact.auth_asym_id_2 
_pdbx_validate_close_contact.auth_comp_id_2 
_pdbx_validate_close_contact.auth_seq_id_2 
_pdbx_validate_close_contact.PDB_ins_code_2 
_pdbx_validate_close_contact.label_alt_id_2 
_pdbx_validate_close_contact.dist 
1 1 HH21 A ARG 98  ? ? O A HOH 103 ? ? 1.52 
2 1 O    A HOH 124 ? ? O A HOH 133 ? ? 1.86 
3 1 O    A HOH 124 ? ? O A HOH 170 ? ? 2.01 
4 1 OD1  A ASP 58  ? ? O A HOH 101 ? ? 2.06 
5 1 OD2  A ASP 58  ? ? O A HOH 102 ? ? 2.09 
6 1 O    A HOH 182 ? ? O A HOH 186 ? ? 2.19 
# 
_pdbx_validate_symm_contact.id                1 
_pdbx_validate_symm_contact.PDB_model_num     1 
_pdbx_validate_symm_contact.auth_atom_id_1    O 
_pdbx_validate_symm_contact.auth_asym_id_1    A 
_pdbx_validate_symm_contact.auth_comp_id_1    HOH 
_pdbx_validate_symm_contact.auth_seq_id_1     130 
_pdbx_validate_symm_contact.PDB_ins_code_1    ? 
_pdbx_validate_symm_contact.label_alt_id_1    ? 
_pdbx_validate_symm_contact.site_symmetry_1   1_555 
_pdbx_validate_symm_contact.auth_atom_id_2    O 
_pdbx_validate_symm_contact.auth_asym_id_2    A 
_pdbx_validate_symm_contact.auth_comp_id_2    HOH 
_pdbx_validate_symm_contact.auth_seq_id_2     168 
_pdbx_validate_symm_contact.PDB_ins_code_2    ? 
_pdbx_validate_symm_contact.label_alt_id_2    ? 
_pdbx_validate_symm_contact.site_symmetry_2   4_565 
_pdbx_validate_symm_contact.dist              2.09 
# 
_pdbx_validate_planes.id              1 
_pdbx_validate_planes.PDB_model_num   1 
_pdbx_validate_planes.auth_comp_id    ARG 
_pdbx_validate_planes.auth_asym_id    A 
_pdbx_validate_planes.auth_seq_id     98 
_pdbx_validate_planes.PDB_ins_code    ? 
_pdbx_validate_planes.label_alt_id    ? 
_pdbx_validate_planes.rmsd            0.090 
_pdbx_validate_planes.type            'SIDE CHAIN' 
# 
loop_
_pdbx_struct_special_symmetry.id 
_pdbx_struct_special_symmetry.PDB_model_num 
_pdbx_struct_special_symmetry.auth_asym_id 
_pdbx_struct_special_symmetry.auth_comp_id 
_pdbx_struct_special_symmetry.auth_seq_id 
_pdbx_struct_special_symmetry.PDB_ins_code 
_pdbx_struct_special_symmetry.label_asym_id 
_pdbx_struct_special_symmetry.label_comp_id 
_pdbx_struct_special_symmetry.label_seq_id 
1 1 A HOH 141 ? B HOH . 
2 1 A HOH 179 ? B HOH . 
# 
loop_
_space_group_symop.id 
_space_group_symop.operation_xyz 
1 x,y,z               
2 x,-y,-z             
3 -x,y,-z+1/2         
4 -x,-y,z+1/2         
5 x+1/2,y+1/2,z       
6 x+1/2,-y+1/2,-z     
7 -x+1/2,y+1/2,-z+1/2 
8 -x+1/2,-y+1/2,z+1/2 
# 
_pdbx_distant_solvent_atoms.id                                1 
_pdbx_distant_solvent_atoms.PDB_model_num                     1 
_pdbx_distant_solvent_atoms.auth_atom_id                      O 
_pdbx_distant_solvent_atoms.label_alt_id                      ? 
_pdbx_distant_solvent_atoms.auth_asym_id                      A 
_pdbx_distant_solvent_atoms.auth_comp_id                      HOH 
_pdbx_distant_solvent_atoms.auth_seq_id                       188 
_pdbx_distant_solvent_atoms.PDB_ins_code                      ? 
_pdbx_distant_solvent_atoms.neighbor_macromolecule_distance   6.31 
_pdbx_distant_solvent_atoms.neighbor_ligand_distance          . 
# 
loop_
_pdbx_unobs_or_zero_occ_residues.id 
_pdbx_unobs_or_zero_occ_residues.PDB_model_num 
_pdbx_unobs_or_zero_occ_residues.polymer_flag 
_pdbx_unobs_or_zero_occ_residues.occupancy_flag 
_pdbx_unobs_or_zero_occ_residues.auth_asym_id 
_pdbx_unobs_or_zero_occ_residues.auth_comp_id 
_pdbx_unobs_or_zero_occ_residues.auth_seq_id 
_pdbx_unobs_or_zero_occ_residues.PDB_ins_code 
_pdbx_unobs_or_zero_occ_residues.label_asym_id 
_pdbx_unobs_or_zero_occ_residues.label_comp_id 
_pdbx_unobs_or_zero_occ_residues.label_seq_id 
1 1 Y 1 A ARG 40 ? A ARG 45  
2 1 Y 1 A THR 41 ? A THR 46  
3 1 Y 1 A THR 42 ? A THR 47  
4 1 Y 1 A PRO 43 ? A PRO 48  
5 1 Y 1 A LEU 44 ? A LEU 49  
6 1 Y 1 A ARG 45 ? A ARG 50  
7 1 Y 1 A THR 46 ? A THR 51  
8 1 Y 1 A GLY 47 ? A GLY 52  
9 1 Y 1 A ASP 99 ? A ASP 104 
# 
loop_
_chem_comp_atom.comp_id 
_chem_comp_atom.atom_id 
_chem_comp_atom.type_symbol 
_chem_comp_atom.pdbx_aromatic_flag 
_chem_comp_atom.pdbx_stereo_config 
_chem_comp_atom.pdbx_ordinal 
ALA N    N N N 1   
ALA CA   C N S 2   
ALA C    C N N 3   
ALA O    O N N 4   
ALA CB   C N N 5   
ALA OXT  O N N 6   
ALA H    H N N 7   
ALA H2   H N N 8   
ALA HA   H N N 9   
ALA HB1  H N N 10  
ALA HB2  H N N 11  
ALA HB3  H N N 12  
ALA HXT  H N N 13  
ARG N    N N N 14  
ARG CA   C N S 15  
ARG C    C N N 16  
ARG O    O N N 17  
ARG CB   C N N 18  
ARG CG   C N N 19  
ARG CD   C N N 20  
ARG NE   N N N 21  
ARG CZ   C N N 22  
ARG NH1  N N N 23  
ARG NH2  N N N 24  
ARG OXT  O N N 25  
ARG H    H N N 26  
ARG H2   H N N 27  
ARG HA   H N N 28  
ARG HB2  H N N 29  
ARG HB3  H N N 30  
ARG HG2  H N N 31  
ARG HG3  H N N 32  
ARG HD2  H N N 33  
ARG HD3  H N N 34  
ARG HE   H N N 35  
ARG HH11 H N N 36  
ARG HH12 H N N 37  
ARG HH21 H N N 38  
ARG HH22 H N N 39  
ARG HXT  H N N 40  
ASP N    N N N 41  
ASP CA   C N S 42  
ASP C    C N N 43  
ASP O    O N N 44  
ASP CB   C N N 45  
ASP CG   C N N 46  
ASP OD1  O N N 47  
ASP OD2  O N N 48  
ASP OXT  O N N 49  
ASP H    H N N 50  
ASP H2   H N N 51  
ASP HA   H N N 52  
ASP HB2  H N N 53  
ASP HB3  H N N 54  
ASP HD2  H N N 55  
ASP HXT  H N N 56  
CYS N    N N N 57  
CYS CA   C N R 58  
CYS C    C N N 59  
CYS O    O N N 60  
CYS CB   C N N 61  
CYS SG   S N N 62  
CYS OXT  O N N 63  
CYS H    H N N 64  
CYS H2   H N N 65  
CYS HA   H N N 66  
CYS HB2  H N N 67  
CYS HB3  H N N 68  
CYS HG   H N N 69  
CYS HXT  H N N 70  
GLN N    N N N 71  
GLN CA   C N S 72  
GLN C    C N N 73  
GLN O    O N N 74  
GLN CB   C N N 75  
GLN CG   C N N 76  
GLN CD   C N N 77  
GLN OE1  O N N 78  
GLN NE2  N N N 79  
GLN OXT  O N N 80  
GLN H    H N N 81  
GLN H2   H N N 82  
GLN HA   H N N 83  
GLN HB2  H N N 84  
GLN HB3  H N N 85  
GLN HG2  H N N 86  
GLN HG3  H N N 87  
GLN HE21 H N N 88  
GLN HE22 H N N 89  
GLN HXT  H N N 90  
GLU N    N N N 91  
GLU CA   C N S 92  
GLU C    C N N 93  
GLU O    O N N 94  
GLU CB   C N N 95  
GLU CG   C N N 96  
GLU CD   C N N 97  
GLU OE1  O N N 98  
GLU OE2  O N N 99  
GLU OXT  O N N 100 
GLU H    H N N 101 
GLU H2   H N N 102 
GLU HA   H N N 103 
GLU HB2  H N N 104 
GLU HB3  H N N 105 
GLU HG2  H N N 106 
GLU HG3  H N N 107 
GLU HE2  H N N 108 
GLU HXT  H N N 109 
GLY N    N N N 110 
GLY CA   C N N 111 
GLY C    C N N 112 
GLY O    O N N 113 
GLY OXT  O N N 114 
GLY H    H N N 115 
GLY H2   H N N 116 
GLY HA2  H N N 117 
GLY HA3  H N N 118 
GLY HXT  H N N 119 
HIS N    N N N 120 
HIS CA   C N S 121 
HIS C    C N N 122 
HIS O    O N N 123 
HIS CB   C N N 124 
HIS CG   C Y N 125 
HIS ND1  N Y N 126 
HIS CD2  C Y N 127 
HIS CE1  C Y N 128 
HIS NE2  N Y N 129 
HIS OXT  O N N 130 
HIS H    H N N 131 
HIS H2   H N N 132 
HIS HA   H N N 133 
HIS HB2  H N N 134 
HIS HB3  H N N 135 
HIS HD1  H N N 136 
HIS HD2  H N N 137 
HIS HE1  H N N 138 
HIS HE2  H N N 139 
HIS HXT  H N N 140 
HOH O    O N N 141 
HOH H1   H N N 142 
HOH H2   H N N 143 
ILE N    N N N 144 
ILE CA   C N S 145 
ILE C    C N N 146 
ILE O    O N N 147 
ILE CB   C N S 148 
ILE CG1  C N N 149 
ILE CG2  C N N 150 
ILE CD1  C N N 151 
ILE OXT  O N N 152 
ILE H    H N N 153 
ILE H2   H N N 154 
ILE HA   H N N 155 
ILE HB   H N N 156 
ILE HG12 H N N 157 
ILE HG13 H N N 158 
ILE HG21 H N N 159 
ILE HG22 H N N 160 
ILE HG23 H N N 161 
ILE HD11 H N N 162 
ILE HD12 H N N 163 
ILE HD13 H N N 164 
ILE HXT  H N N 165 
LEU N    N N N 166 
LEU CA   C N S 167 
LEU C    C N N 168 
LEU O    O N N 169 
LEU CB   C N N 170 
LEU CG   C N N 171 
LEU CD1  C N N 172 
LEU CD2  C N N 173 
LEU OXT  O N N 174 
LEU H    H N N 175 
LEU H2   H N N 176 
LEU HA   H N N 177 
LEU HB2  H N N 178 
LEU HB3  H N N 179 
LEU HG   H N N 180 
LEU HD11 H N N 181 
LEU HD12 H N N 182 
LEU HD13 H N N 183 
LEU HD21 H N N 184 
LEU HD22 H N N 185 
LEU HD23 H N N 186 
LEU HXT  H N N 187 
LYS N    N N N 188 
LYS CA   C N S 189 
LYS C    C N N 190 
LYS O    O N N 191 
LYS CB   C N N 192 
LYS CG   C N N 193 
LYS CD   C N N 194 
LYS CE   C N N 195 
LYS NZ   N N N 196 
LYS OXT  O N N 197 
LYS H    H N N 198 
LYS H2   H N N 199 
LYS HA   H N N 200 
LYS HB2  H N N 201 
LYS HB3  H N N 202 
LYS HG2  H N N 203 
LYS HG3  H N N 204 
LYS HD2  H N N 205 
LYS HD3  H N N 206 
LYS HE2  H N N 207 
LYS HE3  H N N 208 
LYS HZ1  H N N 209 
LYS HZ2  H N N 210 
LYS HZ3  H N N 211 
LYS HXT  H N N 212 
MET N    N N N 213 
MET CA   C N S 214 
MET C    C N N 215 
MET O    O N N 216 
MET CB   C N N 217 
MET CG   C N N 218 
MET SD   S N N 219 
MET CE   C N N 220 
MET OXT  O N N 221 
MET H    H N N 222 
MET H2   H N N 223 
MET HA   H N N 224 
MET HB2  H N N 225 
MET HB3  H N N 226 
MET HG2  H N N 227 
MET HG3  H N N 228 
MET HE1  H N N 229 
MET HE2  H N N 230 
MET HE3  H N N 231 
MET HXT  H N N 232 
PHE N    N N N 233 
PHE CA   C N S 234 
PHE C    C N N 235 
PHE O    O N N 236 
PHE CB   C N N 237 
PHE CG   C Y N 238 
PHE CD1  C Y N 239 
PHE CD2  C Y N 240 
PHE CE1  C Y N 241 
PHE CE2  C Y N 242 
PHE CZ   C Y N 243 
PHE OXT  O N N 244 
PHE H    H N N 245 
PHE H2   H N N 246 
PHE HA   H N N 247 
PHE HB2  H N N 248 
PHE HB3  H N N 249 
PHE HD1  H N N 250 
PHE HD2  H N N 251 
PHE HE1  H N N 252 
PHE HE2  H N N 253 
PHE HZ   H N N 254 
PHE HXT  H N N 255 
PRO N    N N N 256 
PRO CA   C N S 257 
PRO C    C N N 258 
PRO O    O N N 259 
PRO CB   C N N 260 
PRO CG   C N N 261 
PRO CD   C N N 262 
PRO OXT  O N N 263 
PRO H    H N N 264 
PRO HA   H N N 265 
PRO HB2  H N N 266 
PRO HB3  H N N 267 
PRO HG2  H N N 268 
PRO HG3  H N N 269 
PRO HD2  H N N 270 
PRO HD3  H N N 271 
PRO HXT  H N N 272 
SER N    N N N 273 
SER CA   C N S 274 
SER C    C N N 275 
SER O    O N N 276 
SER CB   C N N 277 
SER OG   O N N 278 
SER OXT  O N N 279 
SER H    H N N 280 
SER H2   H N N 281 
SER HA   H N N 282 
SER HB2  H N N 283 
SER HB3  H N N 284 
SER HG   H N N 285 
SER HXT  H N N 286 
THR N    N N N 287 
THR CA   C N S 288 
THR C    C N N 289 
THR O    O N N 290 
THR CB   C N R 291 
THR OG1  O N N 292 
THR CG2  C N N 293 
THR OXT  O N N 294 
THR H    H N N 295 
THR H2   H N N 296 
THR HA   H N N 297 
THR HB   H N N 298 
THR HG1  H N N 299 
THR HG21 H N N 300 
THR HG22 H N N 301 
THR HG23 H N N 302 
THR HXT  H N N 303 
TRP N    N N N 304 
TRP CA   C N S 305 
TRP C    C N N 306 
TRP O    O N N 307 
TRP CB   C N N 308 
TRP CG   C Y N 309 
TRP CD1  C Y N 310 
TRP CD2  C Y N 311 
TRP NE1  N Y N 312 
TRP CE2  C Y N 313 
TRP CE3  C Y N 314 
TRP CZ2  C Y N 315 
TRP CZ3  C Y N 316 
TRP CH2  C Y N 317 
TRP OXT  O N N 318 
TRP H    H N N 319 
TRP H2   H N N 320 
TRP HA   H N N 321 
TRP HB2  H N N 322 
TRP HB3  H N N 323 
TRP HD1  H N N 324 
TRP HE1  H N N 325 
TRP HE3  H N N 326 
TRP HZ2  H N N 327 
TRP HZ3  H N N 328 
TRP HH2  H N N 329 
TRP HXT  H N N 330 
TYR N    N N N 331 
TYR CA   C N S 332 
TYR C    C N N 333 
TYR O    O N N 334 
TYR CB   C N N 335 
TYR CG   C Y N 336 
TYR CD1  C Y N 337 
TYR CD2  C Y N 338 
TYR CE1  C Y N 339 
TYR CE2  C Y N 340 
TYR CZ   C Y N 341 
TYR OH   O N N 342 
TYR OXT  O N N 343 
TYR H    H N N 344 
TYR H2   H N N 345 
TYR HA   H N N 346 
TYR HB2  H N N 347 
TYR HB3  H N N 348 
TYR HD1  H N N 349 
TYR HD2  H N N 350 
TYR HE1  H N N 351 
TYR HE2  H N N 352 
TYR HH   H N N 353 
TYR HXT  H N N 354 
VAL N    N N N 355 
VAL CA   C N S 356 
VAL C    C N N 357 
VAL O    O N N 358 
VAL CB   C N N 359 
VAL CG1  C N N 360 
VAL CG2  C N N 361 
VAL OXT  O N N 362 
VAL H    H N N 363 
VAL H2   H N N 364 
VAL HA   H N N 365 
VAL HB   H N N 366 
VAL HG11 H N N 367 
VAL HG12 H N N 368 
VAL HG13 H N N 369 
VAL HG21 H N N 370 
VAL HG22 H N N 371 
VAL HG23 H N N 372 
VAL HXT  H N N 373 
# 
loop_
_chem_comp_bond.comp_id 
_chem_comp_bond.atom_id_1 
_chem_comp_bond.atom_id_2 
_chem_comp_bond.value_order 
_chem_comp_bond.pdbx_aromatic_flag 
_chem_comp_bond.pdbx_stereo_config 
_chem_comp_bond.pdbx_ordinal 
ALA N   CA   sing N N 1   
ALA N   H    sing N N 2   
ALA N   H2   sing N N 3   
ALA CA  C    sing N N 4   
ALA CA  CB   sing N N 5   
ALA CA  HA   sing N N 6   
ALA C   O    doub N N 7   
ALA C   OXT  sing N N 8   
ALA CB  HB1  sing N N 9   
ALA CB  HB2  sing N N 10  
ALA CB  HB3  sing N N 11  
ALA OXT HXT  sing N N 12  
ARG N   CA   sing N N 13  
ARG N   H    sing N N 14  
ARG N   H2   sing N N 15  
ARG CA  C    sing N N 16  
ARG CA  CB   sing N N 17  
ARG CA  HA   sing N N 18  
ARG C   O    doub N N 19  
ARG C   OXT  sing N N 20  
ARG CB  CG   sing N N 21  
ARG CB  HB2  sing N N 22  
ARG CB  HB3  sing N N 23  
ARG CG  CD   sing N N 24  
ARG CG  HG2  sing N N 25  
ARG CG  HG3  sing N N 26  
ARG CD  NE   sing N N 27  
ARG CD  HD2  sing N N 28  
ARG CD  HD3  sing N N 29  
ARG NE  CZ   sing N N 30  
ARG NE  HE   sing N N 31  
ARG CZ  NH1  sing N N 32  
ARG CZ  NH2  doub N N 33  
ARG NH1 HH11 sing N N 34  
ARG NH1 HH12 sing N N 35  
ARG NH2 HH21 sing N N 36  
ARG NH2 HH22 sing N N 37  
ARG OXT HXT  sing N N 38  
ASP N   CA   sing N N 39  
ASP N   H    sing N N 40  
ASP N   H2   sing N N 41  
ASP CA  C    sing N N 42  
ASP CA  CB   sing N N 43  
ASP CA  HA   sing N N 44  
ASP C   O    doub N N 45  
ASP C   OXT  sing N N 46  
ASP CB  CG   sing N N 47  
ASP CB  HB2  sing N N 48  
ASP CB  HB3  sing N N 49  
ASP CG  OD1  doub N N 50  
ASP CG  OD2  sing N N 51  
ASP OD2 HD2  sing N N 52  
ASP OXT HXT  sing N N 53  
CYS N   CA   sing N N 54  
CYS N   H    sing N N 55  
CYS N   H2   sing N N 56  
CYS CA  C    sing N N 57  
CYS CA  CB   sing N N 58  
CYS CA  HA   sing N N 59  
CYS C   O    doub N N 60  
CYS C   OXT  sing N N 61  
CYS CB  SG   sing N N 62  
CYS CB  HB2  sing N N 63  
CYS CB  HB3  sing N N 64  
CYS SG  HG   sing N N 65  
CYS OXT HXT  sing N N 66  
GLN N   CA   sing N N 67  
GLN N   H    sing N N 68  
GLN N   H2   sing N N 69  
GLN CA  C    sing N N 70  
GLN CA  CB   sing N N 71  
GLN CA  HA   sing N N 72  
GLN C   O    doub N N 73  
GLN C   OXT  sing N N 74  
GLN CB  CG   sing N N 75  
GLN CB  HB2  sing N N 76  
GLN CB  HB3  sing N N 77  
GLN CG  CD   sing N N 78  
GLN CG  HG2  sing N N 79  
GLN CG  HG3  sing N N 80  
GLN CD  OE1  doub N N 81  
GLN CD  NE2  sing N N 82  
GLN NE2 HE21 sing N N 83  
GLN NE2 HE22 sing N N 84  
GLN OXT HXT  sing N N 85  
GLU N   CA   sing N N 86  
GLU N   H    sing N N 87  
GLU N   H2   sing N N 88  
GLU CA  C    sing N N 89  
GLU CA  CB   sing N N 90  
GLU CA  HA   sing N N 91  
GLU C   O    doub N N 92  
GLU C   OXT  sing N N 93  
GLU CB  CG   sing N N 94  
GLU CB  HB2  sing N N 95  
GLU CB  HB3  sing N N 96  
GLU CG  CD   sing N N 97  
GLU CG  HG2  sing N N 98  
GLU CG  HG3  sing N N 99  
GLU CD  OE1  doub N N 100 
GLU CD  OE2  sing N N 101 
GLU OE2 HE2  sing N N 102 
GLU OXT HXT  sing N N 103 
GLY N   CA   sing N N 104 
GLY N   H    sing N N 105 
GLY N   H2   sing N N 106 
GLY CA  C    sing N N 107 
GLY CA  HA2  sing N N 108 
GLY CA  HA3  sing N N 109 
GLY C   O    doub N N 110 
GLY C   OXT  sing N N 111 
GLY OXT HXT  sing N N 112 
HIS N   CA   sing N N 113 
HIS N   H    sing N N 114 
HIS N   H2   sing N N 115 
HIS CA  C    sing N N 116 
HIS CA  CB   sing N N 117 
HIS CA  HA   sing N N 118 
HIS C   O    doub N N 119 
HIS C   OXT  sing N N 120 
HIS CB  CG   sing N N 121 
HIS CB  HB2  sing N N 122 
HIS CB  HB3  sing N N 123 
HIS CG  ND1  sing Y N 124 
HIS CG  CD2  doub Y N 125 
HIS ND1 CE1  doub Y N 126 
HIS ND1 HD1  sing N N 127 
HIS CD2 NE2  sing Y N 128 
HIS CD2 HD2  sing N N 129 
HIS CE1 NE2  sing Y N 130 
HIS CE1 HE1  sing N N 131 
HIS NE2 HE2  sing N N 132 
HIS OXT HXT  sing N N 133 
HOH O   H1   sing N N 134 
HOH O   H2   sing N N 135 
ILE N   CA   sing N N 136 
ILE N   H    sing N N 137 
ILE N   H2   sing N N 138 
ILE CA  C    sing N N 139 
ILE CA  CB   sing N N 140 
ILE CA  HA   sing N N 141 
ILE C   O    doub N N 142 
ILE C   OXT  sing N N 143 
ILE CB  CG1  sing N N 144 
ILE CB  CG2  sing N N 145 
ILE CB  HB   sing N N 146 
ILE CG1 CD1  sing N N 147 
ILE CG1 HG12 sing N N 148 
ILE CG1 HG13 sing N N 149 
ILE CG2 HG21 sing N N 150 
ILE CG2 HG22 sing N N 151 
ILE CG2 HG23 sing N N 152 
ILE CD1 HD11 sing N N 153 
ILE CD1 HD12 sing N N 154 
ILE CD1 HD13 sing N N 155 
ILE OXT HXT  sing N N 156 
LEU N   CA   sing N N 157 
LEU N   H    sing N N 158 
LEU N   H2   sing N N 159 
LEU CA  C    sing N N 160 
LEU CA  CB   sing N N 161 
LEU CA  HA   sing N N 162 
LEU C   O    doub N N 163 
LEU C   OXT  sing N N 164 
LEU CB  CG   sing N N 165 
LEU CB  HB2  sing N N 166 
LEU CB  HB3  sing N N 167 
LEU CG  CD1  sing N N 168 
LEU CG  CD2  sing N N 169 
LEU CG  HG   sing N N 170 
LEU CD1 HD11 sing N N 171 
LEU CD1 HD12 sing N N 172 
LEU CD1 HD13 sing N N 173 
LEU CD2 HD21 sing N N 174 
LEU CD2 HD22 sing N N 175 
LEU CD2 HD23 sing N N 176 
LEU OXT HXT  sing N N 177 
LYS N   CA   sing N N 178 
LYS N   H    sing N N 179 
LYS N   H2   sing N N 180 
LYS CA  C    sing N N 181 
LYS CA  CB   sing N N 182 
LYS CA  HA   sing N N 183 
LYS C   O    doub N N 184 
LYS C   OXT  sing N N 185 
LYS CB  CG   sing N N 186 
LYS CB  HB2  sing N N 187 
LYS CB  HB3  sing N N 188 
LYS CG  CD   sing N N 189 
LYS CG  HG2  sing N N 190 
LYS CG  HG3  sing N N 191 
LYS CD  CE   sing N N 192 
LYS CD  HD2  sing N N 193 
LYS CD  HD3  sing N N 194 
LYS CE  NZ   sing N N 195 
LYS CE  HE2  sing N N 196 
LYS CE  HE3  sing N N 197 
LYS NZ  HZ1  sing N N 198 
LYS NZ  HZ2  sing N N 199 
LYS NZ  HZ3  sing N N 200 
LYS OXT HXT  sing N N 201 
MET N   CA   sing N N 202 
MET N   H    sing N N 203 
MET N   H2   sing N N 204 
MET CA  C    sing N N 205 
MET CA  CB   sing N N 206 
MET CA  HA   sing N N 207 
MET C   O    doub N N 208 
MET C   OXT  sing N N 209 
MET CB  CG   sing N N 210 
MET CB  HB2  sing N N 211 
MET CB  HB3  sing N N 212 
MET CG  SD   sing N N 213 
MET CG  HG2  sing N N 214 
MET CG  HG3  sing N N 215 
MET SD  CE   sing N N 216 
MET CE  HE1  sing N N 217 
MET CE  HE2  sing N N 218 
MET CE  HE3  sing N N 219 
MET OXT HXT  sing N N 220 
PHE N   CA   sing N N 221 
PHE N   H    sing N N 222 
PHE N   H2   sing N N 223 
PHE CA  C    sing N N 224 
PHE CA  CB   sing N N 225 
PHE CA  HA   sing N N 226 
PHE C   O    doub N N 227 
PHE C   OXT  sing N N 228 
PHE CB  CG   sing N N 229 
PHE CB  HB2  sing N N 230 
PHE CB  HB3  sing N N 231 
PHE CG  CD1  doub Y N 232 
PHE CG  CD2  sing Y N 233 
PHE CD1 CE1  sing Y N 234 
PHE CD1 HD1  sing N N 235 
PHE CD2 CE2  doub Y N 236 
PHE CD2 HD2  sing N N 237 
PHE CE1 CZ   doub Y N 238 
PHE CE1 HE1  sing N N 239 
PHE CE2 CZ   sing Y N 240 
PHE CE2 HE2  sing N N 241 
PHE CZ  HZ   sing N N 242 
PHE OXT HXT  sing N N 243 
PRO N   CA   sing N N 244 
PRO N   CD   sing N N 245 
PRO N   H    sing N N 246 
PRO CA  C    sing N N 247 
PRO CA  CB   sing N N 248 
PRO CA  HA   sing N N 249 
PRO C   O    doub N N 250 
PRO C   OXT  sing N N 251 
PRO CB  CG   sing N N 252 
PRO CB  HB2  sing N N 253 
PRO CB  HB3  sing N N 254 
PRO CG  CD   sing N N 255 
PRO CG  HG2  sing N N 256 
PRO CG  HG3  sing N N 257 
PRO CD  HD2  sing N N 258 
PRO CD  HD3  sing N N 259 
PRO OXT HXT  sing N N 260 
SER N   CA   sing N N 261 
SER N   H    sing N N 262 
SER N   H2   sing N N 263 
SER CA  C    sing N N 264 
SER CA  CB   sing N N 265 
SER CA  HA   sing N N 266 
SER C   O    doub N N 267 
SER C   OXT  sing N N 268 
SER CB  OG   sing N N 269 
SER CB  HB2  sing N N 270 
SER CB  HB3  sing N N 271 
SER OG  HG   sing N N 272 
SER OXT HXT  sing N N 273 
THR N   CA   sing N N 274 
THR N   H    sing N N 275 
THR N   H2   sing N N 276 
THR CA  C    sing N N 277 
THR CA  CB   sing N N 278 
THR CA  HA   sing N N 279 
THR C   O    doub N N 280 
THR C   OXT  sing N N 281 
THR CB  OG1  sing N N 282 
THR CB  CG2  sing N N 283 
THR CB  HB   sing N N 284 
THR OG1 HG1  sing N N 285 
THR CG2 HG21 sing N N 286 
THR CG2 HG22 sing N N 287 
THR CG2 HG23 sing N N 288 
THR OXT HXT  sing N N 289 
TRP N   CA   sing N N 290 
TRP N   H    sing N N 291 
TRP N   H2   sing N N 292 
TRP CA  C    sing N N 293 
TRP CA  CB   sing N N 294 
TRP CA  HA   sing N N 295 
TRP C   O    doub N N 296 
TRP C   OXT  sing N N 297 
TRP CB  CG   sing N N 298 
TRP CB  HB2  sing N N 299 
TRP CB  HB3  sing N N 300 
TRP CG  CD1  doub Y N 301 
TRP CG  CD2  sing Y N 302 
TRP CD1 NE1  sing Y N 303 
TRP CD1 HD1  sing N N 304 
TRP CD2 CE2  doub Y N 305 
TRP CD2 CE3  sing Y N 306 
TRP NE1 CE2  sing Y N 307 
TRP NE1 HE1  sing N N 308 
TRP CE2 CZ2  sing Y N 309 
TRP CE3 CZ3  doub Y N 310 
TRP CE3 HE3  sing N N 311 
TRP CZ2 CH2  doub Y N 312 
TRP CZ2 HZ2  sing N N 313 
TRP CZ3 CH2  sing Y N 314 
TRP CZ3 HZ3  sing N N 315 
TRP CH2 HH2  sing N N 316 
TRP OXT HXT  sing N N 317 
TYR N   CA   sing N N 318 
TYR N   H    sing N N 319 
TYR N   H2   sing N N 320 
TYR CA  C    sing N N 321 
TYR CA  CB   sing N N 322 
TYR CA  HA   sing N N 323 
TYR C   O    doub N N 324 
TYR C   OXT  sing N N 325 
TYR CB  CG   sing N N 326 
TYR CB  HB2  sing N N 327 
TYR CB  HB3  sing N N 328 
TYR CG  CD1  doub Y N 329 
TYR CG  CD2  sing Y N 330 
TYR CD1 CE1  sing Y N 331 
TYR CD1 HD1  sing N N 332 
TYR CD2 CE2  doub Y N 333 
TYR CD2 HD2  sing N N 334 
TYR CE1 CZ   doub Y N 335 
TYR CE1 HE1  sing N N 336 
TYR CE2 CZ   sing Y N 337 
TYR CE2 HE2  sing N N 338 
TYR CZ  OH   sing N N 339 
TYR OH  HH   sing N N 340 
TYR OXT HXT  sing N N 341 
VAL N   CA   sing N N 342 
VAL N   H    sing N N 343 
VAL N   H2   sing N N 344 
VAL CA  C    sing N N 345 
VAL CA  CB   sing N N 346 
VAL CA  HA   sing N N 347 
VAL C   O    doub N N 348 
VAL C   OXT  sing N N 349 
VAL CB  CG1  sing N N 350 
VAL CB  CG2  sing N N 351 
VAL CB  HB   sing N N 352 
VAL CG1 HG11 sing N N 353 
VAL CG1 HG12 sing N N 354 
VAL CG1 HG13 sing N N 355 
VAL CG2 HG21 sing N N 356 
VAL CG2 HG22 sing N N 357 
VAL CG2 HG23 sing N N 358 
VAL OXT HXT  sing N N 359 
# 
_pdbx_audit_support.funding_organization   'Alexander von Humboldt Foundation' 
_pdbx_audit_support.country                Germany 
_pdbx_audit_support.grant_number           ? 
_pdbx_audit_support.ordinal                1 
# 
_pdbx_initial_refinement_model.id               1 
_pdbx_initial_refinement_model.entity_id_list   ? 
_pdbx_initial_refinement_model.type             'in silico model' 
_pdbx_initial_refinement_model.source_name      AlphaFold 
_pdbx_initial_refinement_model.accession_code   ? 
_pdbx_initial_refinement_model.details          ? 
# 
_space_group.name_H-M_alt     'C 2 2 21' 
_space_group.name_Hall        'C 2c 2' 
_space_group.IT_number        20 
_space_group.crystal_system   orthorhombic 
_space_group.id               1 
# 
_atom_sites.entry_id                    8OXI 
_atom_sites.Cartn_transf_matrix[1][1]   ? 
_atom_sites.Cartn_transf_matrix[1][2]   ? 
_atom_sites.Cartn_transf_matrix[1][3]   ? 
_atom_sites.Cartn_transf_matrix[2][1]   ? 
_atom_sites.Cartn_transf_matrix[2][2]   ? 
_atom_sites.Cartn_transf_matrix[2][3]   ? 
_atom_sites.Cartn_transf_matrix[3][1]   ? 
_atom_sites.Cartn_transf_matrix[3][2]   ? 
_atom_sites.Cartn_transf_matrix[3][3]   ? 
_atom_sites.Cartn_transf_vector[1]      ? 
_atom_sites.Cartn_transf_vector[2]      ? 
_atom_sites.Cartn_transf_vector[3]      ? 
_atom_sites.fract_transf_matrix[1][1]   0.01290095 
_atom_sites.fract_transf_matrix[1][2]   -0.00150020 
_atom_sites.fract_transf_matrix[1][3]   -0.01499669 
_atom_sites.fract_transf_matrix[2][1]   -0.00763511 
_atom_sites.fract_transf_matrix[2][2]   -0.01618235 
_atom_sites.fract_transf_matrix[2][3]   -0.00494933 
_atom_sites.fract_transf_matrix[3][1]   -0.01033361 
_atom_sites.fract_transf_matrix[3][2]   0.00783410 
_atom_sites.fract_transf_matrix[3][3]   -0.00967321 
_atom_sites.fract_transf_vector[1]      0.243646 
_atom_sites.fract_transf_vector[2]      0.242327 
_atom_sites.fract_transf_vector[3]      -0.123325 
_atom_sites.solution_primary            ? 
_atom_sites.solution_secondary          ? 
_atom_sites.solution_hydrogens          ? 
_atom_sites.special_details             ? 
# 
loop_
_atom_type.symbol 
_atom_type.scat_dispersion_real 
_atom_type.scat_dispersion_imag 
_atom_type.scat_Cromer_Mann_a1 
_atom_type.scat_Cromer_Mann_a2 
_atom_type.scat_Cromer_Mann_a3 
_atom_type.scat_Cromer_Mann_a4 
_atom_type.scat_Cromer_Mann_b1 
_atom_type.scat_Cromer_Mann_b2 
_atom_type.scat_Cromer_Mann_b3 
_atom_type.scat_Cromer_Mann_b4 
_atom_type.scat_Cromer_Mann_c 
_atom_type.scat_source 
_atom_type.scat_dispersion_source 
C ? ? 3.54356 2.42580 ? ? 25.62398 1.50364  ? ? 0.0 
;2-Gaussian fit: Grosse-Kunstleve RW, Sauter NK, Adams PD: Newsletter of the IUCr Commission on Crystallographic Computing 2004, 3, 22-31.
;
? 
H ? ? 0.51345 0.48472 ? ? 24.73122 6.32584  ? ? 0.0 
;2-Gaussian fit: Grosse-Kunstleve RW, Sauter NK, Adams PD: Newsletter of the IUCr Commission on Crystallographic Computing 2004, 3, 22-31.
;
? 
N ? ? 4.01032 2.96436 ? ? 19.97189 1.75589  ? ? 0.0 
;2-Gaussian fit: Grosse-Kunstleve RW, Sauter NK, Adams PD: Newsletter of the IUCr Commission on Crystallographic Computing 2004, 3, 22-31.
;
? 
O ? ? 4.49882 3.47563 ? ? 15.80542 1.70748  ? ? 0.0 
;2-Gaussian fit: Grosse-Kunstleve RW, Sauter NK, Adams PD: Newsletter of the IUCr Commission on Crystallographic Computing 2004, 3, 22-31.
;
? 
S ? ? 9.55732 6.39887 ? ? 1.23737  29.19336 ? ? 0.0 
;2-Gaussian fit: Grosse-Kunstleve RW, Sauter NK, Adams PD: Newsletter of the IUCr Commission on Crystallographic Computing 2004, 3, 22-31.
;
? 
# 
loop_
_atom_site.group_PDB 
_atom_site.id 
_atom_site.type_symbol 
_atom_site.label_atom_id 
_atom_site.label_alt_id 
_atom_site.label_comp_id 
_atom_site.label_asym_id 
_atom_site.label_entity_id 
_atom_site.label_seq_id 
_atom_site.pdbx_PDB_ins_code 
_atom_site.Cartn_x 
_atom_site.Cartn_y 
_atom_site.Cartn_z 
_atom_site.occupancy 
_atom_site.B_iso_or_equiv 
_atom_site.pdbx_formal_charge 
_atom_site.auth_seq_id 
_atom_site.auth_comp_id 
_atom_site.auth_asym_id 
_atom_site.auth_atom_id 
_atom_site.pdbx_PDB_model_num 
ATOM   1    N N    . GLY A 1 1   ? 14.55494  -18.98626 7.52113   1.000 30.77868 ? -4  GLY A N    1 
ATOM   2    C CA   . GLY A 1 1   ? 14.39190  -18.38893 6.20539   1.000 30.43324 ? -4  GLY A CA   1 
ATOM   3    C C    . GLY A 1 1   ? 15.71457  -17.84254 5.71721   1.000 28.68696 ? -4  GLY A C    1 
ATOM   4    O O    . GLY A 1 1   ? 16.71397  -17.90349 6.42618   1.000 29.19778 ? -4  GLY A O    1 
ATOM   5    N N    . PRO A 1 2   ? 15.73953  -17.29815 4.50788   1.000 28.95229 ? -3  PRO A N    1 
ATOM   6    C CA   . PRO A 1 2   ? 16.99962  -16.75055 3.99673   1.000 22.76955 ? -3  PRO A CA   1 
ATOM   7    C C    . PRO A 1 2   ? 17.35813  -15.46728 4.71904   1.000 25.49861 ? -3  PRO A C    1 
ATOM   8    O O    . PRO A 1 2   ? 16.48837  -14.66277 5.08095   1.000 24.53125 ? -3  PRO A O    1 
ATOM   9    C CB   . PRO A 1 2   ? 16.71580  -16.47504 2.51402   1.000 25.65108 ? -3  PRO A CB   1 
ATOM   10   C CG   . PRO A 1 2   ? 15.22471  -16.49880 2.39600   1.000 33.77295 ? -3  PRO A CG   1 
ATOM   11   C CD   . PRO A 1 2   ? 14.70489  -17.39973 3.46524   1.000 27.94863 ? -3  PRO A CD   1 
ATOM   12   N N    . LEU A 1 3   ? 18.65597  -15.29457 4.92321   1.000 21.59073 ? -2  LEU A N    1 
ATOM   13   C CA   . LEU A 1 3   ? 19.19933  -14.08815 5.52118   1.000 20.21624 ? -2  LEU A CA   1 
ATOM   14   C C    . LEU A 1 3   ? 19.01536  -12.88803 4.60219   1.000 21.43752 ? -2  LEU A C    1 
ATOM   15   O O    . LEU A 1 3   ? 19.30998  -12.93406 3.40028   1.000 22.28220 ? -2  LEU A O    1 
ATOM   16   C CB   . LEU A 1 3   ? 20.67850  -14.29061 5.83164   1.000 18.43618 ? -2  LEU A CB   1 
ATOM   17   C CG   . LEU A 1 3   ? 21.31765  -13.14364 6.60419   1.000 17.14789 ? -2  LEU A CG   1 
ATOM   18   C CD1  . LEU A 1 3   ? 20.78299  -13.12975 8.04997   1.000 17.21308 ? -2  LEU A CD1  1 
ATOM   19   C CD2  . LEU A 1 3   ? 22.84776  -13.31281 6.60853   1.000 20.11411 ? -2  LEU A CD2  1 
ATOM   20   N N    . GLY A 1 4   ? 18.56548  -11.78643 5.18102   1.000 18.57514 ? -1  GLY A N    1 
ATOM   21   C CA   . GLY A 1 4   ? 18.49432  -10.55008 4.43968   1.000 19.13287 ? -1  GLY A CA   1 
ATOM   22   C C    . GLY A 1 4   ? 18.43959  -9.34636  5.34601   1.000 19.08414 ? -1  GLY A C    1 
ATOM   23   O O    . GLY A 1 4   ? 17.86210  -9.40941  6.44145   1.000 19.61006 ? -1  GLY A O    1 
ATOM   24   N N    . SER A 1 5   ? 19.12561  -8.28165  4.95325   1.000 19.09008 ? 0   SER A N    1 
ATOM   25   C CA   . SER A 1 5   ? 19.03835  -7.04939  5.71283   1.000 18.24185 ? 0   SER A CA   1 
ATOM   26   C C    . SER A 1 5   ? 17.71629  -6.36480  5.42146   1.000 20.60123 ? 0   SER A C    1 
ATOM   27   O O    . SER A 1 5   ? 16.96729  -6.74674  4.50871   1.000 22.44383 ? 0   SER A O    1 
ATOM   28   C CB   . SER A 1 5   ? 20.22517  -6.13531  5.41936   1.000 20.71303 ? 0   SER A CB   1 
ATOM   29   O OG   . SER A 1 5   ? 20.19283  -5.64353  4.09369   1.000 27.15768 ? 0   SER A OG   1 
ATOM   30   N N    . MET A 1 6   ? 17.42462  -5.33413  6.20093   1.000 17.58277 ? 1   MET A N    1 
ATOM   31   C CA   . MET A 1 6   ? 16.13010  -4.69918  6.06802   1.000 17.84423 ? 1   MET A CA   1 
ATOM   32   C C    . MET A 1 6   ? 16.12830  -3.74894  4.86806   1.000 22.48087 ? 1   MET A C    1 
ATOM   33   O O    . MET A 1 6   ? 17.03292  -2.92768  4.69891   1.000 22.91408 ? 1   MET A O    1 
ATOM   34   C CB   . MET A 1 6   ? 15.72875  -4.05519  7.40419   1.000 17.72428 ? 1   MET A CB   1 
ATOM   35   C CG   . MET A 1 6   ? 14.49290  -3.27817  7.22089   1.000 19.15569 ? 1   MET A CG   1 
ATOM   36   S SD   . MET A 1 6   ? 13.18014  -4.49751  7.61416   1.000 21.33555 ? 1   MET A SD   1 
ATOM   37   C CE   . MET A 1 6   ? 11.90479  -3.41582  7.37423   1.000 22.80922 ? 1   MET A CE   1 
ATOM   38   H HA   . MET A 1 6   ? 15.43615  -5.35118  5.88300   1.000 21.44095 ? 1   MET A HA   1 
ATOM   39   N N    . GLU A 1 7   ? 15.14520  -3.94777  3.99051   1.000 27.03342 ? 2   GLU A N    1 
ATOM   40   C CA   . GLU A 1 7   ? 14.98162  -3.07979  2.83673   1.000 27.96519 ? 2   GLU A CA   1 
ATOM   41   C C    . GLU A 1 7   ? 14.09701  -1.89448  3.21955   1.000 23.92664 ? 2   GLU A C    1 
ATOM   42   O O    . GLU A 1 7   ? 13.53508  -1.83938  4.32150   1.000 22.49112 ? 2   GLU A O    1 
ATOM   43   C CB   . GLU A 1 7   ? 14.41389  -3.84813  1.63038   1.000 37.48450 ? 2   GLU A CB   1 
ATOM   44   C CG   . GLU A 1 7   ? 13.07696  -4.53112  1.86671   1.000 41.03035 ? 2   GLU A CG   1 
ATOM   45   C CD   . GLU A 1 7   ? 12.23359  -4.72375  0.56482   1.000 51.52401 ? 2   GLU A CD   1 
ATOM   46   O OE1  . GLU A 1 7   ? 12.77896  -4.56278  -0.56075  1.000 56.53229 ? 2   GLU A OE1  1 
ATOM   47   O OE2  . GLU A 1 7   ? 10.99401  -4.99010  0.66801   1.000 39.07602 ? 2   GLU A OE2  1 
ATOM   48   H H    . GLU A 1 7   ? 14.56348  -4.57879  4.04546   1.000 32.46798 ? 2   GLU A H    1 
ATOM   49   H HA   . GLU A 1 7   ? 15.84653  -2.74181  2.55634   1.000 33.58610 ? 2   GLU A HA   1 
ATOM   50   H HB2  . GLU A 1 7   ? 14.29439  -3.22305  0.89833   1.000 45.00927 ? 2   GLU A HB2  1 
ATOM   51   H HB3  . GLU A 1 7   ? 15.05000  -4.53588  1.37888   1.000 45.00927 ? 2   GLU A HB3  1 
ATOM   52   H HG2  . GLU A 1 7   ? 13.23700  -5.40831  2.24857   1.000 49.26430 ? 2   GLU A HG2  1 
ATOM   53   H HG3  . GLU A 1 7   ? 12.55460  -3.99209  2.48110   1.000 49.26430 ? 2   GLU A HG3  1 
ATOM   54   N N    . SER A 1 8   ? 14.02647  -0.91050  2.32062   1.000 25.46766 ? 3   SER A N    1 
ATOM   55   C CA   . SER A 1 8   ? 13.18013  0.24962   2.56048   1.000 21.49399 ? 3   SER A CA   1 
ATOM   56   C C    . SER A 1 8   ? 11.77407  -0.18270  2.92710   1.000 21.01837 ? 3   SER A C    1 
ATOM   57   O O    . SER A 1 8   ? 11.28496  -1.24683  2.54491   1.000 20.27450 ? 3   SER A O    1 
ATOM   58   C CB   . SER A 1 8   ? 13.15331  1.19424   1.34864   1.000 26.65457 ? 3   SER A CB   1 
ATOM   59   O OG   . SER A 1 8   ? 14.46081  1.39423   0.85585   1.000 29.02756 ? 3   SER A OG   1 
ATOM   60   H H    . SER A 1 8   ? 14.45443  -0.89415  1.57485   1.000 30.58906 ? 3   SER A H    1 
ATOM   61   H HA   . SER A 1 8   ? 13.55042  0.75269   3.30259   1.000 25.82067 ? 3   SER A HA   1 
ATOM   62   H HB2  . SER A 1 8   ? 12.60699  0.80055   0.65047   1.000 32.01336 ? 3   SER A HB2  1 
ATOM   63   H HB3  . SER A 1 8   ? 12.78124  2.04822   1.61917   1.000 32.01336 ? 3   SER A HB3  1 
ATOM   64   H HG   . SER A 1 8   ? 14.45422  1.97888   0.25274   1.000 34.86094 ? 3   SER A HG   1 
ATOM   65   N N    . TYR A 1 9   ? 11.13237  0.64836   3.72496   1.000 19.69323 ? 4   TYR A N    1 
ATOM   66   C CA   . TYR A 1 9   ? 9.81101   0.30488   4.20256   1.000 20.88048 ? 4   TYR A CA   1 
ATOM   67   C C    . TYR A 1 9   ? 9.13815   1.57778   4.65746   1.000 18.19994 ? 4   TYR A C    1 
ATOM   68   O O    . TYR A 1 9   ? 9.76203   2.63225   4.77141   1.000 20.34932 ? 4   TYR A O    1 
ATOM   69   C CB   . TYR A 1 9   ? 9.86047   -0.70546  5.36260   1.000 17.79585 ? 4   TYR A CB   1 
ATOM   70   C CG   . TYR A 1 9   ? 10.49079  -0.13933  6.62905   1.000 22.54741 ? 4   TYR A CG   1 
ATOM   71   C CD1  . TYR A 1 9   ? 11.87206  -0.10330  6.79689   1.000 21.93118 ? 4   TYR A CD1  1 
ATOM   72   C CD2  . TYR A 1 9   ? 9.70404   0.29711   7.68379   1.000 20.58027 ? 4   TYR A CD2  1 
ATOM   73   C CE1  . TYR A 1 9   ? 12.44206  0.40688   7.95300   1.000 22.91359 ? 4   TYR A CE1  1 
ATOM   74   C CE2  . TYR A 1 9   ? 10.27351  0.81076   8.83299   1.000 21.61647 ? 4   TYR A CE2  1 
ATOM   75   C CZ   . TYR A 1 9   ? 11.62763  0.86530   8.95335   1.000 23.07112 ? 4   TYR A CZ   1 
ATOM   76   O OH   . TYR A 1 9   ? 12.18219  1.37343   10.10352  1.000 29.18184 ? 4   TYR A OH   1 
ATOM   77   H H    . TYR A 1 9   ? 11.43638  1.40465   3.99917   1.000 23.65975 ? 4   TYR A H    1 
ATOM   78   H HA   . TYR A 1 9   ? 9.30771   -0.09050  3.47368   1.000 25.08445 ? 4   TYR A HA   1 
ATOM   79   H HB2  . TYR A 1 9   ? 8.95549   -0.98063  5.57754   1.000 21.38289 ? 4   TYR A HB2  1 
ATOM   80   H HB3  . TYR A 1 9   ? 10.38427  -1.47394  5.08696   1.000 21.38289 ? 4   TYR A HB3  1 
ATOM   81   H HD1  . TYR A 1 9   ? 12.42264  -0.42740  6.12108   1.000 26.34529 ? 4   TYR A HD1  1 
ATOM   82   H HD2  . TYR A 1 9   ? 8.77803   0.24325   7.61669   1.000 24.72420 ? 4   TYR A HD2  1 
ATOM   83   H HE1  . TYR A 1 9   ? 13.36670  0.43735   8.04790   1.000 27.52419 ? 4   TYR A HE1  1 
ATOM   84   H HE2  . TYR A 1 9   ? 9.73193   1.11884   9.52340   1.000 25.96764 ? 4   TYR A HE2  1 
ATOM   85   H HH   . TYR A 1 9   ? 11.59947  1.42119   10.70665  1.000 35.04609 ? 4   TYR A HH   1 
ATOM   86   N N    . TRP A 1 10  ? 7.83384   1.46522   4.89515   1.000 18.72340 ? 5   TRP A N    1 
ATOM   87   C CA   . TRP A 1 10  ? 7.02198   2.55373   5.41301   1.000 18.01279 ? 5   TRP A CA   1 
ATOM   88   C C    . TRP A 1 10  ? 6.69982   2.26293   6.86990   1.000 16.02566 ? 5   TRP A C    1 
ATOM   89   O O    . TRP A 1 10  ? 6.33391   1.13850   7.20691   1.000 18.16309 ? 5   TRP A O    1 
ATOM   90   C CB   . TRP A 1 10  ? 5.72442   2.68432   4.61450   1.000 20.02859 ? 5   TRP A CB   1 
ATOM   91   C CG   . TRP A 1 10  ? 5.86016   3.54572   3.38125   1.000 18.07950 ? 5   TRP A CG   1 
ATOM   92   C CD1  . TRP A 1 10  ? 5.63049   4.88561   3.30450   1.000 24.91424 ? 5   TRP A CD1  1 
ATOM   93   C CD2  . TRP A 1 10  ? 6.19454   3.12437   2.05962   1.000 27.13932 ? 5   TRP A CD2  1 
ATOM   94   N NE1  . TRP A 1 10  ? 5.83219   5.33074   2.03651   1.000 30.49185 ? 5   TRP A NE1  1 
ATOM   95   C CE2  . TRP A 1 10  ? 6.15421   4.26974   1.23751   1.000 24.95132 ? 5   TRP A CE2  1 
ATOM   96   C CE3  . TRP A 1 10  ? 6.50446   1.90165   1.48934   1.000 29.86770 ? 5   TRP A CE3  1 
ATOM   97   C CZ2  . TRP A 1 10  ? 6.45419   4.23495   -0.12830  1.000 30.75603 ? 5   TRP A CZ2  1 
ATOM   98   C CZ3  . TRP A 1 10  ? 6.80904   1.86102   0.11781   1.000 29.70013 ? 5   TRP A CZ3  1 
ATOM   99   C CH2  . TRP A 1 10  ? 6.77411   3.02382   -0.67270  1.000 36.07594 ? 5   TRP A CH2  1 
ATOM   100  H H    . TRP A 1 10  ? 7.38576   0.74394   4.75888   1.000 22.49596 ? 5   TRP A H    1 
ATOM   101  H HA   . TRP A 1 10  ? 7.50034   3.39517   5.34935   1.000 21.64322 ? 5   TRP A HA   1 
ATOM   102  H HB2  . TRP A 1 10  ? 5.44168   1.80105   4.33027   1.000 24.06218 ? 5   TRP A HB2  1 
ATOM   103  H HB3  . TRP A 1 10  ? 5.04643   3.08300   5.18219   1.000 24.06218 ? 5   TRP A HB3  1 
ATOM   104  H HD1  . TRP A 1 10  ? 5.37187   5.42105   4.01956   1.000 29.92496 ? 5   TRP A HD1  1 
ATOM   105  H HE1  . TRP A 1 10  ? 5.76759   6.14853   1.77836   1.000 36.61809 ? 5   TRP A HE1  1 
ATOM   106  H HE3  . TRP A 1 10  ? 6.51099   1.12547   2.00160   1.000 35.86911 ? 5   TRP A HE3  1 
ATOM   107  H HZ2  . TRP A 1 10  ? 6.43649   5.00725   -0.64611  1.000 36.93511 ? 5   TRP A HZ2  1 
ATOM   108  H HZ3  . TRP A 1 10  ? 7.03808   1.04956   -0.27459  1.000 35.66804 ? 5   TRP A HZ3  1 
ATOM   109  H HH2  . TRP A 1 10  ? 6.97182   2.96717   -1.57968  1.000 43.31900 ? 5   TRP A HH2  1 
ATOM   110  N N    . ASP A 1 11  ? 6.87746   3.26729   7.72398   1.000 17.60203 ? 6   ASP A N    1 
ATOM   111  C CA   . ASP A 1 11  ? 6.64718   3.14690   9.15725   1.000 16.80261 ? 6   ASP A CA   1 
ATOM   112  C C    . ASP A 1 11  ? 5.28938   3.75422   9.41141   1.000 19.51861 ? 6   ASP A C    1 
ATOM   113  O O    . ASP A 1 11  ? 5.09480   4.95789   9.21986   1.000 18.23439 ? 6   ASP A O    1 
ATOM   114  C CB   . ASP A 1 11  ? 7.75842   3.84226   9.94678   1.000 18.38990 ? 6   ASP A CB   1 
ATOM   115  C CG   . ASP A 1 11  ? 7.53020   3.77500   11.46738  1.000 27.95055 ? 6   ASP A CG   1 
ATOM   116  O OD1  . ASP A 1 11  ? 6.36948   3.68341   11.88355  1.000 28.83718 ? 6   ASP A OD1  1 
ATOM   117  O OD2  . ASP A 1 11  ? 8.50296   3.77723   12.25238  1.000 29.61196 ? 6   ASP A OD2  1 
ATOM   118  H H    . ASP A 1 11  ? 7.13911   4.05174   7.48782   1.000 21.15031 ? 6   ASP A H    1 
ATOM   119  H HA   . ASP A 1 11  ? 6.64245   2.21978   9.44244   1.000 20.19100 ? 6   ASP A HA   1 
ATOM   120  H HB2  . ASP A 1 11  ? 8.60481   3.41123   9.74993   1.000 22.09576 ? 6   ASP A HB2  1 
ATOM   121  H HB3  . ASP A 1 11  ? 7.79398   4.77660   9.68863   1.000 22.09576 ? 6   ASP A HB3  1 
ATOM   122  N N    . CYS A 1 12  ? 4.32664   2.89618   9.70085   1.000 18.62745 ? 7   CYS A N    1 
ATOM   123  C CA   . CYS A 1 12  ? 2.95665   3.31012   9.95964   1.000 14.98781 ? 7   CYS A CA   1 
ATOM   124  C C    . CYS A 1 12  ? 2.72877   3.15255   11.45785  1.000 17.59668 ? 7   CYS A C    1 
ATOM   125  O O    . CYS A 1 12  ? 2.33523   2.08949   11.91840  1.000 18.99375 ? 7   CYS A O    1 
ATOM   126  C CB   . CYS A 1 12  ? 1.96816   2.48571   9.16911   1.000 16.65846 ? 7   CYS A CB   1 
ATOM   127  S SG   . CYS A 1 12  ? 1.96548   2.72527   7.39108   1.000 20.48469 ? 7   CYS A SG   1 
ATOM   128  H H    . CYS A 1 12  ? 4.44476   2.04605   9.75481   1.000 22.38081 ? 7   CYS A H    1 
ATOM   129  H HA   . CYS A 1 12  ? 2.84533   4.23941   9.70486   1.000 18.01325 ? 7   CYS A HA   1 
ATOM   130  H HB2  . CYS A 1 12  ? 2.16157   1.54881   9.32944   1.000 20.01802 ? 7   CYS A HB2  1 
ATOM   131  H HB3  . CYS A 1 12  ? 1.07668   2.69941   9.48609   1.000 20.01802 ? 7   CYS A HB3  1 
ATOM   132  N N    . LYS A 1 13  ? 2.98236   4.22514   12.20651  1.000 16.69303 ? 8   LYS A N    1 
ATOM   133  C CA   . LYS A 1 13  ? 2.86130   4.21171   13.66923  1.000 17.99846 ? 8   LYS A CA   1 
ATOM   134  C C    . LYS A 1 13  ? 3.50378   2.96620   14.27410  1.000 19.39295 ? 8   LYS A C    1 
ATOM   135  O O    . LYS A 1 13  ? 2.96002   2.30664   15.17190  1.000 19.18301 ? 8   LYS A O    1 
ATOM   136  C CB   . LYS A 1 13  ? 1.39188   4.34385   14.10258  1.000 20.56999 ? 8   LYS A CB   1 
ATOM   137  C CG   . LYS A 1 13  ? 0.79891   5.69653   13.78534  1.000 19.65653 ? 8   LYS A CG   1 
ATOM   138  C CD   . LYS A 1 13  ? -0.63606  5.90162   14.24885  1.000 17.97195 ? 8   LYS A CD   1 
ATOM   139  C CE   . LYS A 1 13  ? -1.02689  7.33918   13.91197  1.000 20.30501 ? 8   LYS A CE   1 
ATOM   140  N NZ   . LYS A 1 13  ? -2.34034  7.68915   14.41598  1.000 24.93480 ? 8   LYS A NZ   1 
ATOM   141  H H    . LYS A 1 13  ? 3.22991   4.98486   11.88846  1.000 20.05950 ? 8   LYS A H    1 
ATOM   142  H HA   . LYS A 1 13  ? 3.34540   4.97804   14.01459  1.000 21.62602 ? 8   LYS A HA   1 
ATOM   143  H HB2  . LYS A 1 13  ? 0.86652   3.67163   13.64105  1.000 24.71186 ? 8   LYS A HB2  1 
ATOM   144  H HB3  . LYS A 1 13  ? 1.33381   4.20960   15.06149  1.000 24.71186 ? 8   LYS A HB3  1 
ATOM   145  H HG2  . LYS A 1 13  ? 1.34090   6.37729   14.21395  1.000 23.61571 ? 8   LYS A HG2  1 
ATOM   146  H HG3  . LYS A 1 13  ? 0.81190   5.81922   12.82322  1.000 23.61571 ? 8   LYS A HG3  1 
ATOM   147  H HD2  . LYS A 1 13  ? -1.22977  5.29016   13.78568  1.000 21.59421 ? 8   LYS A HD2  1 
ATOM   148  H HD3  . LYS A 1 13  ? -0.70254  5.76661   15.20710  1.000 21.59421 ? 8   LYS A HD3  1 
ATOM   149  H HE2  . LYS A 1 13  ? -0.38125  7.94483   14.30849  1.000 24.39389 ? 8   LYS A HE2  1 
ATOM   150  H HE3  . LYS A 1 13  ? -1.03560  7.44815   12.94814  1.000 24.39389 ? 8   LYS A HE3  1 
ATOM   151  H HZ1  . LYS A 1 13  ? -2.37728  7.54722   15.29381  1.000 29.94964 ? 8   LYS A HZ1  1 
ATOM   152  H HZ2  . LYS A 1 13  ? -2.50929  8.54799   14.25489  1.000 29.94964 ? 8   LYS A HZ2  1 
ATOM   153  H HZ3  . LYS A 1 13  ? -2.96180  7.19268   14.01671  1.000 29.94964 ? 8   LYS A HZ3  1 
ATOM   154  N N    . GLY A 1 14  ? 4.69370   2.66487   13.79449  1.000 19.47475 ? 9   GLY A N    1 
ATOM   155  C CA   . GLY A 1 14  ? 5.54383   1.66134   14.37219  1.000 21.30283 ? 9   GLY A CA   1 
ATOM   156  C C    . GLY A 1 14  ? 5.51473   0.33507   13.65505  1.000 20.89273 ? 9   GLY A C    1 
ATOM   157  O O    . GLY A 1 14  ? 6.41773   -0.47930  13.85983  1.000 20.84859 ? 9   GLY A O    1 
ATOM   158  H H    . GLY A 1 14  ? 5.03994   3.04710   13.10629  1.000 23.39757 ? 9   GLY A H    1 
ATOM   159  H HA2  . GLY A 1 14  ? 6.45853   1.98412   14.36484  1.000 25.59127 ? 9   GLY A HA2  1 
ATOM   160  H HA3  . GLY A 1 14  ? 5.26978   1.50982   15.29025  1.000 25.59127 ? 9   GLY A HA3  1 
ATOM   161  N N    . ILE A 1 15  ? 4.49730   0.10363   12.84018  1.000 19.22213 ? 10  ILE A N    1 
ATOM   162  C CA   . ILE A 1 15  ? 4.37979   -1.12661  12.05673  1.000 19.47990 ? 10  ILE A CA   1 
ATOM   163  C C    . ILE A 1 15  ? 5.08883   -0.90658  10.72369  1.000 19.09561 ? 10  ILE A C    1 
ATOM   164  O O    . ILE A 1 15  ? 4.72822   0.03474   9.99511   1.000 19.48898 ? 10  ILE A O    1 
ATOM   165  C CB   . ILE A 1 15  ? 2.92248   -1.51615  11.81260  1.000 20.16024 ? 10  ILE A CB   1 
ATOM   166  C CG1  . ILE A 1 15  ? 2.24262   -1.82742  13.13238  1.000 19.99559 ? 10  ILE A CG1  1 
ATOM   167  C CG2  . ILE A 1 15  ? 2.80242   -2.72186  10.88819  1.000 21.68416 ? 10  ILE A CG2  1 
ATOM   168  C CD1  . ILE A 1 15  ? 2.92162   -2.93297  13.92800  1.000 25.51333 ? 10  ILE A CD1  1 
ATOM   169  H H    . ILE A 1 15  ? 3.84657   0.65251   12.71818  1.000 23.09443 ? 10  ILE A H    1 
ATOM   170  H HA   . ILE A 1 15  ? 4.81645   -1.84462  12.54118  1.000 23.40375 ? 10  ILE A HA   1 
ATOM   171  H HB   . ILE A 1 15  ? 2.49112   -0.76077  11.38340  1.000 24.22016 ? 10  ILE A HB   1 
ATOM   172  H HG12 . ILE A 1 15  ? 2.24274   -1.02645  13.67950  1.000 24.02258 ? 10  ILE A HG12 1 
ATOM   173  H HG13 . ILE A 1 15  ? 1.33115   -2.10781  12.95488  1.000 24.02258 ? 10  ILE A HG13 1 
ATOM   174  H HG21 . ILE A 1 15  ? 2.89683   -2.42590  9.96927   1.000 26.04886 ? 10  ILE A HG21 1 
ATOM   175  H HG22 . ILE A 1 15  ? 3.50293   -3.35688  11.10482  1.000 26.04886 ? 10  ILE A HG22 1 
ATOM   176  H HG23 . ILE A 1 15  ? 1.93285   -3.13229  11.01582  1.000 26.04886 ? 10  ILE A HG23 1 
ATOM   177  H HD11 . ILE A 1 15  ? 3.08969   -3.68682  13.34116  1.000 30.64387 ? 10  ILE A HD11 1 
ATOM   178  H HD12 . ILE A 1 15  ? 3.75938   -2.59734  14.28352  1.000 30.64387 ? 10  ILE A HD12 1 
ATOM   179  H HD13 . ILE A 1 15  ? 2.33846   -3.20298  14.65459  1.000 30.64387 ? 10  ILE A HD13 1 
ATOM   180  N N    . PRO A 1 16  ? 6.05364   -1.75106  10.36413  1.000 19.02352 ? 11  PRO A N    1 
ATOM   181  C CA   . PRO A 1 16  ? 6.71701   -1.60002  9.06198   1.000 21.53977 ? 11  PRO A CA   1 
ATOM   182  C C    . PRO A 1 16  ? 5.92429   -2.28859  7.95812   1.000 22.71328 ? 11  PRO A C    1 
ATOM   183  O O    . PRO A 1 16  ? 5.51490   -3.44858  8.08876   1.000 25.98712 ? 11  PRO A O    1 
ATOM   184  C CB   . PRO A 1 16  ? 8.07518   -2.28756  9.28179   1.000 21.10832 ? 11  PRO A CB   1 
ATOM   185  C CG   . PRO A 1 16  ? 7.72085   -3.43081  10.24261  1.000 23.14536 ? 11  PRO A CG   1 
ATOM   186  C CD   . PRO A 1 16  ? 6.62745   -2.86502  11.15096  1.000 22.17417 ? 11  PRO A CD   1 
ATOM   187  H HA   . PRO A 1 16  ? 6.84122   -0.66387  8.84041   1.000 25.87560 ? 11  PRO A HA   1 
ATOM   188  H HB2  . PRO A 1 16  ? 8.42537   -2.62416  8.44217   1.000 25.35786 ? 11  PRO A HB2  1 
ATOM   189  H HB3  . PRO A 1 16  ? 8.70773   -1.67021  9.68138   1.000 25.35786 ? 11  PRO A HB3  1 
ATOM   190  H HG2  . PRO A 1 16  ? 7.39370   -4.19395  9.74114   1.000 27.80230 ? 11  PRO A HG2  1 
ATOM   191  H HG3  . PRO A 1 16  ? 8.50287   -3.68309  10.75806  1.000 27.80230 ? 11  PRO A HG3  1 
ATOM   192  H HD2  . PRO A 1 16  ? 5.95316   -3.53738  11.33581  1.000 26.63688 ? 11  PRO A HD2  1 
ATOM   193  H HD3  . PRO A 1 16  ? 7.00677   -2.53836  11.98180  1.000 26.63688 ? 11  PRO A HD3  1 
ATOM   194  N N    . ILE A 1 17  ? 5.69978   -1.55251  6.87216   1.000 21.33011 ? 12  ILE A N    1 
ATOM   195  C CA   . ILE A 1 17  ? 5.09686   -2.07057  5.65139   1.000 23.25770 ? 12  ILE A CA   1 
ATOM   196  C C    . ILE A 1 17  ? 6.21543   -2.14978  4.61960   1.000 22.19741 ? 12  ILE A C    1 
ATOM   197  O O    . ILE A 1 17  ? 6.78089   -1.12263  4.22799   1.000 20.23356 ? 12  ILE A O    1 
ATOM   198  C CB   . ILE A 1 17  ? 3.94718   -1.17764  5.16149   1.000 22.39465 ? 12  ILE A CB   1 
ATOM   199  C CG1  . ILE A 1 17  ? 2.96234   -0.85223  6.29760   1.000 26.87781 ? 12  ILE A CG1  1 
ATOM   200  C CG2  . ILE A 1 17  ? 3.17672   -1.85535  4.01516   1.000 28.47506 ? 12  ILE A CG2  1 
ATOM   201  C CD1  . ILE A 1 17  ? 2.33423   -2.06759  6.90844   1.000 30.44450 ? 12  ILE A CD1  1 
ATOM   202  H H    . ILE A 1 17  ? 5.89697   -0.71712  6.81882   1.000 25.62401 ? 12  ILE A H    1 
ATOM   203  H HA   . ILE A 1 17  ? 4.73588   -2.95804  5.80298   1.000 27.93711 ? 12  ILE A HA   1 
ATOM   204  H HB   . ILE A 1 17  ? 4.34923   -0.35353  4.84515   1.000 26.90145 ? 12  ILE A HB   1 
ATOM   205  H HG12 . ILE A 1 17  ? 3.43793   -0.37923  6.99832   1.000 32.28124 ? 12  ILE A HG12 1 
ATOM   206  H HG13 . ILE A 1 17  ? 2.25083   -0.29506  5.94516   1.000 32.28124 ? 12  ILE A HG13 1 
ATOM   207  H HG21 . ILE A 1 17  ? 2.30679   -1.43530  3.92769   1.000 34.19795 ? 12  ILE A HG21 1 
ATOM   208  H HG22 . ILE A 1 17  ? 3.67889   -1.75064  3.19191   1.000 34.19795 ? 12  ILE A HG22 1 
ATOM   209  H HG23 . ILE A 1 17  ? 3.07004   -2.79746  4.22000   1.000 34.19795 ? 12  ILE A HG23 1 
ATOM   210  H HD11 . ILE A 1 17  ? 1.63754   -1.78808  7.52276   1.000 36.56127 ? 12  ILE A HD11 1 
ATOM   211  H HD12 . ILE A 1 17  ? 1.95373   -2.61456  6.20350   1.000 36.56127 ? 12  ILE A HD12 1 
ATOM   212  H HD13 . ILE A 1 17  ? 3.01425   -2.56865  7.38532   1.000 36.56127 ? 12  ILE A HD13 1 
ATOM   213  N N    . LEU A 1 18  ? 6.54489   -3.36638  4.20086   1.000 25.31780 ? 13  LEU A N    1 
ATOM   214  C CA   . LEU A 1 18  ? 7.68757   -3.57299  3.32905   1.000 23.16869 ? 13  LEU A CA   1 
ATOM   215  C C    . LEU A 1 18  ? 7.44041   -3.00932  1.93403   1.000 24.77023 ? 13  LEU A C    1 
ATOM   216  O O    . LEU A 1 18  ? 6.32882   -3.05604  1.40312   1.000 20.51663 ? 13  LEU A O    1 
ATOM   217  C CB   . LEU A 1 18  ? 7.99433   -5.06327  3.22547   1.000 24.47072 ? 13  LEU A CB   1 
ATOM   218  C CG   . LEU A 1 18  ? 8.91108   -5.69009  4.27916   1.000 33.14480 ? 13  LEU A CG   1 
ATOM   219  C CD1  . LEU A 1 18  ? 10.29700  -5.19994  4.28358   1.000 38.96945 ? 13  LEU A CD1  1 
ATOM   220  C CD2  . LEU A 1 18  ? 8.30310   -5.43819  5.62708   1.000 35.94666 ? 13  LEU A CD2  1 
ATOM   221  H H    . LEU A 1 18  ? 6.12233   -4.08619  4.40807   1.000 30.40923 ? 13  LEU A H    1 
ATOM   222  H HA   . LEU A 1 18  ? 8.45341   -3.11080  3.70422   1.000 27.83030 ? 13  LEU A HA   1 
ATOM   223  H HB2  . LEU A 1 18  ? 7.15107   -5.54034  3.27248   1.000 29.39273 ? 13  LEU A HB2  1 
ATOM   224  H HB3  . LEU A 1 18  ? 8.41502   -5.21710  2.36508   1.000 29.39273 ? 13  LEU A HB3  1 
ATOM   225  H HG   . LEU A 1 18  ? 8.98069   -6.63390  4.06634   1.000 39.80163 ? 13  LEU A HG   1 
ATOM   226  H HD11 . LEU A 1 18  ? 10.82404  -5.74844  4.88548   1.000 46.79122 ? 13  LEU A HD11 1 
ATOM   227  H HD12 . LEU A 1 18  ? 10.65531  -5.25781  3.38404   1.000 46.79122 ? 13  LEU A HD12 1 
ATOM   228  H HD13 . LEU A 1 18  ? 10.30486  -4.27769  4.58407   1.000 46.79122 ? 13  LEU A HD13 1 
ATOM   229  H HD21 . LEU A 1 18  ? 8.87007   -5.83291  6.30801   1.000 43.16386 ? 13  LEU A HD21 1 
ATOM   230  H HD22 . LEU A 1 18  ? 8.23383   -4.48105  5.76840   1.000 43.16386 ? 13  LEU A HD22 1 
ATOM   231  H HD23 . LEU A 1 18  ? 7.42142   -5.84152  5.65620   1.000 43.16386 ? 13  LEU A HD23 1 
ATOM   232  N N    . PHE A 1 19  ? 8.50589   -2.47899  1.33961   1.000 21.04064 ? 14  PHE A N    1 
ATOM   233  C CA   . PHE A 1 19  ? 8.42669   -1.97480  -0.02501  1.000 22.77190 ? 14  PHE A CA   1 
ATOM   234  C C    . PHE A 1 19  ? 7.83803   -3.00204  -0.96921  1.000 26.77923 ? 14  PHE A C    1 
ATOM   235  O O    . PHE A 1 19  ? 7.02298   -2.65696  -1.83236  1.000 24.75852 ? 14  PHE A O    1 
ATOM   236  C CB   . PHE A 1 19  ? 9.82186   -1.57037  -0.48275  1.000 28.66713 ? 14  PHE A CB   1 
ATOM   237  C CG   . PHE A 1 19  ? 9.87324   -0.29324  -1.23347  1.000 36.83509 ? 14  PHE A CG   1 
ATOM   238  C CD1  . PHE A 1 19  ? 10.00699  -0.29612  -2.61416  1.000 43.53322 ? 14  PHE A CD1  1 
ATOM   239  C CD2  . PHE A 1 19  ? 9.78644   0.91514   -0.56671  1.000 40.29180 ? 14  PHE A CD2  1 
ATOM   240  C CE1  . PHE A 1 19  ? 10.07287  0.90243   -3.31719  1.000 43.74050 ? 14  PHE A CE1  1 
ATOM   241  C CE2  . PHE A 1 19  ? 9.83689   2.11856   -1.25462  1.000 42.53798 ? 14  PHE A CE2  1 
ATOM   242  C CZ   . PHE A 1 19  ? 9.97381   2.12118   -2.62327  1.000 47.44863 ? 14  PHE A CZ   1 
ATOM   243  H H    . PHE A 1 19  ? 9.28149   -2.40000  1.70264   1.000 25.27664 ? 14  PHE A H    1 
ATOM   244  H HA   . PHE A 1 19  ? 7.84827   -1.19641  -0.04571  1.000 27.35416 ? 14  PHE A HA   1 
ATOM   245  H HB2  . PHE A 1 19  ? 10.38826  -1.47427  0.29883   1.000 34.42843 ? 14  PHE A HB2  1 
ATOM   246  H HB3  . PHE A 1 19  ? 10.17112  -2.26552  -1.06212  1.000 34.42843 ? 14  PHE A HB3  1 
ATOM   247  H HD1  . PHE A 1 19  ? 10.05287  -1.10405  -3.07248  1.000 52.26773 ? 14  PHE A HD1  1 
ATOM   248  H HD2  . PHE A 1 19  ? 9.69267   0.92103   0.35853   1.000 48.37803 ? 14  PHE A HD2  1 
ATOM   249  H HE1  . PHE A 1 19  ? 10.18180  0.89757   -4.24078  1.000 52.51647 ? 14  PHE A HE1  1 
ATOM   250  H HE2  . PHE A 1 19  ? 9.77822   2.92265   -0.79105  1.000 51.07345 ? 14  PHE A HE2  1 
ATOM   251  H HZ   . PHE A 1 19  ? 10.00075  2.92629   -3.08800  1.000 56.96624 ? 14  PHE A HZ   1 
ATOM   252  N N    . ARG A 1 20  ? 8.26830   -4.25995  -0.86213  1.000 25.83033 ? 15  ARG A N    1 
ATOM   253  C CA   . ARG A 1 20  ? 7.73891   -5.28217  -1.75939  1.000 26.84555 ? 15  ARG A CA   1 
ATOM   254  C C    . ARG A 1 20  ? 6.23610   -5.45137  -1.58575  1.000 27.09516 ? 15  ARG A C    1 
ATOM   255  O O    . ARG A 1 20  ? 5.52134   -5.78010  -2.54624  1.000 25.10040 ? 15  ARG A O    1 
ATOM   256  C CB   . ARG A 1 20  ? 8.44502   -6.61931  -1.51997  1.000 38.08646 ? 15  ARG A CB   1 
ATOM   257  C CG   . ARG A 1 20  ? 8.34266   -7.13139  -0.09672  1.000 40.89711 ? 15  ARG A CG   1 
ATOM   258  C CD   . ARG A 1 20  ? 7.09861   -8.00291  0.12574   1.000 50.92075 ? 15  ARG A CD   1 
ATOM   259  N NE   . ARG A 1 20  ? 7.21114   -8.77881  1.35929   1.000 62.47283 ? 15  ARG A NE   1 
ATOM   260  C CZ   . ARG A 1 20  ? 8.05399   -9.78842  1.54186   1.000 69.86442 ? 15  ARG A CZ   1 
ATOM   261  N NH1  . ARG A 1 20  ? 8.81642   -10.23586 0.55931   1.000 66.86851 ? 15  ARG A NH1  1 
ATOM   262  N NH2  . ARG A 1 20  ? 8.13379   -10.36342 2.74149   1.000 70.24987 ? 15  ARG A NH2  1 
ATOM   263  H H    . ARG A 1 20  ? 8.85019   -4.53914  -0.29374  1.000 31.02427 ? 15  ARG A H    1 
ATOM   264  H HA   . ARG A 1 20  ? 7.91395   -5.00920  -2.67358  1.000 32.24254 ? 15  ARG A HA   1 
ATOM   265  H HB2  . ARG A 1 20  ? 8.04963   -7.28710  -2.10189  1.000 45.73163 ? 15  ARG A HB2  1 
ATOM   266  H HB3  . ARG A 1 20  ? 9.38668   -6.51403  -1.72758  1.000 45.73163 ? 15  ARG A HB3  1 
ATOM   267  H HG2  . ARG A 1 20  ? 9.12540   -7.66767  0.10484   1.000 49.10441 ? 15  ARG A HG2  1 
ATOM   268  H HG3  . ARG A 1 20  ? 8.29292   -6.37598  0.50972   1.000 49.10441 ? 15  ARG A HG3  1 
ATOM   269  H HD2  . ARG A 1 20  ? 6.31485   -7.43516  0.19128   1.000 61.13277 ? 15  ARG A HD2  1 
ATOM   270  H HD3  . ARG A 1 20  ? 7.00030   -8.61977  -0.61637  1.000 61.13277 ? 15  ARG A HD3  1 
ATOM   271  H HE   . ARG A 1 20  ? 6.69474   -8.56633  2.01334   1.000 74.99528 ? 15  ARG A HE   1 
ATOM   272  H HH11 . ARG A 1 20  ? 8.77293   -9.87183  -0.21863  1.000 80.27009 ? 15  ARG A HH11 1 
ATOM   273  H HH12 . ARG A 1 20  ? 9.35600   -10.89102 0.69794   1.000 80.27009 ? 15  ARG A HH12 1 
ATOM   274  H HH21 . ARG A 1 20  ? 7.64231   -10.07991 3.38778   1.000 84.32772 ? 15  ARG A HH21 1 
ATOM   275  H HH22 . ARG A 1 20  ? 8.67677   -11.01796 2.86934   1.000 84.32772 ? 15  ARG A HH22 1 
ATOM   276  N N    . THR A 1 21  ? 5.74113   -5.25575  -0.37116  1.000 23.76356 ? 16  THR A N    1 
ATOM   277  C CA   . THR A 1 21  ? 4.31463   -5.40334  -0.13178  1.000 21.04947 ? 16  THR A CA   1 
ATOM   278  C C    . THR A 1 21  ? 3.54061   -4.29205  -0.81784  1.000 18.73938 ? 16  THR A C    1 
ATOM   279  O O    . THR A 1 21  ? 2.50319   -4.53254  -1.44409  1.000 20.55231 ? 16  THR A O    1 
ATOM   280  C CB   . THR A 1 21  ? 4.02617   -5.38750  1.36964   1.000 24.87305 ? 16  THR A CB   1 
ATOM   281  O OG1  . THR A 1 21  ? 4.72995   -6.45881  2.01529   1.000 30.21605 ? 16  THR A OG1  1 
ATOM   282  C CG2  . THR A 1 21  ? 2.52238   -5.50413  1.63113   1.000 31.04800 ? 16  THR A CG2  1 
ATOM   283  H H    . THR A 1 21  ? 6.20271   -5.03998  0.32164   1.000 28.54415 ? 16  THR A H    1 
ATOM   284  H HA   . THR A 1 21  ? 4.02341   -6.25771  -0.48694  1.000 25.28723 ? 16  THR A HA   1 
ATOM   285  H HB   . THR A 1 21  ? 4.32799   -4.54728  1.74888   1.000 29.87553 ? 16  THR A HB   1 
ATOM   286  H HG1  . THR A 1 21  ? 5.54348   -6.26371  2.09086   1.000 36.28714 ? 16  THR A HG1  1 
ATOM   287  H HG21 . THR A 1 21  ? 2.13783   -6.18560  1.05788   1.000 37.28547 ? 16  THR A HG21 1 
ATOM   288  H HG22 . THR A 1 21  ? 2.36443   -5.74586  2.55715   1.000 37.28547 ? 16  THR A HG22 1 
ATOM   289  H HG23 . THR A 1 21  ? 2.08716   -4.65673  1.44837   1.000 37.28547 ? 16  THR A HG23 1 
ATOM   290  N N    . VAL A 1 22  ? 4.05144   -3.07740  -0.69974  1.000 18.32305 ? 17  VAL A N    1 
ATOM   291  C CA   . VAL A 1 22  ? 3.43608   -1.91775  -1.32347  1.000 20.76336 ? 17  VAL A CA   1 
ATOM   292  C C    . VAL A 1 22  ? 3.45081   -2.06458  -2.83762  1.000 20.02024 ? 17  VAL A C    1 
ATOM   293  O O    . VAL A 1 22  ? 2.44373   -1.81215  -3.51422  1.000 21.33796 ? 17  VAL A O    1 
ATOM   294  C CB   . VAL A 1 22  ? 4.16370   -0.64148  -0.86723  1.000 20.42529 ? 17  VAL A CB   1 
ATOM   295  C CG1  . VAL A 1 22  ? 3.57114   0.57359   -1.58487  1.000 23.87253 ? 17  VAL A CG1  1 
ATOM   296  C CG2  . VAL A 1 22  ? 4.06050   -0.47158  0.62044   1.000 23.58039 ? 17  VAL A CG2  1 
ATOM   297  H H    . VAL A 1 22  ? 4.76529   -2.89307  -0.25698  1.000 22.01553 ? 17  VAL A H    1 
ATOM   298  H HA   . VAL A 1 22  ? 2.50897   -1.85814  -1.04452  1.000 24.94391 ? 17  VAL A HA   1 
ATOM   299  H HB   . VAL A 1 22  ? 5.10429   -0.71389  -1.09295  1.000 24.53822 ? 17  VAL A HB   1 
ATOM   300  H HG11 . VAL A 1 22  ? 3.87984   1.38141   -1.14552  1.000 28.67491 ? 17  VAL A HG11 1 
ATOM   301  H HG12 . VAL A 1 22  ? 3.86350   0.56769   -2.50975  1.000 28.67491 ? 17  VAL A HG12 1 
ATOM   302  H HG13 . VAL A 1 22  ? 2.60330   0.52378   -1.54357  1.000 28.67491 ? 17  VAL A HG13 1 
ATOM   303  H HG21 . VAL A 1 22  ? 3.28781   -0.96228  0.94149   1.000 28.32434 ? 17  VAL A HG21 1 
ATOM   304  H HG22 . VAL A 1 22  ? 4.86695   -0.81677  1.03441   1.000 28.32434 ? 17  VAL A HG22 1 
ATOM   305  H HG23 . VAL A 1 22  ? 3.96158   0.47154   0.82449   1.000 28.32434 ? 17  VAL A HG23 1 
ATOM   306  N N    . HIS A 1 23  ? 4.58638   -2.48043  -3.40546  1.000 21.60232 ? 18  HIS A N    1 
ATOM   307  C CA   . HIS A 1 23  ? 4.62495   -2.60487  -4.85925  1.000 24.56720 ? 18  HIS A CA   1 
ATOM   308  C C    . HIS A 1 23  ? 3.70363   -3.70577  -5.35378  1.000 19.91450 ? 18  HIS A C    1 
ATOM   309  O O    . HIS A 1 23  ? 3.05506   -3.52439  -6.39621  1.000 20.86134 ? 18  HIS A O    1 
ATOM   310  C CB   . HIS A 1 23  ? 6.05501   -2.81383  -5.35004  1.000 28.50080 ? 18  HIS A CB   1 
ATOM   311  C CG   . HIS A 1 23  ? 6.83844   -1.54033  -5.41525  1.000 38.76448 ? 18  HIS A CG   1 
ATOM   312  N ND1  . HIS A 1 23  ? 6.44409   -0.39380  -4.75599  1.000 39.76745 ? 18  HIS A ND1  1 
ATOM   313  C CD2  . HIS A 1 23  ? 7.92226   -1.19540  -6.14965  1.000 48.61807 ? 18  HIS A CD2  1 
ATOM   314  C CE1  . HIS A 1 23  ? 7.29376   0.58162   -5.02310  1.000 44.47704 ? 18  HIS A CE1  1 
ATOM   315  N NE2  . HIS A 1 23  ? 8.19961   0.12202   -5.86874  1.000 47.59047 ? 18  HIS A NE2  1 
ATOM   316  H H    . HIS A 1 23  ? 5.31106   -2.68603  -2.99053  1.000 25.95066 ? 18  HIS A H    1 
ATOM   317  H HA   . HIS A 1 23  ? 4.31667   -1.77121  -5.24765  1.000 29.50852 ? 18  HIS A HA   1 
ATOM   318  H HB2  . HIS A 1 23  ? 6.51207   -3.41647  -4.74274  1.000 34.22883 ? 18  HIS A HB2  1 
ATOM   319  H HB3  . HIS A 1 23  ? 6.03000   -3.19662  -6.24097  1.000 34.22883 ? 18  HIS A HB3  1 
ATOM   320  H HD2  . HIS A 1 23  ? 8.39118   -1.74599  -6.73435  1.000 58.36956 ? 18  HIS A HD2  1 
ATOM   321  H HE1  . HIS A 1 23  ? 7.26035   1.44370   -4.67581  1.000 53.40032 ? 18  HIS A HE1  1 
ATOM   322  H HE2  . HIS A 1 23  ? 8.85644   0.57385   -6.19126  1.000 57.13643 ? 18  HIS A HE2  1 
ATOM   323  N N    . ALA A 1 24  ? 3.56155   -4.79701  -4.59966  1.000 20.22223 ? 19  ALA A N    1 
ATOM   324  C CA   . ALA A 1 24  ? 2.60001   -5.83437  -4.97096  1.000 19.31073 ? 19  ALA A CA   1 
ATOM   325  C C    . ALA A 1 24  ? 1.18156   -5.28748  -4.94995  1.000 21.98735 ? 19  ALA A C    1 
ATOM   326  O O    . ALA A 1 24  ? 0.35481   -5.62252  -5.81445  1.000 21.59831 ? 19  ALA A O    1 
ATOM   327  C CB   . ALA A 1 24  ? 2.72710   -7.04395  -4.03416  1.000 23.62780 ? 19  ALA A CB   1 
ATOM   328  H H    . ALA A 1 24  ? 4.00264   -4.95884  -3.87935  1.000 24.29455 ? 19  ALA A H    1 
ATOM   329  H HA   . ALA A 1 24  ? 2.79854   -6.13845  -5.87041  1.000 23.20074 ? 19  ALA A HA   1 
ATOM   330  H HB1  . ALA A 1 24  ? 2.64613   -6.74207  -3.11590  1.000 28.38124 ? 19  ALA A HB1  1 
ATOM   331  H HB2  . ALA A 1 24  ? 2.02071   -7.67673  -4.23785  1.000 28.38124 ? 19  ALA A HB2  1 
ATOM   332  H HB3  . ALA A 1 24  ? 3.59291   -7.45947  -4.17062  1.000 28.38124 ? 19  ALA A HB3  1 
ATOM   333  N N    . ALA A 1 25  ? 0.87064   -4.43363  -3.97437  1.000 17.97259 ? 20  ALA A N    1 
ATOM   334  C CA   . ALA A 1 25  ? -0.47672  -3.88853  -3.91285  1.000 16.16183 ? 20  ALA A CA   1 
ATOM   335  C C    . ALA A 1 25  ? -0.72617  -2.93650  -5.06418  1.000 17.37352 ? 20  ALA A C    1 
ATOM   336  O O    . ALA A 1 25  ? -1.82852  -2.90489  -5.61425  1.000 18.04447 ? 20  ALA A O    1 
ATOM   337  C CB   . ALA A 1 25  ? -0.72814  -3.19430  -2.57096  1.000 15.62105 ? 20  ALA A CB   1 
ATOM   338  H H    . ALA A 1 25  ? 1.40596   -4.16450  -3.35744  1.000 21.59498 ? 20  ALA A H    1 
ATOM   339  H HA   . ALA A 1 25  ? -1.10795  -4.62227  -3.97675  1.000 19.42207 ? 20  ALA A HA   1 
ATOM   340  H HB1  . ALA A 1 25  ? -0.11583  -2.44722  -2.48229  1.000 18.77314 ? 20  ALA A HB1  1 
ATOM   341  H HB2  . ALA A 1 25  ? -1.64408  -2.87593  -2.54684  1.000 18.77314 ? 20  ALA A HB2  1 
ATOM   342  H HB3  . ALA A 1 25  ? -0.58001  -3.83031  -1.85372  1.000 18.77314 ? 20  ALA A HB3  1 
ATOM   343  N N    . VAL A 1 26  ? 0.26387   -2.12227  -5.41793  1.000 18.26273 ? 21  VAL A N    1 
ATOM   344  C CA   . VAL A 1 26  ? 0.08166   -1.22579  -6.55023  1.000 17.00273 ? 21  VAL A CA   1 
ATOM   345  C C    . VAL A 1 26  ? -0.10153  -2.02841  -7.82742  1.000 18.58806 ? 21  VAL A C    1 
ATOM   346  O O    . VAL A 1 26  ? -0.98364  -1.73258  -8.63915  1.000 18.16281 ? 21  VAL A O    1 
ATOM   347  C CB   . VAL A 1 26  ? 1.26146   -0.25087  -6.64483  1.000 15.86432 ? 21  VAL A CB   1 
ATOM   348  C CG1  . VAL A 1 26  ? 1.16057   0.59934   -7.88657  1.000 20.41545 ? 21  VAL A CG1  1 
ATOM   349  C CG2  . VAL A 1 26  ? 1.28626   0.62924   -5.41770  1.000 18.13168 ? 21  VAL A CG2  1 
ATOM   350  H H    . VAL A 1 26  ? 1.02930   -2.07150  -5.02915  1.000 21.94315 ? 21  VAL A H    1 
ATOM   351  H HA   . VAL A 1 26  ? -0.72252  -0.70103  -6.41302  1.000 20.43115 ? 21  VAL A HA   1 
ATOM   352  H HB   . VAL A 1 26  ? 2.08707   -0.75746  -6.69620  1.000 19.06506 ? 21  VAL A HB   1 
ATOM   353  H HG11 . VAL A 1 26  ? 1.74473   1.36785   -7.79143  1.000 24.52641 ? 21  VAL A HG11 1 
ATOM   354  H HG12 . VAL A 1 26  ? 1.43117   0.07113   -8.65381  1.000 24.52641 ? 21  VAL A HG12 1 
ATOM   355  H HG13 . VAL A 1 26  ? 0.24243   0.89309   -7.99445  1.000 24.52641 ? 21  VAL A HG13 1 
ATOM   356  H HG21 . VAL A 1 26  ? 2.03310   1.24451   -5.48538  1.000 21.78589 ? 21  VAL A HG21 1 
ATOM   357  H HG22 . VAL A 1 26  ? 0.45353   1.12413   -5.36712  1.000 21.78589 ? 21  VAL A HG22 1 
ATOM   358  H HG23 . VAL A 1 26  ? 1.38771   0.07118   -4.63083  1.000 21.78589 ? 21  VAL A HG23 1 
ATOM   359  N N    . GLU A 1 27  ? 0.70817   -3.07694  -8.01429  1.000 20.52452 ? 22  GLU A N    1 
ATOM   360  C CA   . GLU A 1 27  ? 0.53578   -3.93292  -9.18709  1.000 21.41852 ? 22  GLU A CA   1 
ATOM   361  C C    . GLU A 1 27  ? -0.87652  -4.50735  -9.24282  1.000 21.15922 ? 22  GLU A C    1 
ATOM   362  O O    . GLU A 1 27  ? -1.50398  -4.52439  -10.31121 1.000 19.52378 ? 22  GLU A O    1 
ATOM   363  C CB   . GLU A 1 27  ? 1.55644   -5.06755  -9.18983  1.000 25.13419 ? 22  GLU A CB   1 
ATOM   364  C CG   . GLU A 1 27  ? 1.11961   -6.28735  -9.99720  1.000 37.06498 ? 22  GLU A CG   1 
ATOM   365  C CD   . GLU A 1 27  ? 2.26603   -6.91913  -10.80980 1.000 62.38610 ? 22  GLU A CD   1 
ATOM   366  O OE1  . GLU A 1 27  ? 3.41417   -6.40888  -10.76394 1.000 68.82242 ? 22  GLU A OE1  1 
ATOM   367  O OE2  . GLU A 1 27  ? 2.01366   -7.93417  -11.50171 1.000 64.44438 ? 22  GLU A OE2  1 
ATOM   368  H H    . GLU A 1 27  ? 1.34883   -3.30736  -7.48886  1.000 24.65730 ? 22  GLU A H    1 
ATOM   369  H HA   . GLU A 1 27  ? 0.68873   -3.39309  -9.97836  1.000 25.73009 ? 22  GLU A HA   1 
ATOM   370  H HB2  . GLU A 1 27  ? 2.38520   -4.74023  -9.57316  1.000 30.18890 ? 22  GLU A HB2  1 
ATOM   371  H HB3  . GLU A 1 27  ? 1.70476   -5.35546  -8.27550  1.000 30.18890 ? 22  GLU A HB3  1 
ATOM   372  H HG2  . GLU A 1 27  ? 0.77867   -6.96151  -9.38880  1.000 44.50584 ? 22  GLU A HG2  1 
ATOM   373  H HG3  . GLU A 1 27  ? 0.42506   -6.02031  -10.61946 1.000 44.50584 ? 22  GLU A HG3  1 
ATOM   374  N N    . LEU A 1 28  ? -1.40230  -4.96162  -8.10272  1.000 18.21480 ? 23  LEU A N    1 
ATOM   375  C CA   . LEU A 1 28  ? -2.76625  -5.48745  -8.08385  1.000 17.72982 ? 23  LEU A CA   1 
ATOM   376  C C    . LEU A 1 28  ? -3.77616  -4.38763  -8.38932  1.000 17.79782 ? 23  LEU A C    1 
ATOM   377  O O    . LEU A 1 28  ? -4.73349  -4.60351  -9.14216  1.000 18.57662 ? 23  LEU A O    1 
ATOM   378  C CB   . LEU A 1 28  ? -3.08061  -6.11474  -6.72734  1.000 20.23405 ? 23  LEU A CB   1 
ATOM   379  C CG   . LEU A 1 28  ? -4.44078  -6.78193  -6.54374  1.000 19.86430 ? 23  LEU A CG   1 
ATOM   380  C CD1  . LEU A 1 28  ? -4.63786  -7.87075  -7.57365  1.000 21.62410 ? 23  LEU A CD1  1 
ATOM   381  C CD2  . LEU A 1 28  ? -4.52585  -7.35185  -5.15204  1.000 20.50820 ? 23  LEU A CD2  1 
ATOM   382  H H    . LEU A 1 28  ? -0.99893  -4.97600  -7.34332  1.000 21.88564 ? 23  LEU A H    1 
ATOM   383  H HA   . LEU A 1 28  ? -2.83764  -6.17905  -8.76024  1.000 21.30366 ? 23  LEU A HA   1 
ATOM   384  H HB2  . LEU A 1 28  ? -2.41118  -6.79536  -6.55551  1.000 24.30873 ? 23  LEU A HB2  1 
ATOM   385  H HB3  . LEU A 1 28  ? -3.02131  -5.41475  -6.05847  1.000 24.30873 ? 23  LEU A HB3  1 
ATOM   386  H HG   . LEU A 1 28  ? -5.14884  -6.12992  -6.66390  1.000 23.86503 ? 23  LEU A HG   1 
ATOM   387  H HD11 . LEU A 1 28  ? -4.82070  -7.46213  -8.43417  1.000 25.97679 ? 23  LEU A HD11 1 
ATOM   388  H HD12 . LEU A 1 28  ? -3.83033  -8.40554  -7.62632  1.000 25.97679 ? 23  LEU A HD12 1 
ATOM   389  H HD13 . LEU A 1 28  ? -5.38609  -8.42698  -7.30593  1.000 25.97679 ? 23  LEU A HD13 1 
ATOM   390  H HD21 . LEU A 1 28  ? -5.44819  -7.58418  -4.96176  1.000 24.63771 ? 23  LEU A HD21 1 
ATOM   391  H HD22 . LEU A 1 28  ? -3.96787  -8.14362  -5.10037  1.000 24.63771 ? 23  LEU A HD22 1 
ATOM   392  H HD23 . LEU A 1 28  ? -4.21497  -6.68621  -4.51865  1.000 24.63771 ? 23  LEU A HD23 1 
ATOM   393  N N    . ALA A 1 29  ? -3.56870  -3.18923  -7.83481  1.000 17.88804 ? 24  ALA A N    1 
ATOM   394  C CA   . ALA A 1 29  ? -4.50043  -2.08941  -8.05720  1.000 16.68967 ? 24  ALA A CA   1 
ATOM   395  C C    . ALA A 1 29  ? -4.65959  -1.81468  -9.54272  1.000 17.25282 ? 24  ALA A C    1 
ATOM   396  O O    . ALA A 1 29  ? -5.76219  -1.56427  -10.02136 1.000 16.74852 ? 24  ALA A O    1 
ATOM   397  C CB   . ALA A 1 29  ? -4.00554  -0.83007  -7.34526  1.000 15.79016 ? 24  ALA A CB   1 
ATOM   398  H H    . ALA A 1 29  ? -2.90088  -2.99134  -7.33036  1.000 21.49352 ? 24  ALA A H    1 
ATOM   399  H HA   . ALA A 1 29  ? -5.36458  -2.32882  -7.68730  1.000 20.05547 ? 24  ALA A HA   1 
ATOM   400  H HB1  . ALA A 1 29  ? -3.92312  -1.01529  -6.39668  1.000 18.97606 ? 24  ALA A HB1  1 
ATOM   401  H HB2  . ALA A 1 29  ? -3.14208  -0.57995  -7.70968  1.000 18.97606 ? 24  ALA A HB2  1 
ATOM   402  H HB3  . ALA A 1 29  ? -4.64474  -0.11461  -7.48826  1.000 18.97606 ? 24  ALA A HB3  1 
ATOM   403  N N    . PHE A 1 30  ? -3.56211  -1.88150  -10.28744 1.000 17.84370 ? 25  PHE A N    1 
ATOM   404  C CA   . PHE A 1 30  ? -3.57189  -1.48017  -11.68976 1.000 18.55755 ? 25  PHE A CA   1 
ATOM   405  C C    . PHE A 1 30  ? -3.79899  -2.64150  -12.63931 1.000 20.69136 ? 25  PHE A C    1 
ATOM   406  O O    . PHE A 1 30  ? -4.00251  -2.41921  -13.84016 1.000 22.01396 ? 25  PHE A O    1 
ATOM   407  C CB   . PHE A 1 30  ? -2.27802  -0.74578  -12.01548 1.000 14.79827 ? 25  PHE A CB   1 
ATOM   408  C CG   . PHE A 1 30  ? -2.31407  0.67455   -11.60146 1.000 15.84621 ? 25  PHE A CG   1 
ATOM   409  C CD1  . PHE A 1 30  ? -2.86043  1.61538   -12.42476 1.000 15.43537 ? 25  PHE A CD1  1 
ATOM   410  C CD2  . PHE A 1 30  ? -1.87986  1.06105   -10.34157 1.000 15.60650 ? 25  PHE A CD2  1 
ATOM   411  C CE1  . PHE A 1 30  ? -2.93168  2.93953   -12.02627 1.000 14.91449 ? 25  PHE A CE1  1 
ATOM   412  C CE2  . PHE A 1 30  ? -1.94269  2.38761   -9.92963  1.000 14.77143 ? 25  PHE A CE2  1 
ATOM   413  C CZ   . PHE A 1 30  ? -2.45967  3.31927   -10.75125 1.000 16.96076 ? 25  PHE A CZ   1 
ATOM   414  H H    . PHE A 1 30  ? -2.79834  -2.15624  -10.00323 1.000 21.44031 ? 25  PHE A H    1 
ATOM   415  H HA   . PHE A 1 30  ? -4.30067  -0.85870  -11.84328 1.000 22.29693 ? 25  PHE A HA   1 
ATOM   416  H HB2  . PHE A 1 30  ? -1.54357  -1.17669  -11.55094 1.000 17.78579 ? 25  PHE A HB2  1 
ATOM   417  H HB3  . PHE A 1 30  ? -2.12857  -0.77691  -12.97338 1.000 17.78579 ? 25  PHE A HB3  1 
ATOM   418  H HD1  . PHE A 1 30  ? -3.18708  1.36571   -13.25895 1.000 18.55032 ? 25  PHE A HD1  1 
ATOM   419  H HD2  . PHE A 1 30  ? -1.53973  0.41948   -9.76054  1.000 18.75568 ? 25  PHE A HD2  1 
ATOM   420  H HE1  . PHE A 1 30  ? -3.29051  3.57871   -12.59863 1.000 17.92526 ? 25  PHE A HE1  1 
ATOM   421  H HE2  . PHE A 1 30  ? -1.62830  2.63019   -9.08866  1.000 17.75359 ? 25  PHE A HE2  1 
ATOM   422  H HZ   . PHE A 1 30  ? -2.50575  4.20789   -10.48085 1.000 20.38079 ? 25  PHE A HZ   1 
ATOM   423  N N    . THR A 1 31  ? -3.87097  -3.85936  -12.13565 1.000 17.28169 ? 26  THR A N    1 
ATOM   424  C CA   . THR A 1 31  ? -4.34022  -4.96093  -12.95974 1.000 19.07551 ? 26  THR A CA   1 
ATOM   425  C C    . THR A 1 31  ? -5.77445  -5.37805  -12.64300 1.000 21.32764 ? 26  THR A C    1 
ATOM   426  O O    . THR A 1 31  ? -6.24675  -6.39162  -13.17007 1.000 24.55392 ? 26  THR A O    1 
ATOM   427  C CB   . THR A 1 31  ? -3.43409  -6.18378  -12.82601 1.000 19.85347 ? 26  THR A CB   1 
ATOM   428  O OG1  . THR A 1 31  ? -3.26313  -6.55179  -11.44445 1.000 23.10619 ? 26  THR A OG1  1 
ATOM   429  C CG2  . THR A 1 31  ? -2.04849  -5.95762  -13.44598 1.000 24.41826 ? 26  THR A CG2  1 
ATOM   430  H H    . THR A 1 31  ? -3.65690  -4.07172  -11.33024 1.000 20.76591 ? 26  THR A H    1 
ATOM   431  H HA   . THR A 1 31  ? -4.30060  -4.65714  -13.88008 1.000 22.91849 ? 26  THR A HA   1 
ATOM   432  H HB   . THR A 1 31  ? -3.86472  -6.90788  -13.30676 1.000 23.85204 ? 26  THR A HB   1 
ATOM   433  H HG1  . THR A 1 31  ? -3.97535  -6.41527  -11.02052 1.000 27.75530 ? 26  THR A HG1  1 
ATOM   434  H HG21 . THR A 1 31  ? -1.36738  -6.37887  -12.89867 1.000 29.32978 ? 26  THR A HG21 1 
ATOM   435  H HG22 . THR A 1 31  ? -2.01728  -6.33987  -14.33694 1.000 29.32978 ? 26  THR A HG22 1 
ATOM   436  H HG23 . THR A 1 31  ? -1.86224  -5.00746  -13.50438 1.000 29.32978 ? 26  THR A HG23 1 
ATOM   437  N N    . SER A 1 32  ? -6.46956  -4.63521  -11.78303 1.000 17.00934 ? 27  SER A N    1 
ATOM   438  C CA   . SER A 1 32  ? -7.85787  -4.89582  -11.42995 1.000 17.75764 ? 27  SER A CA   1 
ATOM   439  C C    . SER A 1 32  ? -8.74364  -3.74773  -11.89988 1.000 19.00483 ? 27  SER A C    1 
ATOM   440  O O    . SER A 1 32  ? -8.30919  -2.59514  -11.93773 1.000 23.38006 ? 27  SER A O    1 
ATOM   441  C CB   . SER A 1 32  ? -7.99779  -5.05393  -9.91919  1.000 17.61692 ? 27  SER A CB   1 
ATOM   442  O OG   . SER A 1 32  ? -7.04503  -5.95538  -9.40061  1.000 17.87996 ? 27  SER A OG   1 
ATOM   443  H H    . SER A 1 32  ? -6.14374  -3.95017  -11.37785 1.000 20.43908 ? 27  SER A H    1 
ATOM   444  H HA   . SER A 1 32  ? -8.16104  -5.70704  -11.86688 1.000 21.33705 ? 27  SER A HA   1 
ATOM   445  H HB2  . SER A 1 32  ? -7.86915  -4.18822  -9.50099  1.000 21.16818 ? 27  SER A HB2  1 
ATOM   446  H HB3  . SER A 1 32  ? -8.88603  -5.38948  -9.72089  1.000 21.16818 ? 27  SER A HB3  1 
ATOM   447  H HG   . SER A 1 32  ? -7.00206  -5.87888  -8.56520  1.000 21.48382 ? 27  SER A HG   1 
ATOM   448  N N    . GLN A 1 33  ? -9.98672  -4.05723  -12.27815 1.000 18.25363 ? 28  GLN A N    1 
ATOM   449  C CA   . GLN A 1 33  ? -10.90036 -2.99467  -12.65393 1.000 20.73547 ? 28  GLN A CA   1 
ATOM   450  C C    . GLN A 1 33  ? -11.34617 -2.21813  -11.41491 1.000 17.45809 ? 28  GLN A C    1 
ATOM   451  O O    . GLN A 1 33  ? -11.45112 -2.78454  -10.31414 1.000 15.94565 ? 28  GLN A O    1 
ATOM   452  C CB   . GLN A 1 33  ? -12.10693 -3.55366  -13.39218 1.000 22.48823 ? 28  GLN A CB   1 
ATOM   453  C CG   . GLN A 1 33  ? -11.72270 -4.09430  -14.78677 1.000 28.14832 ? 28  GLN A CG   1 
ATOM   454  C CD   . GLN A 1 33  ? -10.78501 -3.20182  -15.62769 1.000 29.94537 ? 28  GLN A CD   1 
ATOM   455  O OE1  . GLN A 1 33  ? -11.00477 -2.00057  -15.84762 1.000 30.78706 ? 28  GLN A OE1  1 
ATOM   456  N NE2  . GLN A 1 33  ? -9.69609  -3.80989  -16.07068 1.000 26.34986 ? 28  GLN A NE2  1 
ATOM   457  H H    . GLN A 1 33  ? -10.30983 -4.85300  -12.32225 1.000 21.93224 ? 28  GLN A H    1 
ATOM   458  H HA   . GLN A 1 33  ? -10.45215 -2.37699  -13.25266 1.000 24.91044 ? 28  GLN A HA   1 
ATOM   459  H HB2  . GLN A 1 33  ? -12.48767 -4.28210  -12.87709 1.000 27.01375 ? 28  GLN A HB2  1 
ATOM   460  H HB3  . GLN A 1 33  ? -12.76470 -2.85030  -13.50848 1.000 27.01375 ? 28  GLN A HB3  1 
ATOM   461  H HG2  . GLN A 1 33  ? -11.27512 -4.94670  -14.66848 1.000 33.80586 ? 28  GLN A HG2  1 
ATOM   462  H HG3  . GLN A 1 33  ? -12.53705 -4.21553  -15.29962 1.000 33.80586 ? 28  GLN A HG3  1 
ATOM   463  H HE21 . GLN A 1 33  ? -9.55924  -4.63782  -15.88254 1.000 31.64770 ? 28  GLN A HE21 1 
ATOM   464  H HE22 . GLN A 1 33  ? -9.12540  -3.37708  -16.54668 1.000 31.64770 ? 28  GLN A HE22 1 
ATOM   465  N N    . PRO A 1 34  ? -11.55429 -0.91124  -11.55153 1.000 19.72557 ? 29  PRO A N    1 
ATOM   466  C CA   . PRO A 1 34  ? -11.93057 -0.11944  -10.37983 1.000 18.12603 ? 29  PRO A CA   1 
ATOM   467  C C    . PRO A 1 34  ? -13.11108 -0.71894  -9.63632  1.000 18.48513 ? 29  PRO A C    1 
ATOM   468  O O    . PRO A 1 34  ? -14.13098 -1.10046  -10.21252 1.000 17.89230 ? 29  PRO A O    1 
ATOM   469  C CB   . PRO A 1 34  ? -12.24339 1.25746   -10.96388 1.000 20.72495 ? 29  PRO A CB   1 
ATOM   470  C CG   . PRO A 1 34  ? -11.39962 1.31770   -12.22586 1.000 22.44825 ? 29  PRO A CG   1 
ATOM   471  C CD   . PRO A 1 34  ? -11.48000 -0.08259  -12.77785 1.000 20.17215 ? 29  PRO A CD   1 
ATOM   472  H HA   . PRO A 1 34  ? -11.18114 -0.04534  -9.76847  1.000 21.77911 ? 29  PRO A HA   1 
ATOM   473  H HB2  . PRO A 1 34  ? -13.18874 1.32685   -11.16975 1.000 24.89782 ? 29  PRO A HB2  1 
ATOM   474  H HB3  . PRO A 1 34  ? -11.98840 1.95266   -10.33732 1.000 24.89782 ? 29  PRO A HB3  1 
ATOM   475  H HG2  . PRO A 1 34  ? -11.77168 1.96230   -12.84792 1.000 26.96577 ? 29  PRO A HG2  1 
ATOM   476  H HG3  . PRO A 1 34  ? -10.48540 1.55709   -12.00727 1.000 26.96577 ? 29  PRO A HG3  1 
ATOM   477  H HD2  . PRO A 1 34  ? -12.27424 -0.19636  -13.32294 1.000 24.23446 ? 29  PRO A HD2  1 
ATOM   478  H HD3  . PRO A 1 34  ? -10.68859 -0.29813  -13.29564 1.000 24.23446 ? 29  PRO A HD3  1 
ATOM   479  N N    . GLY A 1 35  ? -12.95855 -0.81286  -8.32964  1.000 15.60956 ? 30  GLY A N    1 
ATOM   480  C CA   . GLY A 1 35  ? -14.00268 -1.29443  -7.46390  1.000 17.53187 ? 30  GLY A CA   1 
ATOM   481  C C    . GLY A 1 35  ? -14.13580 -2.78897  -7.32927  1.000 18.80422 ? 30  GLY A C    1 
ATOM   482  O O    . GLY A 1 35  ? -14.91823 -3.24815  -6.46983  1.000 17.33081 ? 30  GLY A O    1 
ATOM   483  H H    . GLY A 1 35  ? -12.23789 -0.59672  -7.91306  1.000 18.75934 ? 30  GLY A H    1 
ATOM   484  H HA2  . GLY A 1 35  ? -13.84784 -0.93812  -6.57509  1.000 21.06612 ? 30  GLY A HA2  1 
ATOM   485  H HA3  . GLY A 1 35  ? -14.85020 -0.95877  -7.79546  1.000 21.06612 ? 30  GLY A HA3  1 
ATOM   486  N N    . SER A 1 36  ? -13.44213 -3.57125  -8.14556  1.000 17.24735 ? 31  SER A N    1 
ATOM   487  C CA   . SER A 1 36  ? -13.72416 -5.00319  -8.21008  1.000 17.50908 ? 31  SER A CA   1 
ATOM   488  C C    . SER A 1 36  ? -13.24231 -5.78442  -6.99771  1.000 16.93857 ? 31  SER A C    1 
ATOM   489  O O    . SER A 1 36  ? -13.84561 -6.81662  -6.65578  1.000 17.03842 ? 31  SER A O    1 
ATOM   490  C CB   . SER A 1 36  ? -13.11785 -5.56154  -9.50317  1.000 21.70174 ? 31  SER A CB   1 
ATOM   491  O OG   . SER A 1 36  ? -11.69189 -5.43339  -9.52418  1.000 19.22150 ? 31  SER A OG   1 
ATOM   492  H H    . SER A 1 36  ? -12.81160 -3.30469  -8.66611  1.000 20.72470 ? 31  SER A H    1 
ATOM   493  H HA   . SER A 1 36  ? -14.68541 -5.13164  -8.22979  1.000 21.03877 ? 31  SER A HA   1 
ATOM   494  H HB2  . SER A 1 36  ? -13.34710 -6.50139  -9.57410  1.000 26.06996 ? 31  SER A HB2  1 
ATOM   495  H HB3  . SER A 1 36  ? -13.48555 -5.07264  -10.25595 1.000 26.06996 ? 31  SER A HB3  1 
ATOM   496  H HG   . SER A 1 36  ? -11.47732 -4.62772  -9.62643  1.000 23.09368 ? 31  SER A HG   1 
ATOM   497  N N    . ILE A 1 37  ? -12.17854 -5.33733  -6.33659  1.000 16.52003 ? 32  ILE A N    1 
ATOM   498  C CA   . ILE A 1 37  ? -11.61991 -6.06689  -5.19414  1.000 16.06784 ? 32  ILE A CA   1 
ATOM   499  C C    . ILE A 1 37  ? -12.31845 -5.51414  -3.96120  1.000 16.54495 ? 32  ILE A C    1 
ATOM   500  O O    . ILE A 1 37  ? -11.80961 -4.64228  -3.26461  1.000 15.81466 ? 32  ILE A O    1 
ATOM   501  C CB   . ILE A 1 37  ? -10.09604 -5.93406  -5.10044  1.000 15.15264 ? 32  ILE A CB   1 
ATOM   502  C CG1  . ILE A 1 37  ? -9.39779  -6.25398  -6.43847  1.000 21.15924 ? 32  ILE A CG1  1 
ATOM   503  C CG2  . ILE A 1 37  ? -9.60125  -6.83126  -3.97599  1.000 19.71643 ? 32  ILE A CG2  1 
ATOM   504  C CD1  . ILE A 1 37  ? -9.75762  -7.57730  -6.98970  1.000 22.42174 ? 32  ILE A CD1  1 
ATOM   505  H H    . ILE A 1 37  ? -11.75829 -4.61183  -6.52803  1.000 19.85191 ? 32  ILE A H    1 
ATOM   506  H HA   . ILE A 1 37  ? -11.84222 -7.00616  -5.29026  1.000 19.30928 ? 32  ILE A HA   1 
ATOM   507  H HB   . ILE A 1 37  ? -9.87290  -5.01076  -4.90394  1.000 18.21105 ? 32  ILE A HB   1 
ATOM   508  H HG12 . ILE A 1 37  ? -9.64930  -5.58189  -7.09111  1.000 25.41896 ? 32  ILE A HG12 1 
ATOM   509  H HG13 . ILE A 1 37  ? -8.43762  -6.24034  -6.30136  1.000 25.41896 ? 32  ILE A HG13 1 
ATOM   510  H HG21 . ILE A 1 37  ? -10.11607 -7.65337  -3.97817  1.000 23.68760 ? 32  ILE A HG21 1 
ATOM   511  H HG22 . ILE A 1 37  ? -8.66240  -7.02853  -4.11926  1.000 23.68760 ? 32  ILE A HG22 1 
ATOM   512  H HG23 . ILE A 1 37  ? -9.71716  -6.37065  -3.13023  1.000 23.68760 ? 32  ILE A HG23 1 
ATOM   513  H HD11 . ILE A 1 37  ? -10.54341 -7.48274  -7.55050  1.000 26.93396 ? 32  ILE A HD11 1 
ATOM   514  H HD12 . ILE A 1 37  ? -9.01467  -7.91314  -7.51520  1.000 26.93396 ? 32  ILE A HD12 1 
ATOM   515  H HD13 . ILE A 1 37  ? -9.94543  -8.18426  -6.25675  1.000 26.93396 ? 32  ILE A HD13 1 
ATOM   516  N N    . SER A 1 38  ? -13.54589 -5.99053  -3.72663  1.000 16.25600 ? 33  SER A N    1 
ATOM   517  C CA   . SER A 1 38  ? -14.37824 -5.51904  -2.59375  1.000 17.93851 ? 33  SER A CA   1 
ATOM   518  C C    . SER A 1 38  ? -14.36447 -3.99241  -2.45103  1.000 16.20889 ? 33  SER A C    1 
ATOM   519  O O    . SER A 1 38  ? -14.16924 -3.44846  -1.37072  1.000 16.23574 ? 33  SER A O    1 
ATOM   520  C CB   . SER A 1 38  ? -13.93612 -6.20057  -1.29009  1.000 18.70422 ? 33  SER A CB   1 
ATOM   521  O OG   . SER A 1 38  ? -13.96531 -7.61458  -1.46351  1.000 23.30007 ? 33  SER A OG   1 
ATOM   522  H H    . SER A 1 38  ? -13.92801 -6.59162  -4.20857  1.000 19.53508 ? 33  SER A H    1 
ATOM   523  H HA   . SER A 1 38  ? -15.29802 -5.76406  -2.78050  1.000 21.55409 ? 33  SER A HA   1 
ATOM   524  H HB2  . SER A 1 38  ? -13.03312 -5.92179  -1.07148  1.000 22.47294 ? 33  SER A HB2  1 
ATOM   525  H HB3  . SER A 1 38  ? -14.54248 -5.95149  -0.57513  1.000 22.47294 ? 33  SER A HB3  1 
ATOM   526  H HG   . SER A 1 38  ? -14.75104 -7.86908  -1.61665  1.000 27.98796 ? 33  SER A HG   1 
ATOM   527  N N    . GLY A 1 39  ? -14.55894 -3.28503  -3.57739  1.000 16.48882 ? 34  GLY A N    1 
ATOM   528  C CA   . GLY A 1 39  ? -14.68233 -1.84091  -3.55661  1.000 14.04656 ? 34  GLY A CA   1 
ATOM   529  C C    . GLY A 1 39  ? -13.45736 -1.09469  -4.01412  1.000 15.97363 ? 34  GLY A C    1 
ATOM   530  O O    . GLY A 1 39  ? -13.51674 0.11899   -4.21220  1.000 16.52218 ? 34  GLY A O    1 
ATOM   531  H H    . GLY A 1 39  ? -14.62124 -3.63184  -4.36189  1.000 19.81445 ? 34  GLY A H    1 
ATOM   532  H HA2  . GLY A 1 39  ? -15.41821 -1.58360  -4.13382  1.000 16.88375 ? 34  GLY A HA2  1 
ATOM   533  H HA3  . GLY A 1 39  ? -14.87891 -1.55889  -2.64956  1.000 16.88375 ? 34  GLY A HA3  1 
ATOM   534  N N    . TYR A 1 40  ? -12.36331 -1.78427  -4.24330  1.000 15.44259 ? 35  TYR A N    1 
ATOM   535  C CA   . TYR A 1 40  ? -11.10017 -1.15417  -4.57352  1.000 14.45625 ? 35  TYR A CA   1 
ATOM   536  C C    . TYR A 1 40  ? -10.53754 -1.83675  -5.81073  1.000 15.14402 ? 35  TYR A C    1 
ATOM   537  O O    . TYR A 1 40  ? -10.93061 -2.95571  -6.14611  1.000 16.51768 ? 35  TYR A O    1 
ATOM   538  C CB   . TYR A 1 40  ? -10.13289 -1.23733  -3.37721  1.000 13.45430 ? 35  TYR A CB   1 
ATOM   539  C CG   . TYR A 1 40  ? -10.63097 -0.38956  -2.22030  1.000 14.97827 ? 35  TYR A CG   1 
ATOM   540  C CD1  . TYR A 1 40  ? -11.56989 -0.88021  -1.35894  1.000 18.14071 ? 35  TYR A CD1  1 
ATOM   541  C CD2  . TYR A 1 40  ? -10.19480 0.91291   -2.04923  1.000 15.02048 ? 35  TYR A CD2  1 
ATOM   542  C CE1  . TYR A 1 40  ? -12.05925 -0.11384  -0.34535  1.000 14.65977 ? 35  TYR A CE1  1 
ATOM   543  C CE2  . TYR A 1 40  ? -10.66990 1.68668   -1.04865  1.000 18.01053 ? 35  TYR A CE2  1 
ATOM   544  C CZ   . TYR A 1 40  ? -11.60350 1.18329   -0.20833  1.000 15.14116 ? 35  TYR A CZ   1 
ATOM   545  O OH   . TYR A 1 40  ? -12.05307 2.03060   0.76587   1.000 18.13271 ? 35  TYR A OH   1 
ATOM   546  H H    . TYR A 1 40  ? -12.32417 -2.64285  -4.21314  1.000 18.55899 ? 35  TYR A H    1 
ATOM   547  H HA   . TYR A 1 40  ? -11.21123 -0.21379  -4.78390  1.000 17.37538 ? 35  TYR A HA   1 
ATOM   548  H HB2  . TYR A 1 40  ? -10.06644 -2.15790  -3.07880  1.000 16.17303 ? 35  TYR A HB2  1 
ATOM   549  H HB3  . TYR A 1 40  ? -9.25933  -0.91142  -3.64474  1.000 16.17303 ? 35  TYR A HB3  1 
ATOM   550  H HD1  . TYR A 1 40  ? -11.87970 -1.75052  -1.46606  1.000 21.79673 ? 35  TYR A HD1  1 
ATOM   551  H HD2  . TYR A 1 40  ? -9.56221  1.26234   -2.63458  1.000 18.05245 ? 35  TYR A HD2  1 
ATOM   552  H HE1  . TYR A 1 40  ? -12.69001 -0.45794  0.24511   1.000 17.61960 ? 35  TYR A HE1  1 
ATOM   553  H HE2  . TYR A 1 40  ? -10.35856 2.55609   -0.93862  1.000 21.64051 ? 35  TYR A HE2  1 
ATOM   554  H HH   . TYR A 1 40  ? -12.74951 1.71980   1.11798   1.000 21.78712 ? 35  TYR A HH   1 
ATOM   555  N N    . PRO A 1 41  ? -9.62416  -1.19580  -6.48972  1.000 13.22429 ? 36  PRO A N    1 
ATOM   556  C CA   . PRO A 1 41  ? -9.12157  0.15373   -6.22886  1.000 13.36067 ? 36  PRO A CA   1 
ATOM   557  C C    . PRO A 1 41  ? -10.14167 1.23150   -6.49627  1.000 15.18655 ? 36  PRO A C    1 
ATOM   558  O O    . PRO A 1 41  ? -11.07838 1.07523   -7.27869  1.000 15.68022 ? 36  PRO A O    1 
ATOM   559  C CB   . PRO A 1 41  ? -7.94649  0.28900   -7.21616  1.000 15.55147 ? 36  PRO A CB   1 
ATOM   560  C CG   . PRO A 1 41  ? -8.42099  -0.54376  -8.40023  1.000 18.67217 ? 36  PRO A CG   1 
ATOM   561  C CD   . PRO A 1 41  ? -9.07952  -1.75232  -7.74314  1.000 16.01391 ? 36  PRO A CD   1 
ATOM   562  H HA   . PRO A 1 41  ? -8.81360  0.19980   -5.31021  1.000 16.06068 ? 36  PRO A HA   1 
ATOM   563  H HB2  . PRO A 1 41  ? -7.81371  1.21762   -7.46299  1.000 18.68964 ? 36  PRO A HB2  1 
ATOM   564  H HB3  . PRO A 1 41  ? -7.13304  -0.07106  -6.82943  1.000 18.68964 ? 36  PRO A HB3  1 
ATOM   565  H HG2  . PRO A 1 41  ? -9.05785  -0.04094  -8.93173  1.000 22.43447 ? 36  PRO A HG2  1 
ATOM   566  H HG3  . PRO A 1 41  ? -7.66653  -0.80863  -8.94936  1.000 22.43447 ? 36  PRO A HG3  1 
ATOM   567  H HD2  . PRO A 1 41  ? -9.78922  -2.10602  -8.30183  1.000 19.24456 ? 36  PRO A HD2  1 
ATOM   568  H HD3  . PRO A 1 41  ? -8.42589  -2.44497  -7.55895  1.000 19.24456 ? 36  PRO A HD3  1 
ATOM   569  N N    . SER A 1 42  ? -9.94798  2.38548   -5.87857  1.000 16.97797 ? 37  SER A N    1 
ATOM   570  C CA   . SER A 1 42  ? -10.70886 3.58474   -6.19827  1.000 16.03908 ? 37  SER A CA   1 
ATOM   571  C C    . SER A 1 42  ? -9.76859  4.57407   -6.86674  1.000 16.94126 ? 37  SER A C    1 
ATOM   572  O O    . SER A 1 42  ? -8.55016  4.35946   -6.91402  1.000 17.54049 ? 37  SER A O    1 
ATOM   573  C CB   . SER A 1 42  ? -11.34609 4.19344   -4.94226  1.000 18.88126 ? 37  SER A CB   1 
ATOM   574  O OG   . SER A 1 42  ? -10.34957 4.60244   -4.01187  1.000 20.49026 ? 37  SER A OG   1 
ATOM   575  H H    . SER A 1 42  ? -9.36728  2.50263   -5.25514  1.000 20.40144 ? 37  SER A H    1 
ATOM   576  H HA   . SER A 1 42  ? -11.43682 3.37178   -6.80294  1.000 19.27477 ? 37  SER A HA   1 
ATOM   577  H HB2  . SER A 1 42  ? -11.87340 4.96598   -5.19920  1.000 22.68539 ? 37  SER A HB2  1 
ATOM   578  H HB3  . SER A 1 42  ? -11.91441 3.52833   -4.52328  1.000 22.68539 ? 37  SER A HB3  1 
ATOM   579  H HG   . SER A 1 42  ? -9.93629  3.93183   -3.72019  1.000 24.61619 ? 37  SER A HG   1 
ATOM   580  N N    . ILE A 1 43  ? -10.32756 5.64511   -7.42704  1.000 20.88794 ? 38  ILE A N    1 
ATOM   581  C CA   . ILE A 1 43  ? -9.57357  6.57998   -8.25362  1.000 21.48756 ? 38  ILE A CA   1 
ATOM   582  C C    . ILE A 1 43  ? -9.51258  7.92670   -7.55765  1.000 30.84616 ? 38  ILE A C    1 
ATOM   583  O O    . ILE A 1 43  ? -10.54310 8.46299   -7.12962  1.000 28.19819 ? 38  ILE A O    1 
ATOM   584  C CB   . ILE A 1 43  ? -10.17418 6.67088   -9.66039  1.000 22.41848 ? 38  ILE A CB   1 
ATOM   585  C CG1  . ILE A 1 43  ? -9.90223  5.35675   -10.38584 1.000 28.65422 ? 38  ILE A CG1  1 
ATOM   586  C CG2  . ILE A 1 43  ? -9.50954  7.79466   -10.45298 1.000 31.64695 ? 38  ILE A CG2  1 
ATOM   587  C CD1  . ILE A 1 43  ? -11.09116 4.80975   -11.08727 1.000 33.22682 ? 38  ILE A CD1  1 
ATOM   588  H H    . ILE A 1 43  ? -11.15747 5.85300   -7.33973  1.000 25.09340 ? 38  ILE A H    1 
ATOM   589  H HA   . ILE A 1 43  ? -8.65663  6.27515   -8.33850  1.000 25.81295 ? 38  ILE A HA   1 
ATOM   590  H HB   . ILE A 1 43  ? -11.12547 6.84501   -9.58535  1.000 26.93005 ? 38  ILE A HB   1 
ATOM   591  H HG12 . ILE A 1 43  ? -9.20805  5.50259   -11.04745 1.000 34.41293 ? 38  ILE A HG12 1 
ATOM   592  H HG13 . ILE A 1 43  ? -9.60974  4.69663   -9.73807  1.000 34.41293 ? 38  ILE A HG13 1 
ATOM   593  H HG21 . ILE A 1 43  ? -9.84713  7.78222   -11.36226 1.000 38.00421 ? 38  ILE A HG21 1 
ATOM   594  H HG22 . ILE A 1 43  ? -9.71957  8.64379   -10.03374 1.000 38.00421 ? 38  ILE A HG22 1 
ATOM   595  H HG23 . ILE A 1 43  ? -8.54965  7.65502   -10.45459 1.000 38.00421 ? 38  ILE A HG23 1 
ATOM   596  H HD11 . ILE A 1 43  ? -10.82197 4.03889   -11.61091 1.000 39.90006 ? 38  ILE A HD11 1 
ATOM   597  H HD12 . ILE A 1 43  ? -11.75335 4.54743   -10.42879 1.000 39.90006 ? 38  ILE A HD12 1 
ATOM   598  H HD13 . ILE A 1 43  ? -11.45675 5.49392   -11.66964 1.000 39.90006 ? 38  ILE A HD13 1 
ATOM   599  N N    . CYS A 1 44  ? -8.29181  8.44679   -7.41348  1.000 29.42615 ? 39  CYS A N    1 
ATOM   600  C CA   . CYS A 1 44  ? -8.05021  9.72200   -6.76409  1.000 33.77234 ? 39  CYS A CA   1 
ATOM   601  C C    . CYS A 1 44  ? -8.05283  10.82620  -7.81571  1.000 36.61698 ? 39  CYS A C    1 
ATOM   602  O O    . CYS A 1 44  ? -8.00468  12.00354  -7.46633  1.000 52.81139 ? 39  CYS A O    1 
ATOM   603  C CB   . CYS A 1 44  ? -6.71627  9.71970   -6.02496  1.000 36.26313 ? 39  CYS A CB   1 
ATOM   604  S SG   . CYS A 1 44  ? -6.42146  8.25287   -5.00901  1.000 42.70340 ? 39  CYS A SG   1 
ATOM   605  N N    . PRO A 1 53  ? -2.31923  14.44647  -16.72060 1.000 51.52869 ? 48  PRO A N    1 
ATOM   606  C CA   . PRO A 1 53  ? -3.19588  13.32703  -16.36797 1.000 53.35947 ? 48  PRO A CA   1 
ATOM   607  C C    . PRO A 1 53  ? -2.42052  12.05574  -16.03195 1.000 46.44106 ? 48  PRO A C    1 
ATOM   608  O O    . PRO A 1 53  ? -2.03087  11.32615  -16.94049 1.000 45.63425 ? 48  PRO A O    1 
ATOM   609  C CB   . PRO A 1 53  ? -4.03049  13.12805  -17.64443 1.000 57.84919 ? 48  PRO A CB   1 
ATOM   610  C CG   . PRO A 1 53  ? -3.21029  13.81441  -18.78020 1.000 64.65198 ? 48  PRO A CG   1 
ATOM   611  C CD   . PRO A 1 53  ? -1.94842  14.38217  -18.14175 1.000 56.40269 ? 48  PRO A CD   1 
ATOM   612  N N    . ASP A 1 54  ? -2.21421  11.77828  -14.74563 1.000 46.06875 ? 49  ASP A N    1 
ATOM   613  C CA   . ASP A 1 54  ? -1.48497  10.58435  -14.30777 1.000 39.91176 ? 49  ASP A CA   1 
ATOM   614  C C    . ASP A 1 54  ? -2.35859  9.82224   -13.30623 1.000 38.96832 ? 49  ASP A C    1 
ATOM   615  O O    . ASP A 1 54  ? -2.43990  10.19314  -12.12962 1.000 35.87334 ? 49  ASP A O    1 
ATOM   616  C CB   . ASP A 1 54  ? -0.13746  10.95806  -13.70225 1.000 38.95573 ? 49  ASP A CB   1 
ATOM   617  C CG   . ASP A 1 54  ? 0.82275   9.78239   -13.64656 1.000 40.24442 ? 49  ASP A CG   1 
ATOM   618  O OD1  . ASP A 1 54  ? 0.42972   8.66872   -14.08073 1.000 42.03355 ? 49  ASP A OD1  1 
ATOM   619  O OD2  . ASP A 1 54  ? 1.98459   9.99626   -13.21992 1.000 47.39729 ? 49  ASP A OD2  1 
ATOM   620  N N    . GLU A 1 55  ? -2.97931  8.73499   -13.76581 1.000 31.83659 ? 50  GLU A N    1 
ATOM   621  C CA   . GLU A 1 55  ? -4.03103  8.06397   -12.99934 1.000 27.59480 ? 50  GLU A CA   1 
ATOM   622  C C    . GLU A 1 55  ? -3.51465  7.53686   -11.67167 1.000 22.45264 ? 50  GLU A C    1 
ATOM   623  O O    . GLU A 1 55  ? -2.59018  6.72702   -11.63165 1.000 21.35882 ? 50  GLU A O    1 
ATOM   624  C CB   . GLU A 1 55  ? -4.61451  6.92298   -13.83366 1.000 24.11159 ? 50  GLU A CB   1 
ATOM   625  C CG   . GLU A 1 55  ? -5.84303  6.20479   -13.26270 1.000 24.84313 ? 50  GLU A CG   1 
ATOM   626  C CD   . GLU A 1 55  ? -6.23785  5.04301   -14.15877 1.000 32.33957 ? 50  GLU A CD   1 
ATOM   627  O OE1  . GLU A 1 55  ? -6.88926  5.30961   -15.20025 1.000 31.73663 ? 50  GLU A OE1  1 
ATOM   628  O OE2  . GLU A 1 55  ? -5.83125  3.88008   -13.91220 1.000 28.98075 ? 50  GLU A OE2  1 
ATOM   629  H H    . GLU A 1 55  ? -2.80969  8.36332   -14.52257 1.000 38.23178 ? 50  GLU A H    1 
ATOM   630  H HA   . GLU A 1 55  ? -4.72880  8.70783   -12.80068 1.000 33.14163 ? 50  GLU A HA   1 
ATOM   631  H HB2  . GLU A 1 55  ? -4.87355  7.28429   -14.69579 1.000 28.96178 ? 50  GLU A HB2  1 
ATOM   632  H HB3  . GLU A 1 55  ? -3.92327  6.25235   -13.94913 1.000 28.96178 ? 50  GLU A HB3  1 
ATOM   633  H HG2  . GLU A 1 55  ? -5.63728  5.85976   -12.37980 1.000 29.83963 ? 50  GLU A HG2  1 
ATOM   634  H HG3  . GLU A 1 55  ? -6.58770  6.82427   -13.21155 1.000 29.83963 ? 50  GLU A HG3  1 
ATOM   635  N N    . ARG A 1 56  ? -4.14520  7.97551   -10.59118 1.000 22.98792 ? 51  ARG A N    1 
ATOM   636  C CA   . ARG A 1 56  ? -3.80104  7.57638   -9.23556  1.000 21.68741 ? 51  ARG A CA   1 
ATOM   637  C C    . ARG A 1 56  ? -4.88292  6.65713   -8.70143  1.000 18.22768 ? 51  ARG A C    1 
ATOM   638  O O    . ARG A 1 56  ? -6.06779  6.98136   -8.76622  1.000 21.68367 ? 51  ARG A O    1 
ATOM   639  C CB   . ARG A 1 56  ? -3.65421  8.80687   -8.34519  1.000 23.06600 ? 51  ARG A CB   1 
ATOM   640  C CG   . ARG A 1 56  ? -3.02935  8.61646   -7.01620  1.000 32.89967 ? 51  ARG A CG   1 
ATOM   641  C CD   . ARG A 1 56  ? -2.72273  9.99900   -6.42469  1.000 37.90266 ? 51  ARG A CD   1 
ATOM   642  N NE   . ARG A 1 56  ? -1.78010  10.71953  -7.27871  1.000 38.38753 ? 51  ARG A NE   1 
ATOM   643  C CZ   . ARG A 1 56  ? -1.16713  11.84685  -6.93852  1.000 42.99808 ? 51  ARG A CZ   1 
ATOM   644  N NH1  . ARG A 1 56  ? -1.40870  12.44230  -5.78141  1.000 43.73660 ? 51  ARG A NH1  1 
ATOM   645  N NH2  . ARG A 1 56  ? -0.27409  12.37687  -7.77177  1.000 39.76928 ? 51  ARG A NH2  1 
ATOM   646  H H    . ARG A 1 56  ? -4.80336  8.52832   -10.61982 1.000 27.61338 ? 51  ARG A H    1 
ATOM   647  H HA   . ARG A 1 56  ? -2.96158  7.09042   -9.22887  1.000 26.05277 ? 51  ARG A HA   1 
ATOM   648  H HB2  . ARG A 1 56  ? -3.11061  9.45469   -8.82032  1.000 27.70708 ? 51  ARG A HB2  1 
ATOM   649  H HB3  . ARG A 1 56  ? -4.54061  9.16849   -8.18897  1.000 27.70708 ? 51  ARG A HB3  1 
ATOM   650  H HG2  . ARG A 1 56  ? -3.63839  8.14586   -6.42586  1.000 39.50748 ? 51  ARG A HG2  1 
ATOM   651  H HG3  . ARG A 1 56  ? -2.20203  8.11794   -7.10520  1.000 39.50748 ? 51  ARG A HG3  1 
ATOM   652  H HD2  . ARG A 1 56  ? -3.54156  10.51527  -6.36242  1.000 45.51107 ? 51  ARG A HD2  1 
ATOM   653  H HD3  . ARG A 1 56  ? -2.32760  9.89621   -5.54479  1.000 45.51107 ? 51  ARG A HD3  1 
ATOM   654  H HE   . ARG A 1 56  ? -1.61100  10.39041  -8.05503  1.000 46.09291 ? 51  ARG A HE   1 
ATOM   655  H HH11 . ARG A 1 56  ? -1.97344  12.09931  -5.23096  1.000 52.51180 ? 51  ARG A HH11 1 
ATOM   656  H HH12 . ARG A 1 56  ? -1.00090  13.17220  -5.58003  1.000 52.51180 ? 51  ARG A HH12 1 
ATOM   657  H HH21 . ARG A 1 56  ? -0.10069  11.98921  -8.51960  1.000 47.75100 ? 51  ARG A HH21 1 
ATOM   658  H HH22 . ARG A 1 56  ? 0.12934   13.10686  -7.56214  1.000 47.75100 ? 51  ARG A HH22 1 
ATOM   659  N N    . ARG A 1 57  ? -4.46831  5.51715   -8.16786  1.000 15.23375 ? 52  ARG A N    1 
ATOM   660  C CA   . ARG A 1 57  ? -5.39367  4.55306   -7.59182  1.000 17.24445 ? 52  ARG A CA   1 
ATOM   661  C C    . ARG A 1 57  ? -5.09189  4.36423   -6.11491  1.000 17.60973 ? 52  ARG A C    1 
ATOM   662  O O    . ARG A 1 57  ? -3.93803  4.43118   -5.68961  1.000 16.04192 ? 52  ARG A O    1 
ATOM   663  C CB   . ARG A 1 57  ? -5.29293  3.19565   -8.30143  1.000 18.34202 ? 52  ARG A CB   1 
ATOM   664  C CG   . ARG A 1 57  ? -5.91144  3.19697   -9.71585  1.000 14.92682 ? 52  ARG A CG   1 
ATOM   665  C CD   . ARG A 1 57  ? -5.81865  1.84689   -10.41535 1.000 14.42131 ? 52  ARG A CD   1 
ATOM   666  N NE   . ARG A 1 57  ? -6.28898  2.03794   -11.78081 1.000 19.10943 ? 52  ARG A NE   1 
ATOM   667  C CZ   . ARG A 1 57  ? -7.07901  1.19652   -12.42375 1.000 21.36063 ? 52  ARG A CZ   1 
ATOM   668  N NH1  . ARG A 1 57  ? -7.30875  -0.01854  -11.96825 1.000 18.04094 ? 52  ARG A NH1  1 
ATOM   669  N NH2  . ARG A 1 57  ? -7.65421  1.59124   -13.55832 1.000 25.62623 ? 52  ARG A NH2  1 
ATOM   670  H H    . ARG A 1 57  ? -3.64374  5.27627   -8.12720  1.000 18.30838 ? 52  ARG A H    1 
ATOM   671  H HA   . ARG A 1 57  ? -6.30014  4.88612   -7.68290  1.000 20.72122 ? 52  ARG A HA   1 
ATOM   672  H HB2  . ARG A 1 57  ? -4.35708  2.95490   -8.38583  1.000 22.03829 ? 52  ARG A HB2  1 
ATOM   673  H HB3  . ARG A 1 57  ? -5.76030  2.53020   -7.77262  1.000 22.03829 ? 52  ARG A HB3  1 
ATOM   674  H HG2  . ARG A 1 57  ? -6.84990  3.43288   -9.64841  1.000 17.94006 ? 52  ARG A HG2  1 
ATOM   675  H HG3  . ARG A 1 57  ? -5.44423  3.84778   -10.26271 1.000 17.94006 ? 52  ARG A HG3  1 
ATOM   676  H HD2  . ARG A 1 57  ? -4.89961  1.53696   -10.43045 1.000 17.33344 ? 52  ARG A HD2  1 
ATOM   677  H HD3  . ARG A 1 57  ? -6.38112  1.19548   -9.96792  1.000 17.33344 ? 52  ARG A HD3  1 
ATOM   678  H HE   . ARG A 1 57  ? -6.03512  2.74661   -12.19667 1.000 22.95919 ? 52  ARG A HE   1 
ATOM   679  H HH11 . ARG A 1 57  ? -6.94083  -0.28006  -11.23624 1.000 21.67700 ? 52  ARG A HH11 1 
ATOM   680  H HH12 . ARG A 1 57  ? -7.82661  -0.54996  -12.40300 1.000 21.67700 ? 52  ARG A HH12 1 
ATOM   681  H HH21 . ARG A 1 57  ? -7.50888  2.38284   -13.86137 1.000 30.77934 ? 52  ARG A HH21 1 
ATOM   682  H HH22 . ARG A 1 57  ? -8.17095  1.05450   -13.98785 1.000 30.77934 ? 52  ARG A HH22 1 
ATOM   683  N N    . GLN A 1 58  ? -6.14546  4.12496   -5.35694  1.000 15.57205 ? 53  GLN A N    1 
ATOM   684  C CA   . GLN A 1 58  ? -6.08185  3.92883   -3.91819  1.000 15.23393 ? 53  GLN A CA   1 
ATOM   685  C C    . GLN A 1 58  ? -6.43203  2.46167   -3.67652  1.000 14.01812 ? 53  GLN A C    1 
ATOM   686  O O    . GLN A 1 58  ? -7.40768  1.95102   -4.26314  1.000 15.41960 ? 53  GLN A O    1 
ATOM   687  C CB   . GLN A 1 58  ? -7.06087  4.87863   -3.25144  1.000 16.73962 ? 53  GLN A CB   1 
ATOM   688  C CG   . GLN A 1 58  ? -7.16648  4.74699   -1.78399  1.000 19.13058 ? 53  GLN A CG   1 
ATOM   689  C CD   . GLN A 1 58  ? -8.20000  5.69973   -1.23422  1.000 18.94260 ? 53  GLN A CD   1 
ATOM   690  O OE1  . GLN A 1 58  ? -9.36276  5.31333   -1.14704  1.000 20.94523 ? 53  GLN A OE1  1 
ATOM   691  N NE2  . GLN A 1 58  ? -7.80269  6.90082   -0.82354  1.000 19.76001 ? 53  GLN A NE2  1 
ATOM   692  H H    . GLN A 1 58  ? -6.94612  4.06864   -5.66577  1.000 18.71433 ? 53  GLN A H    1 
ATOM   693  H HA   . GLN A 1 58  ? -5.20745  4.10260   -3.53593  1.000 18.30859 ? 53  GLN A HA   1 
ATOM   694  H HB2  . GLN A 1 58  ? -6.78240  5.78816   -3.44145  1.000 20.11542 ? 53  GLN A HB2  1 
ATOM   695  H HB3  . GLN A 1 58  ? -7.94316  4.71774   -3.62100  1.000 20.11542 ? 53  GLN A HB3  1 
ATOM   696  H HG2  . GLN A 1 58  ? -7.43099  3.84143   -1.55840  1.000 22.98457 ? 53  GLN A HG2  1 
ATOM   697  H HG3  . GLN A 1 58  ? -6.31003  4.95332   -1.37800  1.000 22.98457 ? 53  GLN A HG3  1 
ATOM   698  H HE21 . GLN A 1 58  ? -6.97260  7.11983   -0.87448  1.000 23.73988 ? 53  GLN A HE21 1 
ATOM   699  H HE22 . GLN A 1 58  ? -8.37588  7.45840   -0.50705  1.000 23.73988 ? 53  GLN A HE22 1 
ATOM   700  N N    . PHE A 1 59  ? -5.61877  1.77855   -2.86620  1.000 14.84684 ? 54  PHE A N    1 
ATOM   701  C CA   . PHE A 1 59  ? -5.80252  0.36190   -2.63828  1.000 13.17760 ? 54  PHE A CA   1 
ATOM   702  C C    . PHE A 1 59  ? -5.30470  -0.07818  -1.26649  1.000 13.70137 ? 54  PHE A C    1 
ATOM   703  O O    . PHE A 1 59  ? -4.23662  0.36569   -0.84384  1.000 16.16597 ? 54  PHE A O    1 
ATOM   704  C CB   . PHE A 1 59  ? -5.08441  -0.40198  -3.76574  1.000 17.24682 ? 54  PHE A CB   1 
ATOM   705  C CG   . PHE A 1 59  ? -5.53563  -1.82358  -3.88855  1.000 15.14368 ? 54  PHE A CG   1 
ATOM   706  C CD1  . PHE A 1 59  ? -6.67364  -2.14824  -4.59488  1.000 16.18897 ? 54  PHE A CD1  1 
ATOM   707  C CD2  . PHE A 1 59  ? -4.84723  -2.82218  -3.21653  1.000 19.33041 ? 54  PHE A CD2  1 
ATOM   708  C CE1  . PHE A 1 59  ? -7.12221  -3.46634  -4.65115  1.000 17.02411 ? 54  PHE A CE1  1 
ATOM   709  C CE2  . PHE A 1 59  ? -5.29176  -4.13972  -3.24782  1.000 18.80191 ? 54  PHE A CE2  1 
ATOM   710  C CZ   . PHE A 1 59  ? -6.43504  -4.46041  -3.98659  1.000 18.66167 ? 54  PHE A CZ   1 
ATOM   711  H H    . PHE A 1 59  ? -4.95522  2.12263   -2.44088  1.000 17.84409 ? 54  PHE A H    1 
ATOM   712  H HA   . PHE A 1 59  ? -6.74935  0.15298   -2.61068  1.000 15.84099 ? 54  PHE A HA   1 
ATOM   713  H HB2  . PHE A 1 59  ? -5.26181  0.04227   -4.60958  1.000 20.72406 ? 54  PHE A HB2  1 
ATOM   714  H HB3  . PHE A 1 59  ? -4.13114  -0.40501  -3.58638  1.000 20.72406 ? 54  PHE A HB3  1 
ATOM   715  H HD1  . PHE A 1 59  ? -7.14665  -1.48137  -5.03810  1.000 19.45463 ? 54  PHE A HD1  1 
ATOM   716  H HD2  . PHE A 1 59  ? -4.07852  -2.60824  -2.73880  1.000 23.22437 ? 54  PHE A HD2  1 
ATOM   717  H HE1  . PHE A 1 59  ? -7.88646  -3.67611  -5.13778  1.000 20.45680 ? 54  PHE A HE1  1 
ATOM   718  H HE2  . PHE A 1 59  ? -4.83307  -4.80112  -2.78191  1.000 22.59016 ? 54  PHE A HE2  1 
ATOM   719  H HZ   . PHE A 1 59  ? -6.73096  -5.34102  -4.02958  1.000 22.42187 ? 54  PHE A HZ   1 
ATOM   720  N N    . PRO A 1 60  ? -6.02176  -0.95794  -0.57131  1.000 13.76394 ? 55  PRO A N    1 
ATOM   721  C CA   . PRO A 1 60  ? -5.60231  -1.34467  0.78474   1.000 14.36321 ? 55  PRO A CA   1 
ATOM   722  C C    . PRO A 1 60  ? -4.35572  -2.22737  0.82347   1.000 18.62328 ? 55  PRO A C    1 
ATOM   723  O O    . PRO A 1 60  ? -4.01832  -2.95275  -0.11290  1.000 19.84373 ? 55  PRO A O    1 
ATOM   724  C CB   . PRO A 1 60  ? -6.81705  -2.09692  1.33565   1.000 17.22185 ? 55  PRO A CB   1 
ATOM   725  C CG   . PRO A 1 60  ? -7.96990  -1.66055  0.47682   1.000 15.12903 ? 55  PRO A CG   1 
ATOM   726  C CD   . PRO A 1 60  ? -7.34879  -1.48836  -0.89980  1.000 14.76998 ? 55  PRO A CD   1 
ATOM   727  H HA   . PRO A 1 60  ? -5.42797  -0.54303  1.30232   1.000 17.26373 ? 55  PRO A HA   1 
ATOM   728  H HB2  . PRO A 1 60  ? -6.67325  -3.05346  1.26324   1.000 20.69410 ? 55  PRO A HB2  1 
ATOM   729  H HB3  . PRO A 1 60  ? -6.96345  -1.85270  2.26292   1.000 20.69410 ? 55  PRO A HB3  1 
ATOM   730  H HG2  . PRO A 1 60  ? -8.65942  -2.34274  0.46833   1.000 18.18271 ? 55  PRO A HG2  1 
ATOM   731  H HG3  . PRO A 1 60  ? -8.33505  -0.82383  0.80467   1.000 18.18271 ? 55  PRO A HG3  1 
ATOM   732  H HD2  . PRO A 1 60  ? -7.28145  -2.33832  -1.36234  1.000 17.75185 ? 55  PRO A HD2  1 
ATOM   733  H HD3  . PRO A 1 60  ? -7.85492  -0.85807  -1.43595  1.000 17.75185 ? 55  PRO A HD3  1 
ATOM   734  N N    . LEU A 1 61  ? -3.67963  -2.14693  1.97004   1.000 20.68138 ? 56  LEU A N    1 
ATOM   735  C CA   . LEU A 1 61  ? -2.46221  -2.87751  2.25981   1.000 23.26461 ? 56  LEU A CA   1 
ATOM   736  C C    . LEU A 1 61  ? -2.67751  -3.62906  3.56183   1.000 20.69517 ? 56  LEU A C    1 
ATOM   737  O O    . LEU A 1 61  ? -3.53812  -3.26415  4.35927   1.000 23.87958 ? 56  LEU A O    1 
ATOM   738  C CB   . LEU A 1 61  ? -1.25699  -1.94703  2.44819   1.000 23.44875 ? 56  LEU A CB   1 
ATOM   739  C CG   . LEU A 1 61  ? -0.80855  -0.95876  1.40652   1.000 22.40433 ? 56  LEU A CG   1 
ATOM   740  C CD1  . LEU A 1 61  ? 0.03373   0.12008   2.08803   1.000 27.12102 ? 56  LEU A CD1  1 
ATOM   741  C CD2  . LEU A 1 61  ? -0.02269  -1.64912  0.33980   1.000 31.39797 ? 56  LEU A CD2  1 
ATOM   742  H H    . LEU A 1 61  ? -3.92510  -1.64742  2.62566   1.000 24.84553 ? 56  LEU A H    1 
ATOM   743  H HA   . LEU A 1 61  ? -2.26996  -3.48685  1.52998   1.000 27.94540 ? 56  LEU A HA   1 
ATOM   744  H HB2  . LEU A 1 61  ? -1.44097  -1.41779  3.24000   1.000 28.16638 ? 56  LEU A HB2  1 
ATOM   745  H HB3  . LEU A 1 61  ? -0.49014  -2.52044  2.60320   1.000 28.16638 ? 56  LEU A HB3  1 
ATOM   746  H HG   . LEU A 1 61  ? -1.57483  -0.54372  0.98055   1.000 26.91308 ? 56  LEU A HG   1 
ATOM   747  H HD11 . LEU A 1 61  ? 0.32164   0.76368   1.42185   1.000 32.57310 ? 56  LEU A HD11 1 
ATOM   748  H HD12 . LEU A 1 61  ? -0.50478  0.56146   2.76336   1.000 32.57310 ? 56  LEU A HD12 1 
ATOM   749  H HD13 . LEU A 1 61  ? 0.80624   -0.29643  2.50112   1.000 32.57310 ? 56  LEU A HD13 1 
ATOM   750  H HD21 . LEU A 1 61  ? 0.24247   -0.99802  -0.32854  1.000 37.70544 ? 56  LEU A HD21 1 
ATOM   751  H HD22 . LEU A 1 61  ? 0.76395   -2.05307  0.73844   1.000 37.70544 ? 56  LEU A HD22 1 
ATOM   752  H HD23 . LEU A 1 61  ? -0.57614  -2.33405  -0.06697  1.000 37.70544 ? 56  LEU A HD23 1 
ATOM   753  N N    . THR A 1 62  ? -1.87841  -4.67198  3.77822   1.000 25.90775 ? 57  THR A N    1 
ATOM   754  C CA   . THR A 1 62  ? -1.81783  -5.31863  5.08349   1.000 25.61347 ? 57  THR A CA   1 
ATOM   755  C C    . THR A 1 62  ? -0.42172  -5.22621  5.69148   1.000 33.60744 ? 57  THR A C    1 
ATOM   756  O O    . THR A 1 62  ? 0.58770   -5.09539  4.98993   1.000 30.85988 ? 57  THR A O    1 
ATOM   757  C CB   . THR A 1 62  ? -2.21142  -6.79688  5.00774   1.000 29.94909 ? 57  THR A CB   1 
ATOM   758  O OG1  . THR A 1 62  ? -1.19272  -7.51791  4.30297   1.000 37.21376 ? 57  THR A OG1  1 
ATOM   759  C CG2  . THR A 1 62  ? -3.53570  -6.97284  4.28923   1.000 29.57340 ? 57  THR A CG2  1 
ATOM   760  H H    . THR A 1 62  ? -1.36360  -5.02092  3.18423   1.000 31.11717 ? 57  THR A H    1 
ATOM   761  H HA   . THR A 1 62  ? -2.43617  -4.84919  5.66502   1.000 30.76403 ? 57  THR A HA   1 
ATOM   762  H HB   . THR A 1 62  ? -2.30926  -7.15076  5.90557   1.000 35.96679 ? 57  THR A HB   1 
ATOM   763  H HG1  . THR A 1 62  ? -1.00394  -7.12205  3.58655   1.000 44.68438 ? 57  THR A HG1  1 
ATOM   764  H HG21 . THR A 1 62  ? -4.24070  -6.51913  4.77711   1.000 35.51596 ? 57  THR A HG21 1 
ATOM   765  H HG22 . THR A 1 62  ? -3.48054  -6.59934  3.39572   1.000 35.51596 ? 57  THR A HG22 1 
ATOM   766  H HG23 . THR A 1 62  ? -3.75475  -7.91548  4.22342   1.000 35.51596 ? 57  THR A HG23 1 
ATOM   767  N N    . ASP A 1 63  ? -0.38479  -5.34494  7.02415   1.000 38.53854 ? 58  ASP A N    1 
ATOM   768  C CA   . ASP A 1 63  ? 0.87806   -5.44275  7.74551   1.000 42.08456 ? 58  ASP A CA   1 
ATOM   769  C C    . ASP A 1 63  ? 1.49470   -6.82356  7.63095   1.000 46.96549 ? 58  ASP A C    1 
ATOM   770  O O    . ASP A 1 63  ? 2.69001   -6.97559  7.89654   1.000 55.71363 ? 58  ASP A O    1 
ATOM   771  C CB   . ASP A 1 63  ? 0.68859   -5.13248  9.23265   1.000 42.30635 ? 58  ASP A CB   1 
ATOM   772  C CG   . ASP A 1 63  ? -0.49997  -5.86361  9.83642   1.000 49.26365 ? 58  ASP A CG   1 
ATOM   773  O OD1  . ASP A 1 63  ? -1.13790  -6.66739  9.11239   1.000 47.86459 ? 58  ASP A OD1  1 
ATOM   774  O OD2  . ASP A 1 63  ? -0.80131  -5.62638  11.03192  1.000 52.80154 ? 58  ASP A OD2  1 
ATOM   775  H H    . ASP A 1 63  ? -1.08014  -5.37082  7.52953   1.000 46.27412 ? 58  ASP A H    1 
ATOM   776  H HA   . ASP A 1 63  ? 1.48355   -4.78258  7.37344   1.000 50.52935 ? 58  ASP A HA   1 
ATOM   777  H HB2  . ASP A 1 63  ? 1.48479   -5.40270  9.71632   1.000 50.79549 ? 58  ASP A HB2  1 
ATOM   778  H HB3  . ASP A 1 63  ? 0.54189   -4.17978  9.34104   1.000 50.79549 ? 58  ASP A HB3  1 
ATOM   779  N N    . THR A 1 64  ? 0.70478   -7.83000  7.27012   1.000 44.02402 ? 59  THR A N    1 
ATOM   780  C CA   . THR A 1 64  ? 1.16801   -9.20967  7.22973   1.000 49.17647 ? 59  THR A CA   1 
ATOM   781  C C    . THR A 1 64  ? 1.92125   -9.54686  5.95777   1.000 49.59242 ? 59  THR A C    1 
ATOM   782  O O    . THR A 1 64  ? 2.40127   -10.67824 5.82318   1.000 52.33291 ? 59  THR A O    1 
ATOM   783  C CB   . THR A 1 64  ? -0.02459  -10.16019 7.38447   1.000 49.86216 ? 59  THR A CB   1 
ATOM   784  O OG1  . THR A 1 64  ? 0.39880   -11.51750 7.21138   1.000 58.23900 ? 59  THR A OG1  1 
ATOM   785  C CG2  . THR A 1 64  ? -1.11618  -9.85329  6.37053   1.000 48.45900 ? 59  THR A CG2  1 
ATOM   786  H H    . THR A 1 64  ? -0.11861  -7.73642  7.04017   1.000 52.85669 ? 59  THR A H    1 
ATOM   787  H HA   . THR A 1 64  ? 1.77133   -9.35472  7.97528   1.000 59.03963 ? 59  THR A HA   1 
ATOM   788  H HB   . THR A 1 64  ? -0.39323  -10.04318 8.27402   1.000 59.86246 ? 59  THR A HB   1 
ATOM   789  H HG1  . THR A 1 64  ? -0.25794  -12.03543 7.28912   1.000 69.91467 ? 59  THR A HG1  1 
ATOM   790  H HG21 . THR A 1 64  ? -1.84339  -10.48846 6.46346   1.000 58.17867 ? 59  THR A HG21 1 
ATOM   791  H HG22 . THR A 1 64  ? -1.46012  -8.95776  6.51416   1.000 58.17867 ? 59  THR A HG22 1 
ATOM   792  H HG23 . THR A 1 64  ? -0.75927  -9.91286  5.47054   1.000 58.17867 ? 59  THR A HG23 1 
ATOM   793  N N    . GLY A 1 65  ? 2.02151   -8.61458  5.01703   1.000 47.46620 ? 60  GLY A N    1 
ATOM   794  C CA   . GLY A 1 65  ? 2.58273   -8.93651  3.72115   1.000 44.35487 ? 60  GLY A CA   1 
ATOM   795  C C    . GLY A 1 65  ? 1.57019   -9.59750  2.80125   1.000 43.75363 ? 60  GLY A C    1 
ATOM   796  O O    . GLY A 1 65  ? 1.72477   -9.59905  1.56782   1.000 45.23876 ? 60  GLY A O    1 
ATOM   797  H H    . GLY A 1 65  ? 1.77259   -7.79642  5.10792   1.000 56.98731 ? 60  GLY A H    1 
ATOM   798  H HA2  . GLY A 1 65  ? 2.89690   -8.12306  3.29632   1.000 53.25372 ? 60  GLY A HA2  1 
ATOM   799  H HA3  . GLY A 1 65  ? 3.33176   -9.54182  3.83712   1.000 53.25372 ? 60  GLY A HA3  1 
ATOM   800  N N    . ALA A 1 66  ? 0.53079   -10.18330 3.39556   1.000 38.51682 ? 61  ALA A N    1 
ATOM   801  C CA   . ALA A 1 66  ? -0.49999  -10.85770 2.61827   1.000 38.70939 ? 61  ALA A CA   1 
ATOM   802  C C    . ALA A 1 66  ? -1.28801  -9.83205  1.81632   1.000 35.41787 ? 61  ALA A C    1 
ATOM   803  O O    . ALA A 1 66  ? -1.43678  -8.68020  2.22531   1.000 33.75340 ? 61  ALA A O    1 
ATOM   804  C CB   . ALA A 1 66  ? -1.46408  -11.63771 3.51652   1.000 45.32026 ? 61  ALA A CB   1 
ATOM   805  H H    . ALA A 1 66  ? 0.40173   -10.20294 4.24561   1.000 46.24805 ? 61  ALA A H    1 
ATOM   806  H HA   . ALA A 1 66  ? -0.07817  -11.49371 2.01953   1.000 46.47914 ? 61  ALA A HA   1 
ATOM   807  H HB1  . ALA A 1 66  ? -2.01892  -12.20928 2.96302   1.000 54.41218 ? 61  ALA A HB1  1 
ATOM   808  H HB2  . ALA A 1 66  ? -0.95037  -12.17688 4.13804   1.000 54.41218 ? 61  ALA A HB2  1 
ATOM   809  H HB3  . ALA A 1 66  ? -2.01945  -11.00954 4.00425   1.000 54.41218 ? 61  ALA A HB3  1 
ATOM   810  N N    . ARG A 1 67  ? -1.78142  -10.24047 0.65440   1.000 34.78049 ? 62  ARG A N    1 
ATOM   811  C CA   . ARG A 1 67  ? -2.64532  -9.32808  -0.07746  1.000 33.38371 ? 62  ARG A CA   1 
ATOM   812  C C    . ARG A 1 67  ? -3.92358  -9.11682  0.73564   1.000 33.92454 ? 62  ARG A C    1 
ATOM   813  O O    . ARG A 1 67  ? -4.33840  -9.97494  1.52268   1.000 30.53050 ? 62  ARG A O    1 
ATOM   814  C CB   . ARG A 1 67  ? -2.95967  -9.85284  -1.47562  1.000 35.24861 ? 62  ARG A CB   1 
ATOM   815  C CG   . ARG A 1 67  ? -4.10946  -10.78274 -1.54587  1.000 38.89148 ? 62  ARG A CG   1 
ATOM   816  C CD   . ARG A 1 67  ? -4.08033  -11.60049 -2.83979  1.000 40.65194 ? 62  ARG A CD   1 
ATOM   817  N NE   . ARG A 1 67  ? -5.25796  -12.45875 -2.90343  1.000 40.46855 ? 62  ARG A NE   1 
ATOM   818  C CZ   . ARG A 1 67  ? -5.26186  -13.71044 -3.33272  1.000 39.10946 ? 62  ARG A CZ   1 
ATOM   819  N NH1  . ARG A 1 67  ? -4.15625  -14.29084 -3.77182  1.000 43.61228 ? 62  ARG A NH1  1 
ATOM   820  N NH2  . ARG A 1 67  ? -6.40526  -14.39554 -3.32121  1.000 33.79370 ? 62  ARG A NH2  1 
ATOM   821  H H    . ARG A 1 67  ? -1.63769  -11.00431 0.28629   1.000 41.76447 ? 62  ARG A H    1 
ATOM   822  H HA   . ARG A 1 67  ? -2.20490  -8.47424  -0.21120  1.000 40.08832 ? 62  ARG A HA   1 
ATOM   823  H HB2  . ARG A 1 67  ? -3.16002  -9.09733  -2.05006  1.000 42.32621 ? 62  ARG A HB2  1 
ATOM   824  H HB3  . ARG A 1 67  ? -2.18120  -10.32584 -1.80903  1.000 42.32621 ? 62  ARG A HB3  1 
ATOM   825  H HG2  . ARG A 1 67  ? -4.07479  -11.39597 -0.79510  1.000 46.69765 ? 62  ARG A HG2  1 
ATOM   826  H HG3  . ARG A 1 67  ? -4.93620  -10.27592 -1.52235  1.000 46.69765 ? 62  ARG A HG3  1 
ATOM   827  H HD2  . ARG A 1 67  ? -4.08583  -11.00439 -3.60500  1.000 48.81021 ? 62  ARG A HD2  1 
ATOM   828  H HD3  . ARG A 1 67  ? -3.28611  -12.15705 -2.85852  1.000 48.81021 ? 62  ARG A HD3  1 
ATOM   829  H HE   . ARG A 1 67  ? -6.00668  -12.12600 -2.64209  1.000 48.59014 ? 62  ARG A HE   1 
ATOM   830  H HH11 . ARG A 1 67  ? -3.41586  -13.85344 -3.78200  1.000 52.36261 ? 62  ARG A HH11 1 
ATOM   831  H HH12 . ARG A 1 67  ? -4.17830  -15.10536 -4.04694  1.000 52.36261 ? 62  ARG A HH12 1 
ATOM   832  H HH21 . ARG A 1 67  ? -7.12674  -14.02330 -3.03747  1.000 40.58032 ? 62  ARG A HH21 1 
ATOM   833  H HH22 . ARG A 1 67  ? -6.42145  -15.20978 -3.59751  1.000 40.58032 ? 62  ARG A HH22 1 
ATOM   834  N N    . TRP A 1 68  ? -4.51091  -7.93341  0.59134   1.000 22.41950 ? 63  TRP A N    1 
ATOM   835  C CA   . TRP A 1 68  ? -5.71270  -7.60463  1.33905   1.000 28.59871 ? 63  TRP A CA   1 
ATOM   836  C C    . TRP A 1 68  ? -6.88305  -8.41690  0.83642   1.000 31.00402 ? 63  TRP A C    1 
ATOM   837  O O    . TRP A 1 68  ? -7.03076  -8.65550  -0.36672  1.000 30.90634 ? 63  TRP A O    1 
ATOM   838  C CB   . TRP A 1 68  ? -6.00847  -6.14104  1.18247   1.000 23.90379 ? 63  TRP A CB   1 
ATOM   839  C CG   . TRP A 1 68  ? -7.21604  -5.61906  1.77784   1.000 19.00868 ? 63  TRP A CG   1 
ATOM   840  C CD1  . TRP A 1 68  ? -7.41055  -5.35961  3.08327   1.000 19.12462 ? 63  TRP A CD1  1 
ATOM   841  C CD2  . TRP A 1 68  ? -8.38869  -5.16729  1.08496   1.000 19.77085 ? 63  TRP A CD2  1 
ATOM   842  N NE1  . TRP A 1 68  ? -8.63302  -4.78145  3.26175   1.000 19.28992 ? 63  TRP A NE1  1 
ATOM   843  C CE2  . TRP A 1 68  ? -9.25895  -4.66405  2.04680   1.000 18.94929 ? 63  TRP A CE2  1 
ATOM   844  C CE3  . TRP A 1 68  ? -8.78809  -5.15707  -0.26162  1.000 16.50842 ? 63  TRP A CE3  1 
ATOM   845  C CZ2  . TRP A 1 68  ? -10.51658 -4.13837  1.71763   1.000 17.12685 ? 63  TRP A CZ2  1 
ATOM   846  C CZ3  . TRP A 1 68  ? -10.03182 -4.64675  -0.57507  1.000 18.98315 ? 63  TRP A CZ3  1 
ATOM   847  C CH2  . TRP A 1 68  ? -10.87723 -4.14232  0.40635   1.000 17.56617 ? 63  TRP A CH2  1 
ATOM   848  H H    . TRP A 1 68  ? -4.23350  -7.30861  0.06954   1.000 26.93128 ? 63  TRP A H    1 
ATOM   849  H HA   . TRP A 1 68  ? -5.58428  -7.80423  2.27957   1.000 34.34633 ? 63  TRP A HA   1 
ATOM   850  H HB2  . TRP A 1 68  ? -5.27123  -5.64823  1.57555   1.000 28.71242 ? 63  TRP A HB2  1 
ATOM   851  H HB3  . TRP A 1 68  ? -6.06474  -5.95227  0.23267   1.000 28.71242 ? 63  TRP A HB3  1 
ATOM   852  H HD1  . TRP A 1 68  ? -6.80290  -5.54635  3.76209   1.000 22.97742 ? 63  TRP A HD1  1 
ATOM   853  H HE1  . TRP A 1 68  ? -8.95968  -4.53025  4.01660   1.000 23.17577 ? 63  TRP A HE1  1 
ATOM   854  H HE3  . TRP A 1 68  ? -8.22760  -5.48649  -0.92663  1.000 19.83798 ? 63  TRP A HE3  1 
ATOM   855  H HZ2  . TRP A 1 68  ? -11.08349 -3.79932  2.37227   1.000 20.58009 ? 63  TRP A HZ2  1 
ATOM   856  H HZ3  . TRP A 1 68  ? -10.31027 -4.64027  -1.46239  1.000 22.80765 ? 63  TRP A HZ3  1 
ATOM   857  H HH2  . TRP A 1 68  ? -11.70664 -3.80048  0.16117   1.000 21.10727 ? 63  TRP A HH2  1 
ATOM   858  N N    . GLN A 1 69  ? -7.72445  -8.82845  1.77370   1.000 31.44949 ? 64  GLN A N    1 
ATOM   859  C CA   . GLN A 1 69  ? -8.74356  -9.83152  1.51873   1.000 35.31516 ? 64  GLN A CA   1 
ATOM   860  C C    . GLN A 1 69  ? -10.16755 -9.29873  1.59074   1.000 34.36897 ? 64  GLN A C    1 
ATOM   861  O O    . GLN A 1 69  ? -11.09472 -10.09090 1.79587   1.000 35.98176 ? 64  GLN A O    1 
ATOM   862  C CB   . GLN A 1 69  ? -8.58715  -10.96796 2.52357   1.000 37.82054 ? 64  GLN A CB   1 
ATOM   863  C CG   . GLN A 1 69  ? -8.82312  -12.31671 1.93927   1.000 40.48569 ? 64  GLN A CG   1 
ATOM   864  C CD   . GLN A 1 69  ? -7.69789  -12.70405 1.03790   1.000 36.93296 ? 64  GLN A CD   1 
ATOM   865  O OE1  . GLN A 1 69  ? -7.91764  -12.99154 -0.14161  1.000 38.17452 ? 64  GLN A OE1  1 
ATOM   866  N NE2  . GLN A 1 69  ? -6.47947  -12.73686 1.57905   1.000 44.49418 ? 64  GLN A NE2  1 
ATOM   867  H H    . GLN A 1 69  ? -7.72376  -8.53448  2.58190   1.000 37.76726 ? 64  GLN A H    1 
ATOM   868  H HA   . GLN A 1 69  ? -8.61117  -10.15974 0.61560   1.000 42.40607 ? 64  GLN A HA   1 
ATOM   869  H HB2  . GLN A 1 69  ? -7.68364  -10.95113 2.87611   1.000 45.41252 ? 64  GLN A HB2  1 
ATOM   870  H HB3  . GLN A 1 69  ? -9.22606  -10.83982 3.24208   1.000 45.41252 ? 64  GLN A HB3  1 
ATOM   871  H HG2  . GLN A 1 69  ? -8.88769  -12.97185 2.65167   1.000 48.61071 ? 64  GLN A HG2  1 
ATOM   872  H HG3  . GLN A 1 69  ? -9.64372  -12.30694 1.42216   1.000 48.61071 ? 64  GLN A HG3  1 
ATOM   873  H HE21 . GLN A 1 69  ? -6.37232  -12.54029 2.40939   1.000 53.42089 ? 64  GLN A HE21 1 
ATOM   874  H HE22 . GLN A 1 69  ? -5.80089  -12.95460 1.09768   1.000 53.42089 ? 64  GLN A HE22 1 
ATOM   875  N N    . GLY A 1 70  ? -10.36594 -7.99098  1.42522   1.000 30.47335 ? 65  GLY A N    1 
ATOM   876  C CA   . GLY A 1 70  ? -11.64960 -7.36990  1.68540   1.000 27.87490 ? 65  GLY A CA   1 
ATOM   877  C C    . GLY A 1 70  ? -11.83486 -7.17143  3.17844   1.000 29.07250 ? 65  GLY A C    1 
ATOM   878  O O    . GLY A 1 70  ? -11.10083 -7.70538  3.99723   1.000 31.82859 ? 65  GLY A O    1 
ATOM   879  H H    . GLY A 1 70  ? -9.76100  -7.44051  1.15947   1.000 36.59589 ? 65  GLY A H    1 
ATOM   880  H HA2  . GLY A 1 70  ? -11.69513 -6.50748  1.24376   1.000 33.47775 ? 65  GLY A HA2  1 
ATOM   881  H HA3  . GLY A 1 70  ? -12.36385 -7.93433  1.35046   1.000 33.47775 ? 65  GLY A HA3  1 
ATOM   882  N N    . GLY A 1 71  ? -12.81134 -6.37968  3.56362   1.000 39.04692 ? 66  GLY A N    1 
ATOM   883  C CA   . GLY A 1 71  ? -12.90017 -6.15903  5.00350   1.000 36.38599 ? 66  GLY A CA   1 
ATOM   884  C C    . GLY A 1 71  ? -11.87810 -5.12785  5.46502   1.000 29.70421 ? 66  GLY A C    1 
ATOM   885  O O    . GLY A 1 71  ? -11.48969 -4.27202  4.70490   1.000 24.28705 ? 66  GLY A O    1 
ATOM   886  H H    . GLY A 1 71  ? -13.38946 -5.98816  3.06153   1.000 46.88418 ? 66  GLY A H    1 
ATOM   887  H HA2  . GLY A 1 71  ? -13.78776 -5.84023  5.23033   1.000 43.69107 ? 66  GLY A HA2  1 
ATOM   888  H HA3  . GLY A 1 71  ? -12.73460 -6.99219  5.47182   1.000 43.69107 ? 66  GLY A HA3  1 
ATOM   889  N N    . GLY A 1 72  ? -11.44459 -5.20737  6.72334   1.000 31.41517 ? 67  GLY A N    1 
ATOM   890  C CA   . GLY A 1 72  ? -10.94066 -4.00982  7.38734   1.000 25.00321 ? 67  GLY A CA   1 
ATOM   891  C C    . GLY A 1 72  ? -9.73035  -3.40449  6.68989   1.000 21.28000 ? 67  GLY A C    1 
ATOM   892  O O    . GLY A 1 72  ? -8.84684  -4.11186  6.20238   1.000 23.95570 ? 67  GLY A O    1 
ATOM   893  H H    . GLY A 1 72  ? -11.43208 -5.92241  7.20099   1.000 37.72608 ? 67  GLY A H    1 
ATOM   894  H HA2  . GLY A 1 72  ? -11.64187 -3.34003  7.41158   1.000 30.03173 ? 67  GLY A HA2  1 
ATOM   895  H HA3  . GLY A 1 72  ? -10.68551 -4.23295  8.29619   1.000 30.03173 ? 67  GLY A HA3  1 
ATOM   896  N N    . ILE A 1 73  ? -9.68132  -2.06681  6.67509   1.000 18.49815 ? 68  ILE A N    1 
ATOM   897  C CA   . ILE A 1 73  ? -8.59757  -1.31906  6.03832   1.000 17.62914 ? 68  ILE A CA   1 
ATOM   898  C C    . ILE A 1 73  ? -7.86540  -0.49526  7.08971   1.000 20.55162 ? 68  ILE A C    1 
ATOM   899  O O    . ILE A 1 73  ? -8.35485  0.55227   7.53468   1.000 23.59809 ? 68  ILE A O    1 
ATOM   900  C CB   . ILE A 1 73  ? -9.10531  -0.42231  4.90938   1.000 18.09779 ? 68  ILE A CB   1 
ATOM   901  C CG1  . ILE A 1 73  ? -9.73424  -1.29074  3.84277   1.000 18.05501 ? 68  ILE A CG1  1 
ATOM   902  C CG2  . ILE A 1 73  ? -7.99449  0.38608   4.30860   1.000 18.61900 ? 68  ILE A CG2  1 
ATOM   903  C CD1  . ILE A 1 73  ? -10.57983 -0.51039  2.83290   1.000 20.43314 ? 68  ILE A CD1  1 
ATOM   904  H H    . ILE A 1 73  ? -10.27829 -1.56361  7.03567   1.000 22.22566 ? 68  ILE A H    1 
ATOM   905  H HA   . ILE A 1 73  ? -7.96394  -1.96052  5.68066   1.000 21.18285 ? 68  ILE A HA   1 
ATOM   906  H HB   . ILE A 1 73  ? -9.75850  0.19358   5.27672   1.000 21.74522 ? 68  ILE A HB   1 
ATOM   907  H HG12 . ILE A 1 73  ? -9.02957  -1.74257  3.35268   1.000 21.69389 ? 68  ILE A HG12 1 
ATOM   908  H HG13 . ILE A 1 73  ? -10.31095 -1.94255  4.27109   1.000 21.69389 ? 68  ILE A HG13 1 
ATOM   909  H HG21 . ILE A 1 73  ? -7.79125  1.12992   4.89707   1.000 22.37068 ? 68  ILE A HG21 1 
ATOM   910  H HG22 . ILE A 1 73  ? -7.21233  -0.17852  4.20689   1.000 22.37068 ? 68  ILE A HG22 1 
ATOM   911  H HG23 . ILE A 1 73  ? -8.27804  0.71762   3.44224   1.000 22.37068 ? 68  ILE A HG23 1 
ATOM   912  H HD11 . ILE A 1 73  ? -9.98986  -0.05462  2.21233   1.000 24.54765 ? 68  ILE A HD11 1 
ATOM   913  H HD12 . ILE A 1 73  ? -11.15003 -1.13070  2.35227   1.000 24.54765 ? 68  ILE A HD12 1 
ATOM   914  H HD13 . ILE A 1 73  ? -11.12290 0.13704   3.30915   1.000 24.54765 ? 68  ILE A HD13 1 
ATOM   915  N N    . THR A 1 74  ? -6.67055  -0.94586  7.44284   1.000 18.61253 ? 69  THR A N    1 
ATOM   916  C CA   . THR A 1 74  ? -5.79404  -0.27157  8.38263   1.000 19.50644 ? 69  THR A CA   1 
ATOM   917  C C    . THR A 1 74  ? -4.74340  0.59533   7.70292   1.000 20.19628 ? 69  THR A C    1 
ATOM   918  O O    . THR A 1 74  ? -4.33713  1.62609   8.26250   1.000 18.51505 ? 69  THR A O    1 
ATOM   919  C CB   . THR A 1 74  ? -5.07437  -1.32585  9.24063   1.000 24.57862 ? 69  THR A CB   1 
ATOM   920  O OG1  . THR A 1 74  ? -6.04226  -2.20616  9.84251   1.000 29.47919 ? 69  THR A OG1  1 
ATOM   921  C CG2  . THR A 1 74  ? -4.22648  -0.65479  10.31129  1.000 26.01212 ? 69  THR A CG2  1 
ATOM   922  H H    . THR A 1 74  ? -6.33043  -1.67410  7.13690   1.000 22.36290 ? 69  THR A H    1 
ATOM   923  H HA   . THR A 1 74  ? -6.32206  0.30098   8.96078   1.000 23.43560 ? 69  THR A HA   1 
ATOM   924  H HB   . THR A 1 74  ? -4.48095  -1.85322  8.68328   1.000 29.52221 ? 69  THR A HB   1 
ATOM   925  H HG1  . THR A 1 74  ? -6.62376  -1.75785  10.25052  1.000 35.40291 ? 69  THR A HG1  1 
ATOM   926  H HG21 . THR A 1 74  ? -3.49804  -0.16477  9.89880   1.000 31.24242 ? 69  THR A HG21 1 
ATOM   927  H HG22 . THR A 1 74  ? -4.76955  -0.03744  10.82593  1.000 31.24242 ? 69  THR A HG22 1 
ATOM   928  H HG23 . THR A 1 74  ? -3.85729  -1.32326  10.90941  1.000 31.24242 ? 69  THR A HG23 1 
ATOM   929  N N    . TYR A 1 75  ? -4.30504  0.18840   6.50389   1.000 17.81146 ? 70  TYR A N    1 
ATOM   930  C CA   . TYR A 1 75  ? -3.27393  0.86204   5.72533   1.000 18.15529 ? 70  TYR A CA   1 
ATOM   931  C C    . TYR A 1 75  ? -3.71627  0.85013   4.27594   1.000 17.60956 ? 70  TYR A C    1 
ATOM   932  O O    . TYR A 1 75  ? -4.44908  -0.04615  3.84619   1.000 17.39641 ? 70  TYR A O    1 
ATOM   933  C CB   . TYR A 1 75  ? -1.90510  0.17451   5.84673   1.000 17.55287 ? 70  TYR A CB   1 
ATOM   934  C CG   . TYR A 1 75  ? -1.55472  -0.23923  7.24393   1.000 19.25274 ? 70  TYR A CG   1 
ATOM   935  C CD1  . TYR A 1 75  ? -1.15999  0.68926   8.17928   1.000 20.81050 ? 70  TYR A CD1  1 
ATOM   936  C CD2  . TYR A 1 75  ? -1.64160  -1.55396  7.60948   1.000 23.25614 ? 70  TYR A CD2  1 
ATOM   937  C CE1  . TYR A 1 75  ? -0.86789  0.31162   9.46141   1.000 20.61149 ? 70  TYR A CE1  1 
ATOM   938  C CE2  . TYR A 1 75  ? -1.33195  -1.95392  8.89201   1.000 27.24965 ? 70  TYR A CE2  1 
ATOM   939  C CZ   . TYR A 1 75  ? -0.93190  -1.01160  9.80248   1.000 27.27951 ? 70  TYR A CZ   1 
ATOM   940  O OH   . TYR A 1 75  ? -0.62649  -1.38853  11.08466  1.000 22.57213 ? 70  TYR A OH   1 
ATOM   941  H H    . TYR A 1 75  ? -4.60861  -0.51091  6.10588   1.000 21.40162 ? 70  TYR A H    1 
ATOM   942  H HA   . TYR A 1 75  ? -3.16911  1.77536   6.03477   1.000 21.81422 ? 70  TYR A HA   1 
ATOM   943  H HB2  . TYR A 1 75  ? -1.90721  -0.62282  5.29431   1.000 21.09132 ? 70  TYR A HB2  1 
ATOM   944  H HB3  . TYR A 1 75  ? -1.21996  0.78883   5.53997   1.000 21.09132 ? 70  TYR A HB3  1 
ATOM   945  H HD1  . TYR A 1 75  ? -1.09088  1.58450   7.93707   1.000 25.00047 ? 70  TYR A HD1  1 
ATOM   946  H HD2  . TYR A 1 75  ? -1.91321  -2.18687  6.98454   1.000 27.93524 ? 70  TYR A HD2  1 
ATOM   947  H HE1  . TYR A 1 75  ? -0.62804  0.94858   10.09519  1.000 24.76166 ? 70  TYR A HE1  1 
ATOM   948  H HE2  . TYR A 1 75  ? -1.39367  -2.84941  9.13532   1.000 32.72746 ? 70  TYR A HE2  1 
ATOM   949  H HH   . TYR A 1 75  ? -0.75576  -2.21299  11.18027  1.000 27.11443 ? 70  TYR A HH   1 
ATOM   950  N N    . TYR A 1 76  ? -3.29726  1.86103   3.53467   1.000 15.31488 ? 71  TYR A N    1 
ATOM   951  C CA   . TYR A 1 76  ? -3.58160  1.85135   2.09757   1.000 14.78153 ? 71  TYR A CA   1 
ATOM   952  C C    . TYR A 1 76  ? -2.50760  2.62236   1.36296   1.000 19.26569 ? 71  TYR A C    1 
ATOM   953  O O    . TYR A 1 76  ? -1.77212  3.41315   1.94755   1.000 15.84462 ? 71  TYR A O    1 
ATOM   954  C CB   . TYR A 1 76  ? -4.98058  2.39093   1.77345   1.000 15.87775 ? 71  TYR A CB   1 
ATOM   955  C CG   . TYR A 1 76  ? -5.28155  3.77189   2.22105   1.000 14.79789 ? 71  TYR A CG   1 
ATOM   956  C CD1  . TYR A 1 76  ? -5.75444  3.99450   3.49276   1.000 16.32072 ? 71  TYR A CD1  1 
ATOM   957  C CD2  . TYR A 1 76  ? -5.20245  4.85987   1.35661   1.000 16.65548 ? 71  TYR A CD2  1 
ATOM   958  C CE1  . TYR A 1 76  ? -6.10801  5.26405   3.91999   1.000 19.38327 ? 71  TYR A CE1  1 
ATOM   959  C CE2  . TYR A 1 76  ? -5.56951  6.15582   1.77540   1.000 19.65188 ? 71  TYR A CE2  1 
ATOM   960  C CZ   . TYR A 1 76  ? -6.00193  6.34170   3.05836   1.000 22.71380 ? 71  TYR A CZ   1 
ATOM   961  O OH   . TYR A 1 76  ? -6.35936  7.61294   3.45567   1.000 24.08076 ? 71  TYR A OH   1 
ATOM   962  H H    . TYR A 1 76  ? -2.86111  2.54358   3.82363   1.000 18.40573 ? 71  TYR A H    1 
ATOM   963  H HA   . TYR A 1 76  ? -3.54834  0.93495   1.78133   1.000 17.76571 ? 71  TYR A HA   1 
ATOM   964  H HB2  . TYR A 1 76  ? -5.09333  2.37422   0.81017   1.000 19.08117 ? 71  TYR A HB2  1 
ATOM   965  H HB3  . TYR A 1 76  ? -5.63221  1.80827   2.19390   1.000 19.08117 ? 71  TYR A HB3  1 
ATOM   966  H HD1  . TYR A 1 76  ? -5.83880  3.27732   4.07881   1.000 19.61274 ? 71  TYR A HD1  1 
ATOM   967  H HD2  . TYR A 1 76  ? -4.90182  4.72989   0.48620   1.000 20.01445 ? 71  TYR A HD2  1 
ATOM   968  H HE1  . TYR A 1 76  ? -6.41728  5.39232   4.78763   1.000 23.28780 ? 71  TYR A HE1  1 
ATOM   969  H HE2  . TYR A 1 76  ? -5.51794  6.87382   1.18658   1.000 23.61013 ? 71  TYR A HE2  1 
ATOM   970  H HH   . TYR A 1 76  ? -6.79535  7.57787   4.17280   1.000 28.92478 ? 71  TYR A HH   1 
ATOM   971  N N    . VAL A 1 77  ? -2.44239  2.38749   0.05762   1.000 15.98595 ? 72  VAL A N    1 
ATOM   972  C CA   . VAL A 1 77  ? -1.48684  3.06816   -0.80571  1.000 15.84095 ? 72  VAL A CA   1 
ATOM   973  C C    . VAL A 1 77  ? -2.25469  3.90384   -1.81685  1.000 15.90184 ? 72  VAL A C    1 
ATOM   974  O O    . VAL A 1 77  ? -3.35074  3.52784   -2.24942  1.000 15.49939 ? 72  VAL A O    1 
ATOM   975  C CB   . VAL A 1 77  ? -0.54197  2.06634   -1.49971  1.000 16.36911 ? 72  VAL A CB   1 
ATOM   976  C CG1  . VAL A 1 77  ? -1.33090  1.10148   -2.36547  1.000 19.77663 ? 72  VAL A CG1  1 
ATOM   977  C CG2  . VAL A 1 77  ? 0.52629   2.81040   -2.28219  1.000 16.72592 ? 72  VAL A CG2  1 
ATOM   978  H H    . VAL A 1 77  ? -2.94909  1.82970   -0.35679  1.000 19.21101 ? 72  VAL A H    1 
ATOM   979  H HA   . VAL A 1 77  ? -0.94271  3.67425   -0.27894  1.000 19.03701 ? 72  VAL A HA   1 
ATOM   980  H HB   . VAL A 1 77  ? -0.08491  1.53053   -0.83270  1.000 19.67080 ? 72  VAL A HB   1 
ATOM   981  H HG11 . VAL A 1 77  ? -1.95848  1.60449   -2.90770  1.000 23.75983 ? 72  VAL A HG11 1 
ATOM   982  H HG12 . VAL A 1 77  ? -0.71627  0.61475   -2.93663  1.000 23.75983 ? 72  VAL A HG12 1 
ATOM   983  H HG13 . VAL A 1 77  ? -1.81045  0.48285   -1.79257  1.000 23.75983 ? 72  VAL A HG13 1 
ATOM   984  H HG21 . VAL A 1 77  ? 0.11896   3.22086   -3.06099  1.000 20.09898 ? 72  VAL A HG21 1 
ATOM   985  H HG22 . VAL A 1 77  ? 0.91585   3.49328   -1.71403  1.000 20.09898 ? 72  VAL A HG22 1 
ATOM   986  H HG23 . VAL A 1 77  ? 1.21037   2.18115   -2.55964  1.000 20.09898 ? 72  VAL A HG23 1 
ATOM   987  N N    . GLU A 1 78  ? -1.68331  5.05526   -2.17537  1.000 16.07316 ? 73  GLU A N    1 
ATOM   988  C CA   . GLU A 1 78  ? -2.12813  5.84504   -3.31361  1.000 16.62417 ? 73  GLU A CA   1 
ATOM   989  C C    . GLU A 1 78  ? -0.93361  5.92854   -4.26667  1.000 17.18223 ? 73  GLU A C    1 
ATOM   990  O O    . GLU A 1 78  ? 0.16198   6.31616   -3.85090  1.000 18.24603 ? 73  GLU A O    1 
ATOM   991  C CB   . GLU A 1 78  ? -2.57514  7.23736   -2.87229  1.000 17.70961 ? 73  GLU A CB   1 
ATOM   992  C CG   . GLU A 1 78  ? -3.88223  7.22326   -2.08108  1.000 18.35633 ? 73  GLU A CG   1 
ATOM   993  C CD   . GLU A 1 78  ? -4.35676  8.58355   -1.61289  1.000 27.41789 ? 73  GLU A CD   1 
ATOM   994  O OE1  . GLU A 1 78  ? -3.76740  9.62346   -1.96560  1.000 28.86398 ? 73  GLU A OE1  1 
ATOM   995  O OE2  . GLU A 1 78  ? -5.39657  8.60411   -0.92704  1.000 27.63160 ? 73  GLU A OE2  1 
ATOM   996  H H    . GLU A 1 78  ? -1.01710  5.40538   -1.75922  1.000 19.31566 ? 73  GLU A H    1 
ATOM   997  H HA   . GLU A 1 78  ? -2.88054  5.42790   -3.76168  1.000 19.97688 ? 73  GLU A HA   1 
ATOM   998  H HB2  . GLU A 1 78  ? -1.88780  7.62411   -2.30760  1.000 21.27941 ? 73  GLU A HB2  1 
ATOM   999  H HB3  . GLU A 1 78  ? -2.70757  7.78923   -3.65894  1.000 21.27941 ? 73  GLU A HB3  1 
ATOM   1000 H HG2  . GLU A 1 78  ? -4.57876  6.84959   -2.64333  1.000 22.05546 ? 73  GLU A HG2  1 
ATOM   1001 H HG3  . GLU A 1 78  ? -3.75964  6.67068   -1.29334  1.000 22.05546 ? 73  GLU A HG3  1 
ATOM   1002 N N    . ALA A 1 79  ? -1.12137  5.52386   -5.53468  1.000 15.77830 ? 74  ALA A N    1 
ATOM   1003 C CA   . ALA A 1 79  ? 0.04054   5.33122   -6.40247  1.000 16.27631 ? 74  ALA A CA   1 
ATOM   1004 C C    . ALA A 1 79  ? -0.37861  5.45046   -7.85271  1.000 15.72188 ? 74  ALA A C    1 
ATOM   1005 O O    . ALA A 1 79  ? -1.52536  5.22381   -8.20509  1.000 16.52409 ? 74  ALA A O    1 
ATOM   1006 C CB   . ALA A 1 79  ? 0.70132   3.97545   -6.15046  1.000 17.10268 ? 74  ALA A CB   1 
ATOM   1007 H H    . ALA A 1 79  ? -1.88445  5.36194   -5.89676  1.000 18.96183 ? 74  ALA A H    1 
ATOM   1008 H HA   . ALA A 1 79  ? 0.68349   6.03486   -6.22242  1.000 19.55944 ? 74  ALA A HA   1 
ATOM   1009 H HB1  . ALA A 1 79  ? 0.97658   3.92605   -5.22165  1.000 20.55109 ? 74  ALA A HB1  1 
ATOM   1010 H HB2  . ALA A 1 79  ? 0.06226   3.27184   -6.34394  1.000 20.55109 ? 74  ALA A HB2  1 
ATOM   1011 H HB3  . ALA A 1 79  ? 1.47452   3.88845   -6.72968  1.000 20.55109 ? 74  ALA A HB3  1 
ATOM   1012 N N    . THR A 1 80  ? 0.59023   5.81395   -8.68973  1.000 16.54174 ? 75  THR A N    1 
ATOM   1013 C CA   . THR A 1 80  ? 0.46594   5.67575   -10.13182 1.000 15.53735 ? 75  THR A CA   1 
ATOM   1014 C C    . THR A 1 80  ? 0.98822   4.30049   -10.53675 1.000 15.89637 ? 75  THR A C    1 
ATOM   1015 O O    . THR A 1 80  ? 1.63577   3.59914   -9.76407  1.000 16.57971 ? 75  THR A O    1 
ATOM   1016 C CB   . THR A 1 80  ? 1.21744   6.79800   -10.83190 1.000 19.06995 ? 75  THR A CB   1 
ATOM   1017 O OG1  . THR A 1 80  ? 2.54969   6.81108   -10.34653 1.000 21.24469 ? 75  THR A OG1  1 
ATOM   1018 C CG2  . THR A 1 80  ? 0.60091   8.12920   -10.50505 1.000 22.18321 ? 75  THR A CG2  1 
ATOM   1019 H H    . THR A 1 80  ? 1.34160   6.14899   -8.43914  1.000 19.87796 ? 75  THR A H    1 
ATOM   1020 H HA   . THR A 1 80  ? -0.46060  5.74530   -10.41036 1.000 18.67270 ? 75  THR A HA   1 
ATOM   1021 H HB   . THR A 1 80  ? 1.19066   6.66222   -11.79198 1.000 22.91182 ? 75  THR A HB   1 
ATOM   1022 H HG1  . THR A 1 80  ? 3.01656   7.33961   -10.80293 1.000 25.52150 ? 75  THR A HG1  1 
ATOM   1023 H HG21 . THR A 1 80  ? -0.25363  8.21853   -10.95524 1.000 26.64772 ? 75  THR A HG21 1 
ATOM   1024 H HG22 . THR A 1 80  ? 0.46191   8.20442   -9.54801  1.000 26.64772 ? 75  THR A HG22 1 
ATOM   1025 H HG23 . THR A 1 80  ? 1.18619   8.84615   -10.79545 1.000 26.64772 ? 75  THR A HG23 1 
ATOM   1026 N N    . ARG A 1 81  ? 0.73503   3.93785   -11.79981 1.000 16.69221 ? 76  ARG A N    1 
ATOM   1027 C CA   . ARG A 1 81  ? 0.97992   2.57263   -12.25323 1.000 16.35917 ? 76  ARG A CA   1 
ATOM   1028 C C    . ARG A 1 81  ? 2.44207   2.16602   -12.08792 1.000 16.45863 ? 76  ARG A C    1 
ATOM   1029 O O    . ARG A 1 81  ? 2.75398   1.00404   -11.79455 1.000 20.01886 ? 76  ARG A O    1 
ATOM   1030 C CB   . ARG A 1 81  ? 0.57329   2.45309   -13.72428 1.000 18.41988 ? 76  ARG A CB   1 
ATOM   1031 C CG   . ARG A 1 81  ? 0.88989   1.09603   -14.33426 1.000 19.91331 ? 76  ARG A CG   1 
ATOM   1032 C CD   . ARG A 1 81  ? 0.37421   0.98298   -15.76202 1.000 19.90018 ? 76  ARG A CD   1 
ATOM   1033 N NE   . ARG A 1 81  ? -1.07291  0.83998   -15.78863 1.000 22.38323 ? 76  ARG A NE   1 
ATOM   1034 C CZ   . ARG A 1 81  ? -1.71499  -0.30532  -15.60844 1.000 20.86019 ? 76  ARG A CZ   1 
ATOM   1035 N NH1  . ARG A 1 81  ? -1.07111  -1.44098  -15.38174 1.000 21.03084 ? 76  ARG A NH1  1 
ATOM   1036 N NH2  . ARG A 1 81  ? -3.04149  -0.30248  -15.60421 1.000 21.24404 ? 76  ARG A NH2  1 
ATOM   1037 H H    . ARG A 1 81  ? 0.42362   4.46149   -12.40680 1.000 20.05852 ? 76  ARG A H    1 
ATOM   1038 H HA   . ARG A 1 81  ? 0.44355   1.96803   -11.71688 1.000 19.65887 ? 76  ARG A HA   1 
ATOM   1039 H HB2  . ARG A 1 81  ? -0.38350  2.59528   -13.79663 1.000 22.13173 ? 76  ARG A HB2  1 
ATOM   1040 H HB3  . ARG A 1 81  ? 1.04840   3.12667   -14.23561 1.000 22.13173 ? 76  ARG A HB3  1 
ATOM   1041 H HG2  . ARG A 1 81  ? 1.85127   0.96766   -14.34779 1.000 23.92384 ? 76  ARG A HG2  1 
ATOM   1042 H HG3  . ARG A 1 81  ? 0.46981   0.40091   -13.80395 1.000 23.92384 ? 76  ARG A HG3  1 
ATOM   1043 H HD2  . ARG A 1 81  ? 0.61204   1.78384   -16.25492 1.000 23.90809 ? 76  ARG A HD2  1 
ATOM   1044 H HD3  . ARG A 1 81  ? 0.76689   0.20377   -16.18573 1.000 23.90809 ? 76  ARG A HD3  1 
ATOM   1045 H HE   . ARG A 1 81  ? -1.54335  1.54573   -15.93077 1.000 26.88775 ? 76  ARG A HE   1 
ATOM   1046 H HH11 . ARG A 1 81  ? -0.21180  -1.44876  -15.34812 1.000 25.26489 ? 76  ARG A HH11 1 
ATOM   1047 H HH12 . ARG A 1 81  ? -1.51251  -2.17028  -15.26823 1.000 25.26489 ? 76  ARG A HH12 1 
ATOM   1048 H HH21 . ARG A 1 81  ? -3.47027  0.43440   -15.71717 1.000 25.52073 ? 76  ARG A HH21 1 
ATOM   1049 H HH22 . ARG A 1 81  ? -3.47271  -1.03750  -15.48850 1.000 25.52073 ? 76  ARG A HH22 1 
ATOM   1050 N N    . ASP A 1 82  ? 3.36439   3.10620   -12.31677 1.000 18.71467 ? 77  ASP A N    1 
ATOM   1051 C CA   . ASP A 1 82  ? 4.78783   2.83798   -12.20165 1.000 18.41632 ? 77  ASP A CA   1 
ATOM   1052 C C    . ASP A 1 82  ? 5.38574   3.27871   -10.88307 1.000 17.47302 ? 77  ASP A C    1 
ATOM   1053 O O    . ASP A 1 82  ? 6.61805   3.30683   -10.74731 1.000 21.63864 ? 77  ASP A O    1 
ATOM   1054 C CB   . ASP A 1 82  ? 5.53365   3.52157   -13.34431 1.000 15.37453 ? 77  ASP A CB   1 
ATOM   1055 C CG   . ASP A 1 82  ? 5.38642   5.01691   -13.31713 1.000 19.68956 ? 77  ASP A CG   1 
ATOM   1056 O OD1  . ASP A 1 82  ? 4.76659   5.58497   -12.38414 1.000 19.51802 ? 77  ASP A OD1  1 
ATOM   1057 O OD2  . ASP A 1 82  ? 5.93643   5.66470   -14.23937 1.000 18.50067 ? 77  ASP A OD2  1 
ATOM   1058 H H    . ASP A 1 82  ? 3.18069   3.91543   -12.54263 1.000 22.48548 ? 77  ASP A H    1 
ATOM   1059 H HA   . ASP A 1 82  ? 4.91324   1.87848   -12.26888 1.000 22.12746 ? 77  ASP A HA   1 
ATOM   1060 H HB2  . ASP A 1 82  ? 6.47814   3.31122   -13.27669 1.000 18.47731 ? 77  ASP A HB2  1 
ATOM   1061 H HB3  . ASP A 1 82  ? 5.18184   3.20018   -14.18921 1.000 18.47731 ? 77  ASP A HB3  1 
ATOM   1062 N N    . LYS A 1 83  ? 4.54370   3.60969   -9.91004  1.000 18.94817 ? 78  LYS A N    1 
ATOM   1063 C CA   . LYS A 1 83  ? 4.92215   3.98327   -8.55509  1.000 20.76958 ? 78  LYS A CA   1 
ATOM   1064 C C    . LYS A 1 83  ? 5.75910   5.25634   -8.48861  1.000 18.62743 ? 78  LYS A C    1 
ATOM   1065 O O    . LYS A 1 83  ? 6.29004   5.57705   -7.41969  1.000 21.42382 ? 78  LYS A O    1 
ATOM   1066 C CB   . LYS A 1 83  ? 5.65132   2.81470   -7.86025  1.000 21.64484 ? 78  LYS A CB   1 
ATOM   1067 C CG   . LYS A 1 83  ? 4.82676   1.51525   -7.78042  1.000 25.44401 ? 78  LYS A CG   1 
ATOM   1068 C CD   . LYS A 1 83  ? 4.93412   0.63206   -9.05696  1.000 33.06823 ? 78  LYS A CD   1 
ATOM   1069 C CE   . LYS A 1 83  ? 4.87430   -0.86210  -8.73313  1.000 31.39646 ? 78  LYS A CE   1 
ATOM   1070 N NZ   . LYS A 1 83  ? 5.01576   -1.67689  -9.98752  1.000 40.18922 ? 78  LYS A NZ   1 
ATOM   1071 H H    . LYS A 1 83  ? 3.69103   3.62535   -10.02105 1.000 22.76567 ? 78  LYS A H    1 
ATOM   1072 H HA   . LYS A 1 83  ? 4.11390   4.17753   -8.05520  1.000 24.95137 ? 78  LYS A HA   1 
ATOM   1073 H HB2  . LYS A 1 83  ? 6.46320   2.61843   -8.35345  1.000 26.00168 ? 78  LYS A HB2  1 
ATOM   1074 H HB3  . LYS A 1 83  ? 5.87011   3.08078   -6.95349  1.000 26.00168 ? 78  LYS A HB3  1 
ATOM   1075 H HG2  . LYS A 1 83  ? 5.14235   0.98933   -7.02894  1.000 30.56068 ? 78  LYS A HG2  1 
ATOM   1076 H HG3  . LYS A 1 83  ? 3.89235   1.74398   -7.65618  1.000 30.56068 ? 78  LYS A HG3  1 
ATOM   1077 H HD2  . LYS A 1 83  ? 4.19751   0.84165   -9.65226  1.000 39.70976 ? 78  LYS A HD2  1 
ATOM   1078 H HD3  . LYS A 1 83  ? 5.77892   0.81165   -9.49850  1.000 39.70976 ? 78  LYS A HD3  1 
ATOM   1079 H HE2  . LYS A 1 83  ? 5.59833   -1.09345  -8.13051  1.000 37.70363 ? 78  LYS A HE2  1 
ATOM   1080 H HE3  . LYS A 1 83  ? 4.02095   -1.07188  -8.32240  1.000 37.70363 ? 78  LYS A HE3  1 
ATOM   1081 H HZ1  . LYS A 1 83  ? 4.96084   -2.54409  -9.79502  1.000 48.25493 ? 78  LYS A HZ1  1 
ATOM   1082 H HZ2  . LYS A 1 83  ? 4.36878   -1.46691  -10.56148 1.000 48.25493 ? 78  LYS A HZ2  1 
ATOM   1083 H HZ3  . LYS A 1 83  ? 5.80362   -1.51492  -10.36847 1.000 48.25493 ? 78  LYS A HZ3  1 
ATOM   1084 N N    . ARG A 1 84  ? 5.87497   6.02355   -9.58129  1.000 18.23421 ? 79  ARG A N    1 
ATOM   1085 C CA   . ARG A 1 84  ? 6.60594   7.28090   -9.46851  1.000 20.01453 ? 79  ARG A CA   1 
ATOM   1086 C C    . ARG A 1 84  ? 5.91833   8.21525   -8.47785  1.000 22.33830 ? 79  ARG A C    1 
ATOM   1087 O O    . ARG A 1 84  ? 6.58186   9.04911   -7.85075  1.000 23.92313 ? 79  ARG A O    1 
ATOM   1088 C CB   . ARG A 1 84  ? 6.77235   7.92967   -10.84087 1.000 19.12446 ? 79  ARG A CB   1 
ATOM   1089 C CG   . ARG A 1 84  ? 7.80371   7.23101   -11.73318 1.000 18.37151 ? 79  ARG A CG   1 
ATOM   1090 C CD   . ARG A 1 84  ? 8.07053   8.04334   -13.01141 1.000 18.87076 ? 79  ARG A CD   1 
ATOM   1091 N NE   . ARG A 1 84  ? 6.83779   8.22544   -13.77537 1.000 18.10918 ? 79  ARG A NE   1 
ATOM   1092 C CZ   . ARG A 1 84  ? 6.51158   9.31523   -14.45832 1.000 17.30079 ? 79  ARG A CZ   1 
ATOM   1093 N NH1  . ARG A 1 84  ? 7.35953   10.31790  -14.60355 1.000 22.24729 ? 79  ARG A NH1  1 
ATOM   1094 N NH2  . ARG A 1 84  ? 5.30410   9.40352   -15.01174 1.000 21.35649 ? 79  ARG A NH2  1 
ATOM   1095 H H    . ARG A 1 84  ? 5.55409   5.84379   -10.35868 1.000 21.90893 ? 79  ARG A H    1 
ATOM   1096 H HA   . ARG A 1 84  ? 7.50218   7.10867   -9.13989  1.000 24.04531 ? 79  ARG A HA   1 
ATOM   1097 H HB2  . ARG A 1 84  ? 5.91902   7.90785   -11.30158 1.000 22.97722 ? 79  ARG A HB2  1 
ATOM   1098 H HB3  . ARG A 1 84  ? 7.06007   8.84794   -10.71879 1.000 22.97722 ? 79  ARG A HB3  1 
ATOM   1099 H HG2  . ARG A 1 84  ? 8.63914   7.13797   -11.24912 1.000 22.07368 ? 79  ARG A HG2  1 
ATOM   1100 H HG3  . ARG A 1 84  ? 7.46968   6.35714   -11.98945 1.000 22.07368 ? 79  ARG A HG3  1 
ATOM   1101 H HD2  . ARG A 1 84  ? 8.41770   8.91725   -12.77342 1.000 22.67278 ? 79  ARG A HD2  1 
ATOM   1102 H HD3  . ARG A 1 84  ? 8.71086   7.57206   -13.56710 1.000 22.67278 ? 79  ARG A HD3  1 
ATOM   1103 H HE   . ARG A 1 84  ? 6.27797   7.57265   -13.78281 1.000 21.75889 ? 79  ARG A HE   1 
ATOM   1104 H HH11 . ARG A 1 84  ? 7.12817   11.01546  -15.05020 1.000 26.72462 ? 79  ARG A HH11 1 
ATOM   1105 H HH12 . ARG A 1 84  ? 8.14286   10.27304  -14.25145 1.000 26.72462 ? 79  ARG A HH12 1 
ATOM   1106 H HH21 . ARG A 1 84  ? 4.74308   8.75751   -14.92505 1.000 25.65566 ? 79  ARG A HH21 1 
ATOM   1107 H HH22 . ARG A 1 84  ? 5.08505   10.10658  -15.45597 1.000 25.65566 ? 79  ARG A HH22 1 
ATOM   1108 N N    . HIS A 1 85  ? 4.60184   8.08527   -8.31233  1.000 21.17736 ? 80  HIS A N    1 
ATOM   1109 C CA   . HIS A 1 85  ? 3.90065   8.59065   -7.13888  1.000 20.86402 ? 80  HIS A CA   1 
ATOM   1110 C C    . HIS A 1 85  ? 3.47077   7.40261   -6.29745  1.000 19.89694 ? 80  HIS A C    1 
ATOM   1111 O O    . HIS A 1 85  ? 2.82956   6.48113   -6.79564  1.000 18.24577 ? 80  HIS A O    1 
ATOM   1112 C CB   . HIS A 1 85  ? 2.64952   9.39823   -7.47159  1.000 24.07119 ? 80  HIS A CB   1 
ATOM   1113 C CG   . HIS A 1 85  ? 1.92824   9.86675   -6.24699  1.000 25.47188 ? 80  HIS A CG   1 
ATOM   1114 N ND1  . HIS A 1 85  ? 2.23930   11.04919  -5.60626  1.000 27.63843 ? 80  HIS A ND1  1 
ATOM   1115 C CD2  . HIS A 1 85  ? 0.97608   9.26748   -5.49226  1.000 24.31542 ? 80  HIS A CD2  1 
ATOM   1116 C CE1  . HIS A 1 85  ? 1.48598   11.17042  -4.52518  1.000 31.34591 ? 80  HIS A CE1  1 
ATOM   1117 N NE2  . HIS A 1 85  ? 0.71090   10.10338  -4.43336  1.000 25.54692 ? 80  HIS A NE2  1 
ATOM   1118 H H    . HIS A 1 85  ? 4.08479   7.69890   -8.88065  1.000 25.44070 ? 80  HIS A H    1 
ATOM   1119 H HA   . HIS A 1 85  ? 4.51082   9.17324   -6.66017  1.000 25.06470 ? 80  HIS A HA   1 
ATOM   1120 H HB2  . HIS A 1 85  ? 2.90429   10.17853  -7.98842  1.000 28.91330 ? 80  HIS A HB2  1 
ATOM   1121 H HB3  . HIS A 1 85  ? 2.04194   8.84371   -7.98564  1.000 28.91330 ? 80  HIS A HB3  1 
ATOM   1122 H HD1  . HIS A 1 85  ? 2.82941   11.61727  -5.86828  1.000 33.19399 ? 80  HIS A HD1  1 
ATOM   1123 H HD2  . HIS A 1 85  ? 0.57648   8.44447   -5.65922  1.000 29.20638 ? 80  HIS A HD2  1 
ATOM   1124 H HE1  . HIS A 1 85  ? 1.49948   11.88535  -3.93053  1.000 37.64297 ? 80  HIS A HE1  1 
ATOM   1125 N N    . CYS A 1 86  ? 3.84189   7.42578   -5.02575  1.000 20.42889 ? 81  CYS A N    1 
ATOM   1126 C CA   . CYS A 1 86  ? 3.57595   6.31271   -4.11256  1.000 17.99028 ? 81  CYS A CA   1 
ATOM   1127 C C    . CYS A 1 86  ? 3.62090   6.78485   -2.67497  1.000 19.94489 ? 81  CYS A C    1 
ATOM   1128 O O    . CYS A 1 86  ? 4.71305   6.94071   -2.12634  1.000 22.50617 ? 81  CYS A O    1 
ATOM   1129 C CB   . CYS A 1 86  ? 4.57426   5.17833   -4.27465  1.000 19.20353 ? 81  CYS A CB   1 
ATOM   1130 S SG   . CYS A 1 86  ? 4.05727   3.60745   -3.57635  1.000 22.27772 ? 81  CYS A SG   1 
ATOM   1131 H H    . CYS A 1 86  ? 4.25614   8.08272   -4.65638  1.000 24.54254 ? 81  CYS A H    1 
ATOM   1132 H HA   . CYS A 1 86  ? 2.68004   6.00800   -4.32560  1.000 21.61621 ? 81  CYS A HA   1 
ATOM   1133 H HB2  . CYS A 1 86  ? 4.72904   5.03875   -5.22199  1.000 23.07210 ? 81  CYS A HB2  1 
ATOM   1134 H HB3  . CYS A 1 86  ? 5.40177   5.43291   -3.83727  1.000 23.07210 ? 81  CYS A HB3  1 
ATOM   1135 H HG   . CYS A 1 86  ? 4.84358   2.75962   -3.89712  1.000 26.76114 ? 81  CYS A HG   1 
ATOM   1136 N N    . GLU A 1 87  ? 2.45049   6.88010   -2.06012  1.000 18.15290 ? 82  GLU A N    1 
ATOM   1137 C CA   . GLU A 1 87  ? 2.31868   7.32015   -0.68123  1.000 18.23811 ? 82  GLU A CA   1 
ATOM   1138 C C    . GLU A 1 87  ? 1.49347   6.29603   0.07018   1.000 16.78007 ? 82  GLU A C    1 
ATOM   1139 O O    . GLU A 1 87  ? 0.52266   5.74352   -0.45130  1.000 18.11296 ? 82  GLU A O    1 
ATOM   1140 C CB   . GLU A 1 87  ? 1.67438   8.69405   -0.59434  1.000 21.42616 ? 82  GLU A CB   1 
ATOM   1141 C CG   . GLU A 1 87  ? 2.60398   9.77681   -1.12154  1.000 26.62400 ? 82  GLU A CG   1 
ATOM   1142 C CD   . GLU A 1 87  ? 2.07329   11.16577  -0.90798  1.000 37.94203 ? 82  GLU A CD   1 
ATOM   1143 O OE1  . GLU A 1 87  ? 2.91533   12.08139  -0.78357  1.000 41.95949 ? 82  GLU A OE1  1 
ATOM   1144 O OE2  . GLU A 1 87  ? 0.83287   11.34077  -0.83822  1.000 35.06534 ? 82  GLU A OE2  1 
ATOM   1145 H H    . GLU A 1 87  ? 1.69854   6.69003   -2.43166  1.000 21.81136 ? 82  GLU A H    1 
ATOM   1146 H HA   . GLU A 1 87  ? 3.18955   7.38375   -0.25881  1.000 21.91360 ? 82  GLU A HA   1 
ATOM   1147 H HB2  . GLU A 1 87  ? 0.86272   8.70208   -1.12541  1.000 25.73926 ? 82  GLU A HB2  1 
ATOM   1148 H HB3  . GLU A 1 87  ? 1.46672   8.89316   0.33202   1.000 25.73926 ? 82  GLU A HB3  1 
ATOM   1149 H HG2  . GLU A 1 87  ? 3.45663   9.70961   -0.66399  1.000 31.97668 ? 82  GLU A HG2  1 
ATOM   1150 H HG3  . GLU A 1 87  ? 2.72801   9.64817   -2.07494  1.000 31.97668 ? 82  GLU A HG3  1 
ATOM   1151 N N    . VAL A 1 88  ? 1.86141   6.07689   1.32055   1.000 17.66692 ? 83  VAL A N    1 
ATOM   1152 C CA   . VAL A 1 88  ? 1.20216   5.07983   2.14406   1.000 17.39960 ? 83  VAL A CA   1 
ATOM   1153 C C    . VAL A 1 88  ? 0.57728   5.78891   3.32248   1.000 17.53817 ? 83  VAL A C    1 
ATOM   1154 O O    . VAL A 1 88  ? 1.16625   6.72460   3.87716   1.000 18.41104 ? 83  VAL A O    1 
ATOM   1155 C CB   . VAL A 1 88  ? 2.16658   3.96905   2.61011   1.000 17.13823 ? 83  VAL A CB   1 
ATOM   1156 C CG1  . VAL A 1 88  ? 1.50510   3.08174   3.66584   1.000 18.90702 ? 83  VAL A CG1  1 
ATOM   1157 C CG2  . VAL A 1 88  ? 2.59101   3.15073   1.37805   1.000 18.40805 ? 83  VAL A CG2  1 
ATOM   1158 H H    . VAL A 1 88  ? 2.49723   6.49794   1.71810   1.000 21.22818 ? 83  VAL A H    1 
ATOM   1159 H HA   . VAL A 1 88  ? 0.50074   4.65225   1.62823   1.000 20.90739 ? 83  VAL A HA   1 
ATOM   1160 H HB   . VAL A 1 88  ? 2.95311   4.35654   3.02497   1.000 20.59374 ? 83  VAL A HB   1 
ATOM   1161 H HG11 . VAL A 1 88  ? 0.57056   2.96053   3.43595   1.000 22.71630 ? 83  VAL A HG11 1 
ATOM   1162 H HG12 . VAL A 1 88  ? 1.95546   2.22281   3.68363   1.000 22.71630 ? 83  VAL A HG12 1 
ATOM   1163 H HG13 . VAL A 1 88  ? 1.57955   3.51227   4.53187   1.000 22.71630 ? 83  VAL A HG13 1 
ATOM   1164 H HG21 . VAL A 1 88  ? 1.79674   2.82621   0.92558   1.000 22.11754 ? 83  VAL A HG21 1 
ATOM   1165 H HG22 . VAL A 1 88  ? 3.10216   3.71991   0.78169   1.000 22.11754 ? 83  VAL A HG22 1 
ATOM   1166 H HG23 . VAL A 1 88  ? 3.13543   2.40224   1.66834   1.000 22.11754 ? 83  VAL A HG23 1 
ATOM   1167 N N    . PHE A 1 89  ? -0.64317  5.36592   3.65553   1.000 17.28094 ? 84  PHE A N    1 
ATOM   1168 C CA   . PHE A 1 89  ? -1.45328  5.96093   4.70141   1.000 17.74125 ? 84  PHE A CA   1 
ATOM   1169 C C    . PHE A 1 89  ? -1.95570  4.90689   5.66929   1.000 17.58685 ? 84  PHE A C    1 
ATOM   1170 O O    . PHE A 1 89  ? -2.10485  3.72357   5.34681   1.000 18.20598 ? 84  PHE A O    1 
ATOM   1171 C CB   . PHE A 1 89  ? -2.67870  6.69179   4.13888   1.000 18.67708 ? 84  PHE A CB   1 
ATOM   1172 C CG   . PHE A 1 89  ? -2.33979  7.74590   3.14895   1.000 18.08547 ? 84  PHE A CG   1 
ATOM   1173 C CD1  . PHE A 1 89  ? -2.05566  7.43483   1.82675   1.000 20.98162 ? 84  PHE A CD1  1 
ATOM   1174 C CD2  . PHE A 1 89  ? -2.27763  9.06234   3.54353   1.000 21.87062 ? 84  PHE A CD2  1 
ATOM   1175 C CE1  . PHE A 1 89  ? -1.71296  8.43133   0.92060   1.000 20.99424 ? 84  PHE A CE1  1 
ATOM   1176 C CE2  . PHE A 1 89  ? -1.96322  10.06208  2.63167   1.000 21.15203 ? 84  PHE A CE2  1 
ATOM   1177 C CZ   . PHE A 1 89  ? -1.66878  9.73767   1.32501   1.000 22.45323 ? 84  PHE A CZ   1 
ATOM   1178 H H    . PHE A 1 89  ? -1.03535  4.70554   3.26862   1.000 20.76500 ? 84  PHE A H    1 
ATOM   1179 H HA   . PHE A 1 89  ? -0.88549  6.58501   5.18000   1.000 21.31738 ? 84  PHE A HA   1 
ATOM   1180 H HB2  . PHE A 1 89  ? -3.25337  6.04569   3.69935   1.000 22.44036 ? 84  PHE A HB2  1 
ATOM   1181 H HB3  . PHE A 1 89  ? -3.15399  7.11436   4.87130   1.000 22.44036 ? 84  PHE A HB3  1 
ATOM   1182 H HD1  . PHE A 1 89  ? -2.09501  6.54977   1.54387   1.000 25.20581 ? 84  PHE A HD1  1 
ATOM   1183 H HD2  . PHE A 1 89  ? -2.44792  9.28536   4.43018   1.000 26.27262 ? 84  PHE A HD2  1 
ATOM   1184 H HE1  . PHE A 1 89  ? -1.51369  8.21025   0.03952   1.000 25.22096 ? 84  PHE A HE1  1 
ATOM   1185 H HE2  . PHE A 1 89  ? -1.95140  10.95144  2.90333   1.000 25.41031 ? 84  PHE A HE2  1 
ATOM   1186 H HZ   . PHE A 1 89  ? -1.44050  10.40541  0.71929   1.000 26.97175 ? 84  PHE A HZ   1 
ATOM   1187 N N    . GLY A 1 90  ? -2.24601  5.37762   6.87213   1.000 17.88432 ? 85  GLY A N    1 
ATOM   1188 C CA   . GLY A 1 90  ? -2.92511  4.55724   7.83020   1.000 18.57993 ? 85  GLY A CA   1 
ATOM   1189 C C    . GLY A 1 90  ? -4.21502  5.20374   8.23360   1.000 16.75588 ? 85  GLY A C    1 
ATOM   1190 O O    . GLY A 1 90  ? -4.40332  6.39221   7.98934   1.000 17.72476 ? 85  GLY A O    1 
ATOM   1191 H H    . GLY A 1 90  ? -2.05627  6.16974   7.14806   1.000 21.48906 ? 85  GLY A H    1 
ATOM   1192 H HA2  . GLY A 1 90  ? -3.11428  3.68729   7.44508   1.000 22.32378 ? 85  GLY A HA2  1 
ATOM   1193 H HA3  . GLY A 1 90  ? -2.37031  4.44031   8.61722   1.000 22.32378 ? 85  GLY A HA3  1 
ATOM   1194 N N    . THR A 1 91  ? -5.11939  4.42405   8.84429   1.000 18.12155 ? 86  THR A N    1 
ATOM   1195 C CA   . THR A 1 91  ? -6.42954  4.92329   9.24658   1.000 18.09427 ? 86  THR A CA   1 
ATOM   1196 C C    . THR A 1 91  ? -6.62603  5.02288   10.75554  1.000 19.48548 ? 86  THR A C    1 
ATOM   1197 O O    . THR A 1 91  ? -7.63074  5.59426   11.18923  1.000 21.30092 ? 86  THR A O    1 
ATOM   1198 C CB   . THR A 1 91  ? -7.53782  4.02381   8.69072   1.000 18.10435 ? 86  THR A CB   1 
ATOM   1199 O OG1  . THR A 1 91  ? -7.40543  2.68283   9.17686   1.000 19.14083 ? 86  THR A OG1  1 
ATOM   1200 C CG2  . THR A 1 91  ? -7.48480  3.98356   7.19463   1.000 22.56721 ? 86  THR A CG2  1 
ATOM   1201 H H    . THR A 1 91  ? -4.99031  3.59557   9.03548   1.000 21.77373 ? 86  THR A H    1 
ATOM   1202 H HA   . THR A 1 91  ? -6.52695  5.81242   8.87126   1.000 21.74100 ? 86  THR A HA   1 
ATOM   1203 H HB   . THR A 1 91  ? -8.39033  4.38687   8.97763   1.000 21.75309 ? 86  THR A HB   1 
ATOM   1204 H HG1  . THR A 1 91  ? -7.57885  2.65661   9.99834   1.000 22.99688 ? 86  THR A HG1  1 
ATOM   1205 H HG21 . THR A 1 91  ? -6.73785  3.43736   6.90371   1.000 27.10853 ? 86  THR A HG21 1 
ATOM   1206 H HG22 . THR A 1 91  ? -8.30644  3.60596   6.84358   1.000 27.10853 ? 86  THR A HG22 1 
ATOM   1207 H HG23 . THR A 1 91  ? -7.37487  4.88061   6.84230   1.000 27.10853 ? 86  THR A HG23 1 
ATOM   1208 N N    . ALA A 1 92  ? -5.72453  4.48080   11.56912  1.000 16.81063 ? 87  ALA A N    1 
ATOM   1209 C CA   . ALA A 1 92  ? -5.94792  4.46520   13.00915  1.000 16.52185 ? 87  ALA A CA   1 
ATOM   1210 C C    . ALA A 1 92  ? -5.86940  5.87038   13.57338  1.000 19.13274 ? 87  ALA A C    1 
ATOM   1211 O O    . ALA A 1 92  ? -4.85165  6.55833   13.43786  1.000 21.66864 ? 87  ALA A O    1 
ATOM   1212 C CB   . ALA A 1 92  ? -4.93584  3.56771   13.70816  1.000 21.44770 ? 87  ALA A CB   1 
ATOM   1213 H H    . ALA A 1 92  ? -4.98599  4.12080   11.31500  1.000 20.20063 ? 87  ALA A H    1 
ATOM   1214 H HA   . ALA A 1 92  ? -6.83600  4.11141   13.17359  1.000 19.85409 ? 87  ALA A HA   1 
ATOM   1215 H HB1  . ALA A 1 92  ? -5.09678  3.59516   14.66432  1.000 25.76512 ? 87  ALA A HB1  1 
ATOM   1216 H HB2  . ALA A 1 92  ? -5.03950  2.66039   13.38119  1.000 25.76512 ? 87  ALA A HB2  1 
ATOM   1217 H HB3  . ALA A 1 92  ? -4.04151  3.88917   13.51391  1.000 25.76512 ? 87  ALA A HB3  1 
ATOM   1218 N N    . GLY A 1 93  ? -6.94832  6.27666   14.23323  1.000 17.62085 ? 88  GLY A N    1 
ATOM   1219 C CA   . GLY A 1 93  ? -7.01099  7.58791   14.84021  1.000 21.24701 ? 88  GLY A CA   1 
ATOM   1220 C C    . GLY A 1 93  ? -7.31713  8.71560   13.88672  1.000 23.02047 ? 88  GLY A C    1 
ATOM   1221 O O    . GLY A 1 93  ? -7.22052  9.88465   14.27771  1.000 25.04784 ? 88  GLY A O    1 
ATOM   1222 H H    . GLY A 1 93  ? -7.65894  5.80445   14.34112  1.000 21.17289 ? 88  GLY A H    1 
ATOM   1223 H HA2  . GLY A 1 93  ? -7.70105  7.58165   15.52188  1.000 25.52429 ? 88  GLY A HA2  1 
ATOM   1224 H HA3  . GLY A 1 93  ? -6.15629  7.77771   15.25778  1.000 25.52429 ? 88  GLY A HA3  1 
ATOM   1225 N N    . GLY A 1 94  ? -7.69901  8.40397   12.66933  1.000 19.59633 ? 89  GLY A N    1 
ATOM   1226 C CA   . GLY A 1 94  ? -7.78579  9.37156   11.60086  1.000 19.29867 ? 89  GLY A CA   1 
ATOM   1227 C C    . GLY A 1 94  ? -6.66975  9.14433   10.60745  1.000 19.73545 ? 89  GLY A C    1 
ATOM   1228 O O    . GLY A 1 94  ? -5.56626  8.70631   10.95551  1.000 20.19365 ? 89  GLY A O    1 
ATOM   1229 H H    . GLY A 1 94  ? -7.92174  7.60962   12.42644  1.000 23.54347 ? 89  GLY A H    1 
ATOM   1230 H HA2  . GLY A 1 94  ? -8.63732  9.28477   11.14448  1.000 23.18628 ? 89  GLY A HA2  1 
ATOM   1231 H HA3  . GLY A 1 94  ? -7.71039  10.26919  11.96065  1.000 23.18628 ? 89  GLY A HA3  1 
ATOM   1232 N N    . VAL A 1 95  ? -6.94503  9.49519   9.35424   1.000 16.74229 ? 90  VAL A N    1 
ATOM   1233 C CA   . VAL A 1 95  ? -5.97523  9.22818   8.30152   1.000 17.63265 ? 90  VAL A CA   1 
ATOM   1234 C C    . VAL A 1 95  ? -4.68529  9.98792   8.57602   1.000 19.34697 ? 90  VAL A C    1 
ATOM   1235 O O    . VAL A 1 95  ? -4.67657  11.15486  8.99127   1.000 20.86137 ? 90  VAL A O    1 
ATOM   1236 C CB   . VAL A 1 95  ? -6.53965  9.58278   6.91746   1.000 20.85978 ? 90  VAL A CB   1 
ATOM   1237 C CG1  . VAL A 1 95  ? -5.42040  9.60754   5.85137   1.000 19.00065 ? 90  VAL A CG1  1 
ATOM   1238 C CG2  . VAL A 1 95  ? -7.65856  8.60916   6.58072   1.000 19.62246 ? 90  VAL A CG2  1 
ATOM   1239 H H    . VAL A 1 95  ? -7.66898  9.87985   9.09436   1.000 20.11862 ? 90  VAL A H    1 
ATOM   1240 H HA   . VAL A 1 95  ? -5.78188  8.27765   8.30713   1.000 21.18705 ? 90  VAL A HA   1 
ATOM   1241 H HB   . VAL A 1 95  ? -6.91394  10.47766  6.92155   1.000 25.05961 ? 90  VAL A HB   1 
ATOM   1242 H HG11 . VAL A 1 95  ? -5.82319  9.57086   4.96971   1.000 22.82866 ? 90  VAL A HG11 1 
ATOM   1243 H HG12 . VAL A 1 95  ? -4.91018  10.42682  5.94812   1.000 22.82866 ? 90  VAL A HG12 1 
ATOM   1244 H HG13 . VAL A 1 95  ? -4.84191  8.84012   5.98295   1.000 22.82866 ? 90  VAL A HG13 1 
ATOM   1245 H HG21 . VAL A 1 95  ? -7.98458  8.79953   5.68720   1.000 23.57482 ? 90  VAL A HG21 1 
ATOM   1246 H HG22 . VAL A 1 95  ? -7.31219  7.70398   6.62058   1.000 23.57482 ? 90  VAL A HG22 1 
ATOM   1247 H HG23 . VAL A 1 95  ? -8.37589  8.71749   7.22461   1.000 23.57482 ? 90  VAL A HG23 1 
ATOM   1248 N N    . TYR A 1 96  ? -3.57316  9.32108   8.30821   1.000 17.36534 ? 91  TYR A N    1 
ATOM   1249 C CA   . TYR A 1 96  ? -2.25692  9.90601   8.47651   1.000 18.60570 ? 91  TYR A CA   1 
ATOM   1250 C C    . TYR A 1 96  ? -1.32432  9.33086   7.43138   1.000 17.59072 ? 91  TYR A C    1 
ATOM   1251 O O    . TYR A 1 96  ? -1.52972  8.21943   6.95728   1.000 17.59009 ? 91  TYR A O    1 
ATOM   1252 C CB   . TYR A 1 96  ? -1.71130  9.63542   9.87969   1.000 18.47741 ? 91  TYR A CB   1 
ATOM   1253 C CG   . TYR A 1 96  ? -1.42201  8.17021   10.17482  1.000 19.29307 ? 91  TYR A CG   1 
ATOM   1254 C CD1  . TYR A 1 96  ? -2.40663  7.34032   10.65540  1.000 17.48694 ? 91  TYR A CD1  1 
ATOM   1255 C CD2  . TYR A 1 96  ? -0.15662  7.63019   9.98581   1.000 20.10276 ? 91  TYR A CD2  1 
ATOM   1256 C CE1  . TYR A 1 96  ? -2.15224  6.02205   10.95409  1.000 17.91965 ? 91  TYR A CE1  1 
ATOM   1257 C CE2  . TYR A 1 96  ? 0.09955   6.32541   10.29599  1.000 18.48247 ? 91  TYR A CE2  1 
ATOM   1258 C CZ   . TYR A 1 96  ? -0.90205  5.49604   10.72165  1.000 16.98895 ? 91  TYR A CZ   1 
ATOM   1259 O OH   . TYR A 1 96  ? -0.65388  4.15412   10.99858  1.000 21.71076 ? 91  TYR A OH   1 
ATOM   1260 H H    . TYR A 1 96  ? -3.55554  8.51049   8.02145   1.000 20.86628 ? 91  TYR A H    1 
ATOM   1261 H HA   . TYR A 1 96  ? -2.30328  10.86560  8.34259   1.000 22.35472 ? 91  TYR A HA   1 
ATOM   1262 H HB2  . TYR A 1 96  ? -0.88101  10.12513  9.98776   1.000 22.20077 ? 91  TYR A HB2  1 
ATOM   1263 H HB3  . TYR A 1 96  ? -2.36383  9.94136   10.52892  1.000 22.20077 ? 91  TYR A HB3  1 
ATOM   1264 H HD1  . TYR A 1 96  ? -3.26405  7.67771   10.78143  1.000 21.01220 ? 91  TYR A HD1  1 
ATOM   1265 H HD2  . TYR A 1 96  ? 0.52426   8.16351   9.64396   1.000 24.15118 ? 91  TYR A HD2  1 
ATOM   1266 H HE1  . TYR A 1 96  ? -2.82360  5.48739   11.31232  1.000 21.53145 ? 91  TYR A HE1  1 
ATOM   1267 H HE2  . TYR A 1 96  ? 0.96575   5.99624   10.21695  1.000 22.20684 ? 91  TYR A HE2  1 
ATOM   1268 H HH   . TYR A 1 96  ? -0.74724  3.69487   10.30145  1.000 26.08078 ? 91  TYR A HH   1 
ATOM   1269 N N    . LYS A 1 97  ? -0.27459  10.08386  7.10386   1.000 17.13028 ? 92  LYS A N    1 
ATOM   1270 C CA   . LYS A 1 97  ? 0.74089   9.63697   6.16053   1.000 20.07637 ? 92  LYS A CA   1 
ATOM   1271 C C    . LYS A 1 97  ? 1.84731   8.88190   6.88740   1.000 18.37676 ? 92  LYS A C    1 
ATOM   1272 O O    . LYS A 1 97  ? 2.44266   9.38754   7.85099   1.000 19.35463 ? 92  LYS A O    1 
ATOM   1273 C CB   . LYS A 1 97  ? 1.33594   10.83383  5.41976   1.000 22.25164 ? 92  LYS A CB   1 
ATOM   1274 C CG   . LYS A 1 97  ? 0.53160   11.41202  4.29007   1.000 29.43188 ? 92  LYS A CG   1 
ATOM   1275 C CD   . LYS A 1 97  ? 1.25670   12.58515  3.57317   1.000 46.95444 ? 92  LYS A CD   1 
ATOM   1276 C CE   . LYS A 1 97  ? 1.72269   13.69032  4.53560   1.000 52.49615 ? 92  LYS A CE   1 
ATOM   1277 N NZ   . LYS A 1 97  ? 0.78448   14.86450  4.63656   1.000 58.07176 ? 92  LYS A NZ   1 
ATOM   1278 H H    . LYS A 1 97  ? -0.12872  10.86965  7.42144   1.000 20.58421 ? 92  LYS A H    1 
ATOM   1279 H HA   . LYS A 1 97  ? 0.33377   9.03456   5.51846   1.000 24.11952 ? 92  LYS A HA   1 
ATOM   1280 H HB2  . LYS A 1 97  ? 1.46940   11.54687  6.06370   1.000 26.72984 ? 92  LYS A HB2  1 
ATOM   1281 H HB3  . LYS A 1 97  ? 2.18838   10.55991  5.04664   1.000 26.72984 ? 92  LYS A HB3  1 
ATOM   1282 H HG2  . LYS A 1 97  ? 0.36379   10.71793  3.63357   1.000 35.34612 ? 92  LYS A HG2  1 
ATOM   1283 H HG3  . LYS A 1 97  ? -0.30848  11.74821  4.63954   1.000 35.34612 ? 92  LYS A HG3  1 
ATOM   1284 H HD2  . LYS A 1 97  ? 2.03941   12.23905  3.11656   1.000 56.37321 ? 92  LYS A HD2  1 
ATOM   1285 H HD3  . LYS A 1 97  ? 0.64885   12.98589  2.93221   1.000 56.37321 ? 92  LYS A HD3  1 
ATOM   1286 H HE2  . LYS A 1 97  ? 1.81254   13.31038  5.42355   1.000 63.02325 ? 92  LYS A HE2  1 
ATOM   1287 H HE3  . LYS A 1 97  ? 2.57989   14.02613  4.23012   1.000 63.02325 ? 92  LYS A HE3  1 
ATOM   1288 H HZ1  . LYS A 1 97  ? 1.11067   15.46680  5.20484   1.000 69.71398 ? 92  LYS A HZ1  1 
ATOM   1289 H HZ2  . LYS A 1 97  ? 0.68564   15.24472  3.83795   1.000 69.71398 ? 92  LYS A HZ2  1 
ATOM   1290 H HZ3  . LYS A 1 97  ? -0.01166  14.59381  4.92810   1.000 69.71398 ? 92  LYS A HZ3  1 
ATOM   1291 N N    . CYS A 1 98  ? 2.12104   7.66223   6.42906   1.000 16.74570 ? 93  CYS A N    1 
ATOM   1292 C CA   . CYS A 1 98  ? 3.20306   6.87851   6.99407   1.000 18.46879 ? 93  CYS A CA   1 
ATOM   1293 C C    . CYS A 1 98  ? 4.52412   7.45066   6.52423   1.000 18.29837 ? 93  CYS A C    1 
ATOM   1294 O O    . CYS A 1 98  ? 4.59308   8.15655   5.51863   1.000 20.98994 ? 93  CYS A O    1 
ATOM   1295 C CB   . CYS A 1 98  ? 3.07568   5.41786   6.57664   1.000 17.02904 ? 93  CYS A CB   1 
ATOM   1296 S SG   . CYS A 1 98  ? 1.49766   4.70472   7.10870   1.000 17.09017 ? 93  CYS A SG   1 
ATOM   1297 H H    . CYS A 1 98  ? 1.69370   7.27109   5.79346   1.000 20.12272 ? 93  CYS A H    1 
ATOM   1298 H HA   . CYS A 1 98  ? 3.17503   6.90557   7.96328   1.000 22.19042 ? 93  CYS A HA   1 
ATOM   1299 H HB2  . CYS A 1 98  ? 3.12789   5.35590   5.61003   1.000 20.46272 ? 93  CYS A HB2  1 
ATOM   1300 H HB3  . CYS A 1 98  ? 3.79351   4.90600   6.98114   1.000 20.46272 ? 93  CYS A HB3  1 
ATOM   1301 N N    . THR A 1 99  ? 5.57403   7.13013   7.26335   1.000 19.58064 ? 94  THR A N    1 
ATOM   1302 C CA   . THR A 1 99  ? 6.91241   7.65413   7.00553   1.000 23.41060 ? 94  THR A CA   1 
ATOM   1303 C C    . THR A 1 99  ? 7.71038   6.65476   6.17918   1.000 19.41303 ? 94  THR A C    1 
ATOM   1304 O O    . THR A 1 99  ? 7.89049   5.50735   6.59675   1.000 21.92717 ? 94  THR A O    1 
ATOM   1305 C CB   . THR A 1 99  ? 7.63013   7.93216   8.32153   1.000 23.74737 ? 94  THR A CB   1 
ATOM   1306 O OG1  . THR A 1 99  ? 6.94309   8.98118   9.01570   1.000 28.07707 ? 94  THR A OG1  1 
ATOM   1307 C CG2  . THR A 1 99  ? 9.06083   8.37290   8.05916   1.000 29.26057 ? 94  THR A CG2  1 
ATOM   1308 H H    . THR A 1 99  ? 5.53903   6.59759   7.93772   1.000 23.52464 ? 94  THR A H    1 
ATOM   1309 H HA   . THR A 1 99  ? 6.83930   8.47599   6.49552   1.000 28.12059 ? 94  THR A HA   1 
ATOM   1310 H HB   . THR A 1 99  ? 7.64643   7.12801   8.86372   1.000 28.52471 ? 94  THR A HB   1 
ATOM   1311 H HG1  . THR A 1 99  ? 6.22900   8.68728   9.34628   1.000 33.72035 ? 94  THR A HG1  1 
ATOM   1312 H HG21 . THR A 1 99  ? 9.62816   7.59715   7.92782   1.000 35.14055 ? 94  THR A HG21 1 
ATOM   1313 H HG22 . THR A 1 99  ? 9.09666   8.92734   7.26404   1.000 35.14055 ? 94  THR A HG22 1 
ATOM   1314 H HG23 . THR A 1 99  ? 9.39456   8.88283   8.81380   1.000 35.14055 ? 94  THR A HG23 1 
ATOM   1315 N N    . LEU A 1 100 ? 8.18370   7.08959   5.00807   1.000 24.12652 ? 95  LEU A N    1 
ATOM   1316 C CA   . LEU A 1 100 ? 9.07158   6.24447   4.22231   1.000 24.30299 ? 95  LEU A CA   1 
ATOM   1317 C C    . LEU A 1 100 ? 10.44472  6.22029   4.85682   1.000 22.66978 ? 95  LEU A C    1 
ATOM   1318 O O    . LEU A 1 100 ? 11.04341  7.27207   5.09214   1.000 28.85723 ? 95  LEU A O    1 
ATOM   1319 C CB   . LEU A 1 100 ? 9.18379   6.74221   2.78674   1.000 23.93349 ? 95  LEU A CB   1 
ATOM   1320 C CG   . LEU A 1 100 ? 9.97597   5.81127   1.83667   1.000 26.32039 ? 95  LEU A CG   1 
ATOM   1321 C CD1  . LEU A 1 100 ? 9.61463   4.35229   1.82495   1.000 27.68990 ? 95  LEU A CD1  1 
ATOM   1322 C CD2  . LEU A 1 100 ? 9.88556   6.36645   0.39654   1.000 32.97564 ? 95  LEU A CD2  1 
ATOM   1323 H H    . LEU A 1 100 ? 8.00696   7.85470   4.65738   1.000 28.97970 ? 95  LEU A H    1 
ATOM   1324 H HA   . LEU A 1 100 ? 8.70667   5.34606   4.19802   1.000 29.19147 ? 95  LEU A HA   1 
ATOM   1325 H HB2  . LEU A 1 100 ? 8.28925   6.83743   2.42392   1.000 28.74806 ? 95  LEU A HB2  1 
ATOM   1326 H HB3  . LEU A 1 100 ? 9.63210   7.60235   2.79410   1.000 28.74806 ? 95  LEU A HB3  1 
ATOM   1327 H HG   . LEU A 1 100 ? 10.87921  5.81583   2.19025   1.000 31.61234 ? 95  LEU A HG   1 
ATOM   1328 H HD11 . LEU A 1 100 ? 10.18821  3.88994   1.19397   1.000 33.25575 ? 95  LEU A HD11 1 
ATOM   1329 H HD12 . LEU A 1 100 ? 9.74121   3.98844   2.71516   1.000 33.25575 ? 95  LEU A HD12 1 
ATOM   1330 H HD13 . LEU A 1 100 ? 8.68667   4.25890   1.55832   1.000 33.25575 ? 95  LEU A HD13 1 
ATOM   1331 H HD21 . LEU A 1 100 ? 10.35344  5.76504   -0.20371  1.000 39.59864 ? 95  LEU A HD21 1 
ATOM   1332 H HD22 . LEU A 1 100 ? 8.95212   6.42944   0.14038   1.000 39.59864 ? 95  LEU A HD22 1 
ATOM   1333 H HD23 . LEU A 1 100 ? 10.29574  7.24507   0.37047   1.000 39.59864 ? 95  LEU A HD23 1 
ATOM   1334 N N    . VAL A 1 101 ? 10.94227  5.02430   5.11030   1.000 22.23210 ? 96  VAL A N    1 
ATOM   1335 C CA   . VAL A 1 101 ? 12.26963  4.80891   5.66903   1.000 21.51297 ? 96  VAL A CA   1 
ATOM   1336 C C    . VAL A 1 101 ? 13.08756  4.17578   4.54924   1.000 23.66750 ? 96  VAL A C    1 
ATOM   1337 O O    . VAL A 1 101 ? 12.94866  2.98610   4.26304   1.000 23.76994 ? 96  VAL A O    1 
ATOM   1338 C CB   . VAL A 1 101 ? 12.21993  3.92921   6.92022   1.000 22.57700 ? 96  VAL A CB   1 
ATOM   1339 C CG1  . VAL A 1 101 ? 13.62132  3.76599   7.52091   1.000 26.86167 ? 96  VAL A CG1  1 
ATOM   1340 C CG2  . VAL A 1 101 ? 11.22999  4.53698   7.92437   1.000 25.87820 ? 96  VAL A CG2  1 
ATOM   1341 H H    . VAL A 1 101 ? 10.51583  4.29226   4.96244   1.000 26.70640 ? 96  VAL A H    1 
ATOM   1342 H HA   . VAL A 1 101 ? 12.67890  5.65267   5.91697   1.000 25.84344 ? 96  VAL A HA   1 
ATOM   1343 H HB   . VAL A 1 101 ? 11.91028  3.03874   6.69199   1.000 27.12028 ? 96  VAL A HB   1 
ATOM   1344 H HG11 . VAL A 1 101 ? 13.53995  3.41516   8.42157   1.000 32.26187 ? 96  VAL A HG11 1 
ATOM   1345 H HG12 . VAL A 1 101 ? 14.13092  3.15054   6.97097   1.000 32.26187 ? 96  VAL A HG12 1 
ATOM   1346 H HG13 . VAL A 1 101 ? 14.05893  4.63144   7.54131   1.000 32.26187 ? 96  VAL A HG13 1 
ATOM   1347 H HG21 . VAL A 1 101 ? 11.37145  4.12966   8.79326   1.000 31.08171 ? 96  VAL A HG21 1 
ATOM   1348 H HG22 . VAL A 1 101 ? 11.38239  5.49340   7.97863   1.000 31.08171 ? 96  VAL A HG22 1 
ATOM   1349 H HG23 . VAL A 1 101 ? 10.32532  4.36289   7.62077   1.000 31.08171 ? 96  VAL A HG23 1 
ATOM   1350 N N    . LEU A 1 102 ? 13.92022  4.96380   3.88077   1.000 29.63130 ? 97  LEU A N    1 
ATOM   1351 C CA   . LEU A 1 102 ? 14.77060  4.40063   2.83615   1.000 27.30561 ? 97  LEU A CA   1 
ATOM   1352 C C    . LEU A 1 102 ? 15.97538  3.69043   3.43571   1.000 35.26942 ? 97  LEU A C    1 
ATOM   1353 O O    . LEU A 1 102 ? 16.57121  4.16138   4.40768   1.000 38.09832 ? 97  LEU A O    1 
ATOM   1354 C CB   . LEU A 1 102 ? 15.22938  5.49211   1.87118   1.000 33.29061 ? 97  LEU A CB   1 
ATOM   1355 C CG   . LEU A 1 102 ? 14.10499  6.15807   1.08316   1.000 31.98230 ? 97  LEU A CG   1 
ATOM   1356 C CD1  . LEU A 1 102 ? 14.64499  7.37512   0.32425   1.000 42.29187 ? 97  LEU A CD1  1 
ATOM   1357 C CD2  . LEU A 1 102 ? 13.47786  5.17421   0.11075   1.000 33.95519 ? 97  LEU A CD2  1 
ATOM   1358 H H    . LEU A 1 102 ? 14.01087  5.80933   4.00902   1.000 35.58543 ? 97  LEU A H    1 
ATOM   1359 H HA   . LEU A 1 102 ? 14.26072  3.74662   2.33297   1.000 32.79460 ? 97  LEU A HA   1 
ATOM   1360 H HB2  . LEU A 1 102 ? 15.67980  6.18384   2.38061   1.000 39.97660 ? 97  LEU A HB2  1 
ATOM   1361 H HB3  . LEU A 1 102 ? 15.84291  5.09890   1.23097   1.000 39.97660 ? 97  LEU A HB3  1 
ATOM   1362 H HG   . LEU A 1 102 ? 13.41759  6.45412   1.70020   1.000 38.40663 ? 97  LEU A HG   1 
ATOM   1363 H HD11 . LEU A 1 102 ? 13.91515  7.79788   -0.15483  1.000 50.77811 ? 97  LEU A HD11 1 
ATOM   1364 H HD12 . LEU A 1 102 ? 15.02863  7.99909   0.96016   1.000 50.77811 ? 97  LEU A HD12 1 
ATOM   1365 H HD13 . LEU A 1 102 ? 15.32501  7.08075   -0.30171  1.000 50.77811 ? 97  LEU A HD13 1 
ATOM   1366 H HD21 . LEU A 1 102 ? 12.75405  5.61474   -0.36142  1.000 40.77411 ? 97  LEU A HD21 1 
ATOM   1367 H HD22 . LEU A 1 102 ? 14.15330  4.87957   -0.52002  1.000 40.77411 ? 97  LEU A HD22 1 
ATOM   1368 H HD23 . LEU A 1 102 ? 13.13503  4.41461   0.60712   1.000 40.77411 ? 97  LEU A HD23 1 
ATOM   1369 N N    . ARG A 1 103 ? 16.31209  2.53777   2.86463   1.000 33.63160 ? 98  ARG A N    1 
ATOM   1370 C CA   . ARG A 1 103 ? 17.42427  1.71848   3.33954   1.000 33.46700 ? 98  ARG A CA   1 
ATOM   1371 C C    . ARG A 1 103 ? 18.45503  1.69219   2.22580   1.000 36.20971 ? 98  ARG A C    1 
ATOM   1372 O O    . ARG A 1 103 ? 18.08262  1.70429   1.04486   1.000 38.21654 ? 98  ARG A O    1 
ATOM   1373 C CB   . ARG A 1 103 ? 16.96199  0.31060   3.68832   1.000 31.65025 ? 98  ARG A CB   1 
ATOM   1374 C CG   . ARG A 1 103 ? 16.06042  0.17828   4.92209   1.000 33.07695 ? 98  ARG A CG   1 
ATOM   1375 C CD   . ARG A 1 103 ? 16.72860  0.54697   6.25197   1.000 31.28634 ? 98  ARG A CD   1 
ATOM   1376 N NE   . ARG A 1 103 ? 17.86583  -0.34184  6.47178   1.000 31.06374 ? 98  ARG A NE   1 
ATOM   1377 C CZ   . ARG A 1 103 ? 19.02022  0.02578   7.01403   1.000 30.47185 ? 98  ARG A CZ   1 
ATOM   1378 N NH1  . ARG A 1 103 ? 19.12802  1.13646   7.72281   1.000 33.79487 ? 98  ARG A NH1  1 
ATOM   1379 N NH2  . ARG A 1 103 ? 20.09391  -0.73450  6.83658   1.000 35.14280 ? 98  ARG A NH2  1 
ATOM   1380 H H    . ARG A 1 103 ? 15.90418  2.20074   2.18667   1.000 40.38580 ? 98  ARG A H    1 
ATOM   1381 H HA   . ARG A 1 103 ? 17.81019  2.07586   4.15455   1.000 40.18828 ? 98  ARG A HA   1 
ATOM   1382 H HB2  . ARG A 1 103 ? 16.46488  -0.03992  2.93273   1.000 38.00817 ? 98  ARG A HB2  1 
ATOM   1383 H HB3  . ARG A 1 103 ? 17.74819  -0.23415  3.84967   1.000 38.00817 ? 98  ARG A HB3  1 
ATOM   1384 H HG2  . ARG A 1 103 ? 15.29549  0.76398   4.80921   1.000 39.72022 ? 98  ARG A HG2  1 
ATOM   1385 H HG3  . ARG A 1 103 ? 15.76539  -0.74319  4.99096   1.000 39.72022 ? 98  ARG A HG3  1 
ATOM   1386 H HD2  . ARG A 1 103 ? 17.04518  1.46332   6.22051   1.000 37.57149 ? 98  ARG A HD2  1 
ATOM   1387 H HD3  . ARG A 1 103 ? 16.09755  0.43883   6.98066   1.000 37.57149 ? 98  ARG A HD3  1 
ATOM   1388 H HE   . ARG A 1 103 ? 17.78160  -1.16357  6.23246   1.000 37.30436 ? 98  ARG A HE   1 
ATOM   1389 H HH11 . ARG A 1 103 ? 18.44055  1.63939   7.84127   1.000 40.58172 ? 98  ARG A HH11 1 
ATOM   1390 H HH12 . ARG A 1 103 ? 19.88563  1.35607   8.06544   1.000 40.58172 ? 98  ARG A HH12 1 
ATOM   1391 H HH21 . ARG A 1 103 ? 20.03730  -1.45731  6.37404   1.000 42.19923 ? 98  ARG A HH21 1 
ATOM   1392 H HH22 . ARG A 1 103 ? 20.84607  -0.50423  7.18418   1.000 42.19923 ? 98  ARG A HH22 1 
HETATM 1393 O O    . HOH B 2 .   ? -2.81020  -5.95567  8.13535   1.000 49.18133 ? 101 HOH A O    1 
HETATM 1394 O O    . HOH B 2 .   ? -2.66481  -4.72582  10.77905  1.000 41.94679 ? 102 HOH A O    1 
HETATM 1395 O O    . HOH B 2 .   ? 19.01559  -2.42969  5.80572   1.000 32.66689 ? 103 HOH A O    1 
HETATM 1396 O O    . HOH B 2 .   ? 12.53691  8.36930   6.52916   1.000 34.37904 ? 104 HOH A O    1 
HETATM 1397 O O    . HOH B 2 .   ? -8.20924  -12.58719 -2.43622  1.000 36.99206 ? 105 HOH A O    1 
HETATM 1398 O O    . HOH B 2 .   ? -5.31643  -3.07032  6.03071   1.000 29.62147 ? 106 HOH A O    1 
HETATM 1399 O O    . HOH B 2 .   ? 19.89152  -14.47090 1.48503   1.000 26.46935 ? 107 HOH A O    1 
HETATM 1400 O O    . HOH B 2 .   ? -8.76806  -8.58250  4.45937   1.000 40.37155 ? 108 HOH A O    1 
HETATM 1401 O O    . HOH B 2 .   ? -3.11152  12.88367  10.01083  1.000 45.27528 ? 109 HOH A O    1 
HETATM 1402 O O    . HOH B 2 .   ? 14.73878  1.47207   -1.68895  1.000 47.72367 ? 110 HOH A O    1 
HETATM 1403 O O    . HOH B 2 .   ? -16.36483 -6.90007  -6.12552  1.000 26.63205 ? 111 HOH A O    1 
HETATM 1404 O O    . HOH B 2 .   ? -7.10656  -8.42410  -10.13656 1.000 22.87028 ? 112 HOH A O    1 
HETATM 1405 O O    . HOH B 2 .   ? 0.36898   -8.11159  -6.58969  1.000 32.44768 ? 113 HOH A O    1 
HETATM 1406 O O    . HOH B 2 .   ? 21.94903  -5.41068  2.16976   1.000 25.84804 ? 114 HOH A O    1 
HETATM 1407 O O    . HOH B 2 .   ? 3.66829   6.61887   11.38160  1.000 30.19362 ? 115 HOH A O    1 
HETATM 1408 O O    . HOH B 2 .   ? -7.97012  -6.53317  6.78859   1.000 34.16291 ? 116 HOH A O    1 
HETATM 1409 O O    . HOH B 2 .   ? 4.10829   8.85935   9.83545   1.000 30.33874 ? 117 HOH A O    1 
HETATM 1410 O O    . HOH B 2 .   ? -8.70917  -1.01786  -14.97427 1.000 20.38360 ? 118 HOH A O    1 
HETATM 1411 O O    . HOH B 2 .   ? 0.16005   0.70578   12.54217  1.000 25.42778 ? 119 HOH A O    1 
HETATM 1412 O O    . HOH B 2 .   ? 6.28605   -0.93918  -12.19718 1.000 28.74203 ? 120 HOH A O    1 
HETATM 1413 O O    . HOH B 2 .   ? -10.62705 1.94543   7.46253   1.000 27.98287 ? 121 HOH A O    1 
HETATM 1414 O O    . HOH B 2 .   ? 10.51421  2.02162   12.28779  1.000 35.31237 ? 122 HOH A O    1 
HETATM 1415 O O    . HOH B 2 .   ? -1.13338  10.52757  -2.47062  1.000 29.26114 ? 123 HOH A O    1 
HETATM 1416 O O    . HOH B 2 .   ? 5.31795   -7.47659  7.67770   1.000 45.86181 ? 124 HOH A O    1 
HETATM 1417 O O    . HOH B 2 .   ? -6.01887  -7.77865  -2.70183  1.000 38.62625 ? 125 HOH A O    1 
HETATM 1418 O O    . HOH B 2 .   ? 0.63326   -6.42161  -1.00011  1.000 23.76341 ? 126 HOH A O    1 
HETATM 1419 O O    . HOH B 2 .   ? -7.66409  7.85198   -15.70048 1.000 32.19671 ? 127 HOH A O    1 
HETATM 1420 O O    . HOH B 2 .   ? -0.92731  5.58513   -13.43633 1.000 21.77095 ? 128 HOH A O    1 
HETATM 1421 O O    . HOH B 2 .   ? 1.70384   -8.99427  -1.07183  1.000 33.00398 ? 129 HOH A O    1 
HETATM 1422 O O    . HOH B 2 .   ? -8.15373  -6.55487  -15.08901 1.000 43.11981 ? 130 HOH A O    1 
HETATM 1423 O O    . HOH B 2 .   ? -7.44341  1.78797   11.74152  1.000 38.12346 ? 131 HOH A O    1 
HETATM 1424 O O    . HOH B 2 .   ? -12.91339 7.19015   -6.74355  1.000 27.01848 ? 132 HOH A O    1 
HETATM 1425 O O    . HOH B 2 .   ? 5.19446   -6.03796  8.85098   1.000 36.57257 ? 133 HOH A O    1 
HETATM 1426 O O    . HOH B 2 .   ? 10.21757  -10.82371 4.43298   1.000 47.88361 ? 134 HOH A O    1 
HETATM 1427 O O    . HOH B 2 .   ? -15.70032 -8.71847  0.32509   1.000 36.41091 ? 135 HOH A O    1 
HETATM 1428 O O    . HOH B 2 .   ? -3.08221  -5.47511  -0.56864  1.000 26.94699 ? 136 HOH A O    1 
HETATM 1429 O O    . HOH B 2 .   ? 8.01977   1.13049   -11.64798 1.000 22.54335 ? 137 HOH A O    1 
HETATM 1430 O O    . HOH B 2 .   ? -10.91995 -6.72915  -11.82767 1.000 22.61153 ? 138 HOH A O    1 
HETATM 1431 O O    . HOH B 2 .   ? 7.94977   4.44608   -5.53611  1.000 38.98068 ? 139 HOH A O    1 
HETATM 1432 O O    . HOH B 2 .   ? 3.32642   7.62262   -13.63025 1.000 26.00660 ? 140 HOH A O    1 
HETATM 1433 O O    . HOH B 2 .   ? -5.68001  -8.97593  -13.95074 0.50  32.33119 ? 141 HOH A O    1 
HETATM 1434 O O    . HOH B 2 .   ? -4.36307  2.09717   -16.01973 1.000 27.53386 ? 142 HOH A O    1 
HETATM 1435 O O    . HOH B 2 .   ? 0.45463   1.14598   15.41058  1.000 20.02943 ? 143 HOH A O    1 
HETATM 1436 O O    . HOH B 2 .   ? 14.94432  -8.64560  4.34303   1.000 34.23554 ? 144 HOH A O    1 
HETATM 1437 O O    . HOH B 2 .   ? 22.20001  0.34822   8.31923   1.000 35.13438 ? 145 HOH A O    1 
HETATM 1438 O O    . HOH B 2 .   ? -1.00511  -6.13708  1.14127   1.000 28.00718 ? 146 HOH A O    1 
HETATM 1439 O O    . HOH B 2 .   ? 6.35118   -7.18044  -4.83243  1.000 36.69488 ? 147 HOH A O    1 
HETATM 1440 O O    . HOH B 2 .   ? -7.50194  2.91864   -16.55663 1.000 23.06794 ? 148 HOH A O    1 
HETATM 1441 O O    . HOH B 2 .   ? 7.59289   9.71275   4.13006   1.000 33.75257 ? 149 HOH A O    1 
HETATM 1442 O O    . HOH B 2 .   ? -4.03872  9.67709   13.13166  1.000 24.91350 ? 150 HOH A O    1 
HETATM 1443 O O    . HOH B 2 .   ? -2.04267  -3.88385  -16.49493 1.000 23.85777 ? 151 HOH A O    1 
HETATM 1444 O O    . HOH B 2 .   ? -6.58000  -2.92586  -15.00056 1.000 25.07412 ? 152 HOH A O    1 
HETATM 1445 O O    . HOH B 2 .   ? 14.72628  7.38392   5.21823   1.000 36.93853 ? 153 HOH A O    1 
HETATM 1446 O O    . HOH B 2 .   ? 4.73416   -5.78970  4.82835   1.000 25.13239 ? 154 HOH A O    1 
HETATM 1447 O O    . HOH B 2 .   ? -3.42318  2.67389   10.82894  1.000 20.86413 ? 155 HOH A O    1 
HETATM 1448 O O    . HOH B 2 .   ? 8.18470   8.59652   11.64478  1.000 42.44177 ? 156 HOH A O    1 
HETATM 1449 O O    . HOH B 2 .   ? -0.21560  12.81550  8.17595   1.000 28.32971 ? 157 HOH A O    1 
HETATM 1450 O O    . HOH B 2 .   ? -6.29446  9.97581   -10.81904 1.000 31.68492 ? 158 HOH A O    1 
HETATM 1451 O O    . HOH B 2 .   ? 13.43323  -1.92845  -1.73247  1.000 47.75627 ? 159 HOH A O    1 
HETATM 1452 O O    . HOH B 2 .   ? 3.81823   7.90592   2.67282   1.000 29.70741 ? 160 HOH A O    1 
HETATM 1453 O O    . HOH B 2 .   ? 0.09461   -3.41447  -12.54382 1.000 24.54470 ? 161 HOH A O    1 
HETATM 1454 O O    . HOH B 2 .   ? -1.96934  8.05768   17.34915  1.000 28.31777 ? 162 HOH A O    1 
HETATM 1455 O O    . HOH B 2 .   ? 5.53814   9.74785   -4.13751  1.000 31.69376 ? 163 HOH A O    1 
HETATM 1456 O O    . HOH B 2 .   ? -10.92090 7.54791   -3.55970  1.000 36.36421 ? 164 HOH A O    1 
HETATM 1457 O O    . HOH B 2 .   ? -2.01354  3.75994   -15.72117 1.000 23.24103 ? 165 HOH A O    1 
HETATM 1458 O O    . HOH B 2 .   ? 1.85243   -2.30987  -15.83211 1.000 22.37870 ? 166 HOH A O    1 
HETATM 1459 O O    . HOH B 2 .   ? -6.88364  -9.83494  -3.45898  1.000 35.90998 ? 167 HOH A O    1 
HETATM 1460 O O    . HOH B 2 .   ? -4.76684  -9.25860  -10.90243 1.000 35.48974 ? 168 HOH A O    1 
HETATM 1461 O O    . HOH B 2 .   ? 15.35714  -1.71187  -0.42826  1.000 41.02207 ? 169 HOH A O    1 
HETATM 1462 O O    . HOH B 2 .   ? 5.20212   -8.49914  9.40672   1.000 43.58888 ? 170 HOH A O    1 
HETATM 1463 O O    . HOH B 2 .   ? -5.66820  -10.68795 -5.69312  1.000 31.11454 ? 171 HOH A O    1 
HETATM 1464 O O    . HOH B 2 .   ? -6.40115  -5.46362  -16.36887 1.000 40.67556 ? 172 HOH A O    1 
HETATM 1465 O O    . HOH B 2 .   ? 1.64910   -5.42683  -13.70830 1.000 35.38928 ? 173 HOH A O    1 
HETATM 1466 O O    . HOH B 2 .   ? 17.06516  -20.44306 3.48084   1.000 32.41319 ? 174 HOH A O    1 
HETATM 1467 O O    . HOH B 2 .   ? -1.45550  -6.89541  -2.77766  1.000 26.43518 ? 175 HOH A O    1 
HETATM 1468 O O    . HOH B 2 .   ? 4.50295   -9.20910  -1.41739  1.000 43.99513 ? 176 HOH A O    1 
HETATM 1469 O O    . HOH B 2 .   ? -1.03598  -9.14711  -4.78947  1.000 30.27086 ? 177 HOH A O    1 
HETATM 1470 O O    . HOH B 2 .   ? 6.04821   -9.43489  -3.99894  1.000 46.57816 ? 178 HOH A O    1 
HETATM 1471 O O    . HOH B 2 .   ? 17.16771  3.20815   -2.64585  0.50  42.47716 ? 179 HOH A O    1 
HETATM 1472 O O    . HOH B 2 .   ? 0.76027   -4.98057  -16.48435 1.000 25.64562 ? 180 HOH A O    1 
HETATM 1473 O O    . HOH B 2 .   ? -3.94244  -6.00154  -16.58976 1.000 30.04638 ? 181 HOH A O    1 
HETATM 1474 O O    . HOH B 2 .   ? 11.08537  11.15835  3.58094   1.000 51.33305 ? 182 HOH A O    1 
HETATM 1475 O O    . HOH B 2 .   ? 8.52471   5.23346   -3.24721  1.000 43.60457 ? 183 HOH A O    1 
HETATM 1476 O O    . HOH B 2 .   ? -2.65115  -10.80286 -5.97272  1.000 32.68383 ? 184 HOH A O    1 
HETATM 1477 O O    . HOH B 2 .   ? 0.60853   -10.43460 -3.06389  1.000 33.06341 ? 185 HOH A O    1 
HETATM 1478 O O    . HOH B 2 .   ? 9.41669   11.56223  4.93303   1.000 51.14762 ? 186 HOH A O    1 
HETATM 1479 O O    . HOH B 2 .   ? -4.79705  16.39316  -8.90687  1.000 43.56575 ? 187 HOH A O    1 
HETATM 1480 O O    . HOH B 2 .   ? 12.29086  9.99486   -0.46593  1.000 33.52943 ? 188 HOH A O    1 
# 
